data_9NST
#
_entry.id   9NST
#
_cell.length_a   95.569
_cell.length_b   95.569
_cell.length_c   193.651
_cell.angle_alpha   90.000
_cell.angle_beta   90.000
_cell.angle_gamma   120.000
#
_symmetry.space_group_name_H-M   'P 32'
#
loop_
_entity.id
_entity.type
_entity.pdbx_description
1 polymer Pictet-Spenglerase
2 non-polymer '(1~{S},3~{S})-1-(3-hydroxy-3-oxopropyl)-2,3,4,9-tetrahydropyrido[3,4-b]indole-1,3-dicarboxylic acid'
#
_entity_poly.entity_id   1
_entity_poly.type   'polypeptide(L)'
_entity_poly.pdbx_seq_one_letter_code
;MSALPELRELIASFVSEEPPEIRRIRTGTVPDLPGSYGQYFTAWDFSNSIVRDYAMNLYQLTRLATDESVSVENLLTVFR
TLDPIYSTFLGYNGFPVLAEYAQRVGQPAESRAELLDRLTTFTEYVNRLTAWSHHYFPWDLGGERYRYAAEEVAAQAAEA
AAASPSVDSVDSLGDPSQRIPVRLTWQPLGVQVDAEIYADLNPQLATDVLKALPFTVLQDHAVVSGESMYAWAPLVSVAP
TPVRERICDAPVGRLRFSQATGNKVIVQYGPTTETLSSPVLGKVVDSHADRLAEVGKAVWESTFSSKEPVWLTVERL
;
_entity_poly.pdbx_strand_id   A,B,C,D,E,F
#
loop_
_chem_comp.id
_chem_comp.type
_chem_comp.name
_chem_comp.formula
A1L46 non-polymer '(1~{S},3~{S})-1-(3-hydroxy-3-oxopropyl)-2,3,4,9-tetrahydropyrido[3,4-b]indole-1,3-dicarboxylic acid' 'C16 H16 N2 O6'
#
# COMPACT_ATOMS: atom_id res chain seq x y z
N MET A 1 60.41 -11.51 -9.96
CA MET A 1 59.67 -12.77 -9.95
C MET A 1 58.21 -12.55 -9.59
N SER A 2 57.58 -13.59 -9.04
CA SER A 2 56.19 -13.54 -8.62
C SER A 2 56.10 -14.01 -7.17
N ALA A 3 55.30 -13.30 -6.37
CA ALA A 3 55.22 -13.62 -4.94
C ALA A 3 54.48 -14.92 -4.69
N LEU A 4 53.52 -15.28 -5.54
CA LEU A 4 52.73 -16.50 -5.39
C LEU A 4 52.82 -17.28 -6.70
N PRO A 5 53.84 -18.13 -6.85
CA PRO A 5 54.04 -18.81 -8.14
C PRO A 5 53.00 -19.89 -8.43
N GLU A 6 52.53 -20.60 -7.41
CA GLU A 6 51.59 -21.68 -7.64
C GLU A 6 50.27 -21.17 -8.19
N LEU A 7 49.91 -19.92 -7.87
CA LEU A 7 48.72 -19.32 -8.46
C LEU A 7 48.86 -19.16 -9.96
N ARG A 8 50.05 -18.75 -10.43
CA ARG A 8 50.23 -18.48 -11.84
C ARG A 8 50.02 -19.73 -12.69
N GLU A 9 50.51 -20.88 -12.21
CA GLU A 9 50.25 -22.13 -12.91
C GLU A 9 48.77 -22.45 -12.94
N LEU A 10 48.03 -22.06 -11.91
CA LEU A 10 46.59 -22.27 -11.89
C LEU A 10 45.87 -21.29 -12.80
N ILE A 11 46.30 -20.02 -12.79
CA ILE A 11 45.64 -19.00 -13.61
C ILE A 11 45.67 -19.37 -15.08
N ALA A 12 46.84 -19.81 -15.57
CA ALA A 12 46.96 -20.20 -16.97
C ALA A 12 46.10 -21.42 -17.29
N SER A 13 45.98 -22.35 -16.33
CA SER A 13 45.17 -23.54 -16.57
C SER A 13 43.68 -23.21 -16.60
N PHE A 14 43.26 -22.20 -15.85
CA PHE A 14 41.84 -21.92 -15.70
C PHE A 14 41.26 -21.10 -16.85
N VAL A 15 42.08 -20.39 -17.61
CA VAL A 15 41.57 -19.74 -18.82
C VAL A 15 41.18 -20.80 -19.85
N SER A 16 41.78 -21.97 -19.78
CA SER A 16 41.49 -23.07 -20.70
C SER A 16 40.46 -24.06 -20.15
N GLU A 17 40.56 -24.41 -18.87
CA GLU A 17 39.78 -25.48 -18.29
C GLU A 17 38.87 -24.95 -17.19
N GLU A 18 37.81 -25.69 -16.93
CA GLU A 18 36.91 -25.37 -15.83
C GLU A 18 37.62 -25.57 -14.51
N PRO A 19 37.60 -24.60 -13.60
CA PRO A 19 38.21 -24.80 -12.29
C PRO A 19 37.53 -25.93 -11.56
N PRO A 20 38.27 -26.69 -10.75
CA PRO A 20 37.64 -27.80 -10.02
C PRO A 20 36.57 -27.34 -9.06
N GLU A 21 36.73 -26.14 -8.48
CA GLU A 21 35.77 -25.64 -7.51
C GLU A 21 34.46 -25.24 -8.17
N ILE A 22 34.53 -24.67 -9.38
CA ILE A 22 33.31 -24.31 -10.09
C ILE A 22 32.48 -25.55 -10.40
N ARG A 23 33.13 -26.68 -10.67
CA ARG A 23 32.40 -27.92 -10.92
C ARG A 23 31.74 -28.44 -9.66
N ARG A 24 32.50 -28.54 -8.56
CA ARG A 24 31.96 -29.13 -7.35
C ARG A 24 30.80 -28.31 -6.78
N ILE A 25 30.80 -27.00 -7.04
CA ILE A 25 29.68 -26.18 -6.62
C ILE A 25 28.48 -26.38 -7.54
N ARG A 26 28.72 -26.39 -8.85
CA ARG A 26 27.62 -26.57 -9.79
C ARG A 26 27.10 -28.00 -9.79
N THR A 27 27.94 -28.97 -9.42
CA THR A 27 27.52 -30.35 -9.29
C THR A 27 27.08 -30.69 -7.87
N GLY A 28 27.17 -29.74 -6.94
CA GLY A 28 26.71 -29.99 -5.58
C GLY A 28 27.56 -31.00 -4.84
N THR A 29 28.86 -31.02 -5.09
CA THR A 29 29.78 -31.95 -4.45
C THR A 29 30.78 -31.24 -3.55
N VAL A 30 30.39 -30.12 -2.97
CA VAL A 30 31.24 -29.42 -2.00
C VAL A 30 31.33 -30.25 -0.72
N PRO A 31 32.53 -30.42 -0.14
CA PRO A 31 32.65 -31.38 0.98
C PRO A 31 31.78 -31.09 2.18
N ASP A 32 31.83 -29.88 2.73
CA ASP A 32 31.11 -29.56 3.97
C ASP A 32 29.58 -29.54 3.82
N LEU A 33 29.06 -29.89 2.65
CA LEU A 33 27.62 -29.85 2.36
C LEU A 33 27.00 -28.48 2.69
N PRO A 34 27.42 -27.42 2.00
CA PRO A 34 26.76 -26.12 2.20
C PRO A 34 25.39 -26.10 1.54
N GLY A 35 24.43 -25.49 2.23
CA GLY A 35 23.07 -25.41 1.72
C GLY A 35 22.07 -26.04 2.65
N SER A 36 21.08 -25.25 3.07
CA SER A 36 20.13 -25.70 4.08
C SER A 36 19.10 -26.65 3.48
N TYR A 37 18.76 -27.69 4.25
CA TYR A 37 17.65 -28.61 3.93
C TYR A 37 17.87 -29.32 2.60
N GLY A 38 19.06 -29.91 2.46
CA GLY A 38 19.37 -30.76 1.32
C GLY A 38 19.24 -30.09 -0.03
N GLN A 39 19.80 -28.90 -0.18
CA GLN A 39 19.87 -28.23 -1.48
C GLN A 39 21.16 -27.42 -1.52
N TYR A 40 21.57 -27.03 -2.72
CA TYR A 40 22.82 -26.29 -2.87
C TYR A 40 22.71 -25.05 -3.74
N PHE A 41 21.49 -24.64 -4.12
CA PHE A 41 21.36 -23.40 -4.87
C PHE A 41 21.54 -22.18 -3.97
N THR A 42 21.09 -22.27 -2.72
CA THR A 42 21.34 -21.19 -1.77
C THR A 42 22.84 -21.00 -1.54
N ALA A 43 23.56 -22.10 -1.37
CA ALA A 43 25.02 -22.02 -1.32
C ALA A 43 25.59 -21.55 -2.64
N TRP A 44 24.94 -21.90 -3.75
CA TRP A 44 25.40 -21.48 -5.07
C TRP A 44 25.26 -19.98 -5.26
N ASP A 45 24.11 -19.42 -4.83
CA ASP A 45 23.93 -17.98 -4.91
C ASP A 45 25.02 -17.24 -4.14
N PHE A 46 25.36 -17.73 -2.95
CA PHE A 46 26.42 -17.09 -2.17
C PHE A 46 27.78 -17.31 -2.82
N SER A 47 28.08 -18.56 -3.19
CA SER A 47 29.39 -18.87 -3.77
C SER A 47 29.65 -18.05 -5.03
N ASN A 48 28.63 -17.86 -5.86
CA ASN A 48 28.79 -17.00 -7.03
C ASN A 48 28.88 -15.54 -6.63
N SER A 49 28.07 -15.12 -5.65
CA SER A 49 28.03 -13.71 -5.26
C SER A 49 29.33 -13.27 -4.62
N ILE A 50 29.75 -13.96 -3.56
CA ILE A 50 30.90 -13.51 -2.78
C ILE A 50 32.14 -13.43 -3.65
N VAL A 51 32.37 -14.45 -4.49
CA VAL A 51 33.60 -14.50 -5.27
C VAL A 51 33.69 -13.33 -6.25
N ARG A 52 32.56 -12.82 -6.72
CA ARG A 52 32.58 -11.63 -7.55
C ARG A 52 32.87 -10.38 -6.72
N ASP A 53 32.19 -10.25 -5.58
CA ASP A 53 32.38 -9.09 -4.73
C ASP A 53 33.73 -9.14 -4.01
N TYR A 54 34.15 -10.35 -3.61
CA TYR A 54 35.49 -10.50 -3.05
C TYR A 54 36.55 -10.07 -4.06
N ALA A 55 36.38 -10.43 -5.33
CA ALA A 55 37.33 -10.02 -6.35
C ALA A 55 37.35 -8.50 -6.53
N MET A 56 36.17 -7.88 -6.51
CA MET A 56 36.11 -6.42 -6.64
C MET A 56 36.74 -5.73 -5.45
N ASN A 57 36.60 -6.32 -4.25
CA ASN A 57 37.31 -5.80 -3.09
C ASN A 57 38.82 -5.91 -3.27
N LEU A 58 39.29 -7.04 -3.78
CA LEU A 58 40.72 -7.26 -3.95
C LEU A 58 41.33 -6.24 -4.90
N TYR A 59 40.61 -5.88 -5.96
CA TYR A 59 41.14 -4.92 -6.92
C TYR A 59 41.31 -3.55 -6.27
N GLN A 60 40.29 -3.09 -5.54
CA GLN A 60 40.39 -1.79 -4.89
C GLN A 60 41.43 -1.79 -3.79
N LEU A 61 41.71 -2.96 -3.19
CA LEU A 61 42.85 -3.06 -2.29
C LEU A 61 44.15 -3.04 -3.07
N THR A 62 44.17 -3.71 -4.22
CA THR A 62 45.35 -3.66 -5.09
C THR A 62 45.60 -2.24 -5.59
N ARG A 63 44.52 -1.49 -5.85
CA ARG A 63 44.66 -0.11 -6.28
C ARG A 63 45.36 0.73 -5.21
N LEU A 64 45.03 0.49 -3.94
CA LEU A 64 45.63 1.26 -2.86
C LEU A 64 47.10 0.90 -2.64
N ALA A 65 47.54 -0.29 -3.05
CA ALA A 65 48.96 -0.62 -3.01
C ALA A 65 49.77 0.26 -3.95
N THR A 66 49.16 0.77 -5.02
CA THR A 66 49.82 1.79 -5.83
C THR A 66 49.92 3.12 -5.10
N ASP A 67 49.03 3.36 -4.13
CA ASP A 67 49.01 4.62 -3.41
C ASP A 67 50.09 4.63 -2.33
N GLU A 68 50.93 5.66 -2.34
CA GLU A 68 51.91 5.87 -1.29
C GLU A 68 51.38 6.75 -0.16
N SER A 69 50.17 7.31 -0.32
CA SER A 69 49.54 8.03 0.78
C SER A 69 49.19 7.08 1.92
N VAL A 70 48.78 5.85 1.58
CA VAL A 70 48.47 4.83 2.57
C VAL A 70 49.71 3.95 2.73
N SER A 71 50.17 3.80 3.98
CA SER A 71 51.39 3.06 4.24
C SER A 71 51.23 1.59 3.89
N VAL A 72 52.37 0.87 3.88
CA VAL A 72 52.34 -0.55 3.56
C VAL A 72 51.66 -1.33 4.67
N GLU A 73 51.96 -0.99 5.93
CA GLU A 73 51.39 -1.72 7.06
C GLU A 73 49.92 -1.38 7.29
N ASN A 74 49.56 -0.10 7.15
CA ASN A 74 48.16 0.27 7.27
C ASN A 74 47.31 -0.43 6.22
N LEU A 75 47.87 -0.64 5.03
CA LEU A 75 47.16 -1.39 4.00
C LEU A 75 46.94 -2.84 4.41
N LEU A 76 47.96 -3.46 5.01
CA LEU A 76 47.78 -4.81 5.54
C LEU A 76 46.74 -4.82 6.65
N THR A 77 46.72 -3.78 7.48
CA THR A 77 45.67 -3.66 8.48
C THR A 77 44.29 -3.58 7.83
N VAL A 78 44.19 -2.82 6.73
CA VAL A 78 42.92 -2.74 6.02
C VAL A 78 42.57 -4.08 5.37
N PHE A 79 43.58 -4.80 4.88
CA PHE A 79 43.33 -6.10 4.29
C PHE A 79 42.99 -7.14 5.35
N ARG A 80 43.83 -7.25 6.38
CA ARG A 80 43.58 -8.20 7.46
C ARG A 80 42.24 -7.93 8.16
N THR A 81 41.70 -6.73 8.01
CA THR A 81 40.39 -6.42 8.58
C THR A 81 39.27 -6.87 7.65
N LEU A 82 39.42 -6.67 6.34
CA LEU A 82 38.37 -6.94 5.38
C LEU A 82 38.39 -8.36 4.83
N ASP A 83 39.57 -8.97 4.72
CA ASP A 83 39.67 -10.27 4.05
C ASP A 83 39.01 -11.41 4.80
N PRO A 84 39.25 -11.63 6.10
CA PRO A 84 38.88 -12.92 6.71
C PRO A 84 37.41 -13.29 6.60
N ILE A 85 36.49 -12.33 6.65
CA ILE A 85 35.09 -12.71 6.60
C ILE A 85 34.70 -13.16 5.20
N TYR A 86 35.44 -12.74 4.19
CA TYR A 86 35.18 -13.19 2.82
C TYR A 86 35.89 -14.51 2.52
N SER A 87 37.13 -14.65 2.97
CA SER A 87 37.90 -15.84 2.61
C SER A 87 37.44 -17.05 3.39
N THR A 88 37.14 -16.89 4.67
CA THR A 88 36.75 -18.03 5.50
C THR A 88 35.44 -18.63 5.02
N PHE A 89 34.48 -17.80 4.62
CA PHE A 89 33.21 -18.31 4.12
C PHE A 89 33.39 -19.02 2.78
N LEU A 90 34.18 -18.44 1.89
CA LEU A 90 34.37 -19.05 0.57
C LEU A 90 35.13 -20.37 0.67
N GLY A 91 36.06 -20.49 1.61
CA GLY A 91 36.69 -21.77 1.84
C GLY A 91 35.71 -22.83 2.29
N TYR A 92 34.68 -22.41 3.04
CA TYR A 92 33.60 -23.33 3.41
C TYR A 92 32.73 -23.67 2.19
N ASN A 93 32.56 -22.73 1.27
CA ASN A 93 31.75 -22.94 0.08
C ASN A 93 32.61 -23.19 -1.15
N GLY A 94 33.38 -24.27 -1.09
CA GLY A 94 34.10 -24.76 -2.26
C GLY A 94 35.10 -23.80 -2.87
N PHE A 95 35.88 -23.12 -2.03
CA PHE A 95 37.05 -22.36 -2.50
C PHE A 95 38.16 -22.47 -1.46
N PRO A 96 38.66 -23.68 -1.20
CA PRO A 96 39.64 -23.83 -0.11
C PRO A 96 40.99 -23.24 -0.46
N VAL A 97 41.46 -23.40 -1.70
CA VAL A 97 42.76 -22.87 -2.08
C VAL A 97 42.75 -21.34 -2.05
N LEU A 98 41.62 -20.74 -2.43
CA LEU A 98 41.51 -19.29 -2.35
C LEU A 98 41.63 -18.80 -0.91
N ALA A 99 41.05 -19.56 0.04
CA ALA A 99 41.15 -19.18 1.44
C ALA A 99 42.58 -19.25 1.94
N GLU A 100 43.34 -20.24 1.47
CA GLU A 100 44.72 -20.43 1.95
C GLU A 100 45.62 -19.28 1.50
N TYR A 101 45.43 -18.81 0.27
CA TYR A 101 46.34 -17.79 -0.28
C TYR A 101 46.02 -16.39 0.19
N ALA A 102 44.78 -16.13 0.62
CA ALA A 102 44.46 -14.83 1.19
C ALA A 102 45.25 -14.56 2.45
N GLN A 103 45.53 -15.61 3.23
CA GLN A 103 46.35 -15.47 4.43
C GLN A 103 47.80 -15.16 4.07
N ARG A 104 48.28 -15.64 2.93
CA ARG A 104 49.65 -15.34 2.52
C ARG A 104 49.78 -13.90 2.02
N VAL A 105 48.72 -13.36 1.41
CA VAL A 105 48.74 -11.94 1.02
C VAL A 105 48.78 -11.06 2.27
N GLY A 106 48.12 -11.49 3.35
CA GLY A 106 48.16 -10.75 4.59
C GLY A 106 49.46 -10.89 5.36
N GLN A 107 50.24 -11.92 5.06
CA GLN A 107 51.55 -12.07 5.71
C GLN A 107 52.40 -10.84 5.45
N PRO A 108 53.23 -10.43 6.42
CA PRO A 108 53.94 -9.15 6.29
C PRO A 108 54.80 -9.09 5.04
N ALA A 109 54.61 -8.03 4.26
CA ALA A 109 55.35 -7.82 3.02
C ALA A 109 56.51 -6.86 3.29
N GLU A 110 57.73 -7.32 3.00
CA GLU A 110 58.91 -6.47 3.19
C GLU A 110 58.88 -5.26 2.29
N SER A 111 58.35 -5.40 1.08
CA SER A 111 58.26 -4.31 0.12
C SER A 111 56.81 -4.17 -0.32
N ARG A 112 56.38 -2.92 -0.50
CA ARG A 112 55.05 -2.65 -1.03
C ARG A 112 54.86 -3.29 -2.40
N ALA A 113 55.94 -3.38 -3.19
CA ALA A 113 55.85 -4.02 -4.50
C ALA A 113 55.53 -5.50 -4.37
N GLU A 114 56.10 -6.17 -3.36
CA GLU A 114 55.76 -7.58 -3.12
C GLU A 114 54.27 -7.73 -2.83
N LEU A 115 53.75 -6.93 -1.89
CA LEU A 115 52.32 -6.97 -1.59
C LEU A 115 51.49 -6.67 -2.83
N LEU A 116 51.98 -5.77 -3.68
CA LEU A 116 51.27 -5.48 -4.93
C LEU A 116 51.24 -6.71 -5.83
N ASP A 117 52.31 -7.50 -5.82
CA ASP A 117 52.33 -8.72 -6.63
C ASP A 117 51.43 -9.80 -6.02
N ARG A 118 51.38 -9.86 -4.69
CA ARG A 118 50.47 -10.80 -4.03
C ARG A 118 49.03 -10.49 -4.39
N LEU A 119 48.65 -9.21 -4.31
CA LEU A 119 47.29 -8.82 -4.64
C LEU A 119 46.99 -8.96 -6.13
N THR A 120 47.99 -8.66 -6.97
CA THR A 120 47.77 -8.72 -8.42
C THR A 120 47.56 -10.16 -8.88
N THR A 121 48.37 -11.09 -8.39
CA THR A 121 48.18 -12.50 -8.75
C THR A 121 46.87 -13.04 -8.18
N PHE A 122 46.54 -12.66 -6.95
CA PHE A 122 45.35 -13.21 -6.31
C PHE A 122 44.07 -12.64 -6.93
N THR A 123 44.06 -11.33 -7.21
CA THR A 123 42.91 -10.74 -7.89
C THR A 123 42.65 -11.42 -9.23
N GLU A 124 43.73 -11.74 -9.96
CA GLU A 124 43.58 -12.48 -11.21
C GLU A 124 43.09 -13.90 -10.94
N TYR A 125 43.53 -14.50 -9.84
CA TYR A 125 43.08 -15.85 -9.49
C TYR A 125 41.58 -15.86 -9.19
N VAL A 126 41.12 -14.91 -8.37
CA VAL A 126 39.71 -14.88 -8.00
C VAL A 126 38.85 -14.51 -9.20
N ASN A 127 39.34 -13.62 -10.06
CA ASN A 127 38.54 -13.15 -11.19
C ASN A 127 38.40 -14.20 -12.28
N ARG A 128 39.34 -15.13 -12.38
CA ARG A 128 39.12 -16.26 -13.30
C ARG A 128 38.16 -17.27 -12.70
N LEU A 129 38.28 -17.52 -11.39
CA LEU A 129 37.26 -18.30 -10.70
C LEU A 129 35.89 -17.64 -10.81
N THR A 130 35.85 -16.31 -10.74
CA THR A 130 34.60 -15.58 -10.90
C THR A 130 34.07 -15.70 -12.32
N ALA A 131 34.97 -15.75 -13.31
CA ALA A 131 34.56 -15.81 -14.71
C ALA A 131 33.72 -17.06 -14.98
N TRP A 132 34.21 -18.22 -14.53
CA TRP A 132 33.45 -19.46 -14.74
C TRP A 132 32.21 -19.50 -13.88
N SER A 133 32.23 -18.85 -12.72
CA SER A 133 31.05 -18.85 -11.85
C SER A 133 29.92 -18.02 -12.44
N HIS A 134 30.25 -16.93 -13.13
CA HIS A 134 29.23 -16.17 -13.84
C HIS A 134 28.64 -16.98 -14.99
N HIS A 135 29.42 -17.89 -15.56
CA HIS A 135 28.96 -18.66 -16.70
C HIS A 135 27.97 -19.74 -16.29
N TYR A 136 28.29 -20.49 -15.25
CA TYR A 136 27.55 -21.70 -14.91
C TYR A 136 26.44 -21.49 -13.90
N PHE A 137 26.28 -20.28 -13.36
CA PHE A 137 25.16 -20.03 -12.46
C PHE A 137 23.85 -20.17 -13.24
N PRO A 138 22.81 -20.76 -12.62
CA PRO A 138 21.54 -20.95 -13.35
C PRO A 138 20.68 -19.69 -13.46
N TRP A 139 21.09 -18.79 -14.36
CA TRP A 139 20.34 -17.57 -14.58
C TRP A 139 19.02 -17.82 -15.32
N ASP A 140 18.83 -19.00 -15.90
CA ASP A 140 17.62 -19.30 -16.64
C ASP A 140 16.40 -19.49 -15.74
N LEU A 141 16.61 -19.65 -14.42
CA LEU A 141 15.48 -19.83 -13.52
C LEU A 141 14.60 -18.59 -13.45
N GLY A 142 15.17 -17.42 -13.66
CA GLY A 142 14.40 -16.18 -13.63
C GLY A 142 14.24 -15.55 -15.00
N ARG A 145 10.44 -17.05 -14.81
CA ARG A 145 9.28 -16.90 -13.95
C ARG A 145 9.02 -15.43 -13.63
N TYR A 146 10.10 -14.72 -13.27
CA TYR A 146 10.03 -13.30 -12.94
C TYR A 146 10.44 -12.52 -14.18
N ARG A 147 9.46 -12.00 -14.91
CA ARG A 147 9.72 -11.32 -16.17
C ARG A 147 8.96 -10.01 -16.22
N TYR A 148 9.53 -9.04 -16.93
CA TYR A 148 8.90 -7.74 -17.11
C TYR A 148 7.72 -7.85 -18.06
N ALA A 149 6.71 -6.99 -17.83
CA ALA A 149 5.57 -6.94 -18.73
C ALA A 149 6.02 -6.52 -20.13
N ALA A 150 5.39 -7.11 -21.14
CA ALA A 150 5.77 -6.81 -22.53
C ALA A 150 5.59 -5.34 -22.86
N GLU A 151 4.60 -4.68 -22.26
CA GLU A 151 4.42 -3.25 -22.48
C GLU A 151 5.54 -2.44 -21.85
N GLU A 152 6.15 -2.95 -20.78
CA GLU A 152 7.24 -2.22 -20.12
C GLU A 152 8.50 -2.24 -20.97
N VAL A 153 8.89 -3.42 -21.46
CA VAL A 153 10.09 -3.51 -22.30
C VAL A 153 9.87 -2.82 -23.63
N ALA A 154 8.63 -2.82 -24.13
CA ALA A 154 8.35 -2.17 -25.41
C ALA A 154 8.53 -0.66 -25.32
N ALA A 155 8.16 -0.06 -24.19
CA ALA A 155 8.29 1.39 -24.04
C ALA A 155 9.75 1.82 -24.13
N GLN A 156 10.65 1.04 -23.53
CA GLN A 156 12.09 1.31 -23.63
C GLN A 156 12.59 1.05 -25.05
N VAL A 170 33.71 10.60 -29.13
CA VAL A 170 34.83 9.87 -28.55
C VAL A 170 35.61 9.17 -29.65
N ASP A 171 34.87 8.62 -30.63
CA ASP A 171 35.53 8.06 -31.81
C ASP A 171 36.19 9.15 -32.64
N SER A 172 35.53 10.31 -32.76
CA SER A 172 36.16 11.45 -33.43
C SER A 172 37.29 12.02 -32.58
N LEU A 173 37.10 12.08 -31.27
CA LEU A 173 38.14 12.57 -30.37
C LEU A 173 39.36 11.64 -30.41
N GLY A 174 40.55 12.23 -30.51
CA GLY A 174 41.72 11.38 -30.59
C GLY A 174 42.54 11.57 -31.85
N ASP A 175 43.47 10.64 -32.12
CA ASP A 175 44.36 10.72 -33.27
C ASP A 175 44.29 9.43 -34.08
N PRO A 176 44.26 9.52 -35.41
CA PRO A 176 44.19 8.30 -36.23
C PRO A 176 45.42 7.41 -36.10
N SER A 177 46.59 7.98 -35.81
CA SER A 177 47.80 7.16 -35.74
C SER A 177 47.77 6.21 -34.55
N GLN A 178 47.05 6.57 -33.48
CA GLN A 178 47.00 5.76 -32.28
C GLN A 178 46.02 4.60 -32.37
N ARG A 179 45.15 4.59 -33.38
CA ARG A 179 44.22 3.48 -33.58
C ARG A 179 44.99 2.22 -33.92
N ILE A 180 44.95 1.23 -33.04
CA ILE A 180 45.68 -0.03 -33.21
C ILE A 180 44.72 -1.07 -33.76
N PRO A 181 45.02 -1.72 -34.88
CA PRO A 181 44.08 -2.68 -35.47
C PRO A 181 44.11 -4.02 -34.72
N VAL A 182 42.92 -4.50 -34.33
CA VAL A 182 42.77 -5.78 -33.65
C VAL A 182 41.58 -6.51 -34.25
N ARG A 183 41.58 -7.83 -34.08
CA ARG A 183 40.50 -8.70 -34.55
C ARG A 183 39.89 -9.45 -33.39
N LEU A 184 38.57 -9.56 -33.38
CA LEU A 184 37.83 -10.34 -32.40
C LEU A 184 37.17 -11.51 -33.12
N THR A 185 37.45 -12.73 -32.66
CA THR A 185 36.98 -13.95 -33.30
C THR A 185 36.27 -14.80 -32.25
N TRP A 186 35.01 -15.13 -32.51
CA TRP A 186 34.20 -15.95 -31.62
C TRP A 186 33.98 -17.33 -32.24
N GLN A 187 34.32 -18.37 -31.50
CA GLN A 187 34.11 -19.75 -31.91
C GLN A 187 33.35 -20.48 -30.80
N PRO A 188 32.62 -21.56 -31.13
CA PRO A 188 32.50 -22.28 -32.40
C PRO A 188 31.59 -21.61 -33.43
N LEU A 189 31.22 -20.35 -33.20
CA LEU A 189 30.33 -19.67 -34.13
C LEU A 189 31.04 -19.36 -35.45
N GLY A 190 32.31 -19.00 -35.40
CA GLY A 190 33.07 -18.66 -36.57
C GLY A 190 32.97 -17.21 -37.01
N VAL A 191 32.26 -16.38 -36.25
CA VAL A 191 32.10 -14.98 -36.63
C VAL A 191 33.40 -14.23 -36.36
N GLN A 192 33.89 -13.52 -37.38
CA GLN A 192 35.09 -12.70 -37.27
C GLN A 192 34.74 -11.24 -37.47
N VAL A 193 35.22 -10.38 -36.57
CA VAL A 193 35.08 -8.94 -36.71
C VAL A 193 36.43 -8.29 -36.39
N ASP A 194 36.66 -7.13 -36.99
CA ASP A 194 37.85 -6.33 -36.73
C ASP A 194 37.45 -5.07 -35.97
N ALA A 195 38.40 -4.49 -35.25
CA ALA A 195 38.12 -3.35 -34.40
C ALA A 195 39.38 -2.50 -34.25
N GLU A 196 39.18 -1.29 -33.76
CA GLU A 196 40.25 -0.33 -33.50
C GLU A 196 40.38 -0.13 -32.00
N ILE A 197 41.60 -0.26 -31.48
CA ILE A 197 41.89 0.04 -30.08
C ILE A 197 42.45 1.45 -30.01
N TYR A 198 41.77 2.31 -29.24
CA TYR A 198 42.16 3.71 -29.10
C TYR A 198 43.21 3.78 -28.00
N ALA A 199 44.48 3.94 -28.39
CA ALA A 199 45.59 3.93 -27.45
C ALA A 199 46.00 5.34 -26.99
N ASP A 200 45.30 6.37 -27.43
CA ASP A 200 45.55 7.72 -26.93
C ASP A 200 44.53 8.17 -25.90
N LEU A 201 43.30 7.64 -25.97
CA LEU A 201 42.27 8.00 -25.00
C LEU A 201 42.65 7.51 -23.61
N ASN A 202 42.84 6.20 -23.46
CA ASN A 202 43.33 5.59 -22.23
C ASN A 202 44.66 4.92 -22.57
N PRO A 203 45.75 5.68 -22.61
CA PRO A 203 47.02 5.11 -23.10
C PRO A 203 47.57 4.01 -22.21
N GLN A 204 47.60 4.22 -20.89
CA GLN A 204 48.14 3.19 -20.01
C GLN A 204 47.26 1.95 -20.00
N LEU A 205 45.94 2.14 -20.02
CA LEU A 205 45.02 0.99 -20.02
C LEU A 205 45.19 0.16 -21.28
N ALA A 206 45.28 0.82 -22.44
CA ALA A 206 45.39 0.08 -23.70
C ALA A 206 46.72 -0.66 -23.78
N THR A 207 47.80 -0.08 -23.23
CA THR A 207 49.09 -0.75 -23.27
C THR A 207 49.06 -2.07 -22.53
N ASP A 208 48.34 -2.12 -21.40
CA ASP A 208 48.25 -3.36 -20.64
C ASP A 208 47.30 -4.36 -21.28
N VAL A 209 46.31 -3.88 -22.03
CA VAL A 209 45.43 -4.78 -22.77
C VAL A 209 46.13 -5.30 -24.02
N LEU A 210 46.90 -4.44 -24.69
CA LEU A 210 47.63 -4.87 -25.88
C LEU A 210 48.66 -5.93 -25.56
N LYS A 211 49.34 -5.80 -24.41
CA LYS A 211 50.33 -6.79 -24.00
C LYS A 211 49.72 -8.18 -23.88
N ALA A 212 48.45 -8.26 -23.48
CA ALA A 212 47.81 -9.56 -23.33
C ALA A 212 47.50 -10.20 -24.68
N LEU A 213 47.34 -9.40 -25.72
CA LEU A 213 47.10 -9.93 -27.05
C LEU A 213 48.32 -10.72 -27.51
N PRO A 214 48.15 -11.93 -28.06
CA PRO A 214 46.85 -12.59 -28.24
C PRO A 214 46.41 -13.36 -27.00
N PHE A 215 45.15 -13.18 -26.60
CA PHE A 215 44.56 -13.98 -25.53
C PHE A 215 43.23 -14.54 -25.98
N THR A 216 42.99 -15.80 -25.63
CA THR A 216 41.74 -16.49 -25.94
C THR A 216 41.04 -16.81 -24.63
N VAL A 217 39.86 -16.22 -24.42
CA VAL A 217 39.12 -16.37 -23.18
C VAL A 217 37.66 -16.66 -23.49
N LEU A 218 36.94 -17.10 -22.46
CA LEU A 218 35.53 -17.45 -22.62
C LEU A 218 34.67 -16.19 -22.70
N GLN A 219 33.62 -16.26 -23.50
CA GLN A 219 32.71 -15.14 -23.71
C GLN A 219 31.41 -15.37 -22.96
N ASP A 220 30.99 -14.36 -22.18
CA ASP A 220 29.76 -14.42 -21.43
C ASP A 220 28.96 -13.14 -21.63
N HIS A 221 27.66 -13.22 -21.32
CA HIS A 221 26.73 -12.13 -21.53
C HIS A 221 26.42 -11.43 -20.21
N ALA A 222 26.07 -10.15 -20.29
CA ALA A 222 25.70 -9.37 -19.12
C ALA A 222 24.32 -9.77 -18.62
N VAL A 223 24.23 -10.06 -17.33
CA VAL A 223 22.96 -10.52 -16.76
C VAL A 223 22.06 -9.34 -16.38
N VAL A 224 22.66 -8.20 -16.02
CA VAL A 224 21.89 -7.03 -15.63
C VAL A 224 22.07 -5.87 -16.60
N SER A 225 23.24 -5.75 -17.24
CA SER A 225 23.57 -4.54 -17.99
C SER A 225 22.76 -4.37 -19.26
N GLY A 226 22.22 -5.45 -19.80
CA GLY A 226 21.43 -5.35 -21.02
C GLY A 226 21.99 -6.18 -22.16
N GLU A 227 22.09 -5.58 -23.34
CA GLU A 227 22.65 -6.27 -24.51
C GLU A 227 24.14 -5.97 -24.58
N SER A 228 24.89 -6.65 -23.70
CA SER A 228 26.32 -6.46 -23.59
C SER A 228 26.98 -7.78 -23.25
N MET A 229 28.21 -7.97 -23.73
CA MET A 229 28.98 -9.17 -23.49
C MET A 229 30.35 -8.79 -22.96
N TYR A 230 30.89 -9.63 -22.08
CA TYR A 230 32.25 -9.42 -21.58
C TYR A 230 32.98 -10.74 -21.44
N ALA A 231 34.30 -10.63 -21.32
CA ALA A 231 35.19 -11.77 -21.20
C ALA A 231 36.35 -11.38 -20.30
N TRP A 232 36.72 -12.26 -19.38
CA TRP A 232 37.74 -11.97 -18.39
C TRP A 232 39.12 -12.11 -19.05
N ALA A 233 39.71 -10.98 -19.42
CA ALA A 233 41.01 -10.98 -20.07
C ALA A 233 42.12 -11.23 -19.05
N PRO A 234 43.24 -11.82 -19.47
CA PRO A 234 44.32 -12.19 -18.52
C PRO A 234 45.26 -11.03 -18.20
N LEU A 235 44.75 -10.05 -17.46
CA LEU A 235 45.58 -8.95 -16.99
C LEU A 235 44.93 -8.31 -15.78
N VAL A 236 45.73 -7.58 -15.02
CA VAL A 236 45.27 -6.77 -13.90
C VAL A 236 45.82 -5.37 -14.11
N SER A 237 44.95 -4.40 -14.43
CA SER A 237 45.36 -3.06 -14.82
C SER A 237 44.97 -2.07 -13.72
N VAL A 238 45.96 -1.41 -13.13
CA VAL A 238 45.73 -0.35 -12.14
C VAL A 238 45.89 0.98 -12.85
N ALA A 239 45.82 0.95 -14.17
CA ALA A 239 46.09 2.11 -14.98
C ALA A 239 44.95 3.12 -14.89
N PRO A 240 45.25 4.41 -14.98
CA PRO A 240 44.18 5.42 -14.94
C PRO A 240 43.24 5.30 -16.13
N THR A 241 42.04 5.85 -15.96
CA THR A 241 40.98 5.78 -16.97
C THR A 241 40.48 7.20 -17.26
N PRO A 242 41.25 7.98 -18.01
CA PRO A 242 40.87 9.39 -18.21
C PRO A 242 39.63 9.57 -19.08
N VAL A 243 39.45 8.72 -20.08
CA VAL A 243 38.31 8.83 -21.00
C VAL A 243 37.34 7.72 -20.66
N ARG A 244 36.28 8.05 -19.95
CA ARG A 244 35.19 7.13 -19.65
C ARG A 244 33.93 7.57 -20.37
N GLU A 245 33.03 6.63 -20.59
CA GLU A 245 31.80 6.86 -21.33
C GLU A 245 30.64 6.19 -20.61
N ARG A 246 29.50 6.87 -20.56
CA ARG A 246 28.30 6.28 -20.00
C ARG A 246 27.93 5.02 -20.78
N ILE A 247 27.70 3.93 -20.05
CA ILE A 247 27.34 2.66 -20.67
C ILE A 247 26.13 2.84 -21.57
N CYS A 248 25.16 3.63 -21.12
CA CYS A 248 23.95 3.85 -21.91
C CYS A 248 24.23 4.69 -23.15
N ASP A 249 25.22 5.58 -23.10
CA ASP A 249 25.54 6.45 -24.22
C ASP A 249 26.43 5.78 -25.26
N ALA A 250 26.76 4.50 -25.09
CA ALA A 250 27.74 3.85 -25.94
C ALA A 250 27.15 3.48 -27.30
N PRO A 251 27.97 3.49 -28.35
CA PRO A 251 27.51 3.02 -29.65
C PRO A 251 27.65 1.52 -29.79
N VAL A 252 26.97 0.98 -30.81
CA VAL A 252 27.07 -0.44 -31.12
C VAL A 252 28.48 -0.74 -31.61
N GLY A 253 29.03 -1.88 -31.18
CA GLY A 253 30.40 -2.21 -31.47
C GLY A 253 31.40 -1.59 -30.52
N ARG A 254 30.95 -0.99 -29.42
CA ARG A 254 31.85 -0.38 -28.47
C ARG A 254 32.69 -1.44 -27.77
N LEU A 255 34.00 -1.23 -27.75
CA LEU A 255 34.92 -2.05 -26.98
C LEU A 255 35.23 -1.33 -25.68
N ARG A 256 34.78 -1.89 -24.57
CA ARG A 256 34.99 -1.30 -23.25
C ARG A 256 35.85 -2.22 -22.40
N PHE A 257 36.63 -1.62 -21.51
CA PHE A 257 37.45 -2.37 -20.55
C PHE A 257 37.12 -1.86 -19.16
N SER A 258 36.55 -2.74 -18.34
CA SER A 258 36.15 -2.41 -16.97
C SER A 258 37.12 -3.09 -16.02
N GLN A 259 38.08 -2.31 -15.50
CA GLN A 259 39.08 -2.85 -14.59
C GLN A 259 38.46 -3.24 -13.25
N ALA A 260 37.47 -2.47 -12.78
CA ALA A 260 36.92 -2.69 -11.46
C ALA A 260 36.03 -3.93 -11.37
N THR A 261 35.39 -4.32 -12.47
CA THR A 261 34.49 -5.46 -12.48
C THR A 261 35.17 -6.76 -12.88
N GLY A 262 36.49 -6.77 -13.01
CA GLY A 262 37.21 -7.98 -13.31
C GLY A 262 38.15 -7.89 -14.50
N ASN A 263 38.50 -6.66 -14.89
CA ASN A 263 39.38 -6.42 -16.04
C ASN A 263 38.82 -7.09 -17.30
N LYS A 264 37.52 -6.96 -17.50
CA LYS A 264 36.85 -7.61 -18.62
C LYS A 264 36.94 -6.75 -19.87
N VAL A 265 36.95 -7.42 -21.02
CA VAL A 265 36.81 -6.77 -22.32
C VAL A 265 35.35 -6.84 -22.72
N ILE A 266 34.70 -5.69 -22.82
CA ILE A 266 33.25 -5.59 -22.95
C ILE A 266 32.91 -5.13 -24.35
N VAL A 267 31.94 -5.82 -24.97
CA VAL A 267 31.40 -5.44 -26.26
C VAL A 267 29.92 -5.14 -26.07
N GLN A 268 29.49 -3.97 -26.54
CA GLN A 268 28.08 -3.56 -26.48
C GLN A 268 27.50 -3.67 -27.89
N TYR A 269 26.65 -4.68 -28.10
CA TYR A 269 26.03 -4.91 -29.40
C TYR A 269 24.58 -4.45 -29.45
N GLY A 270 24.13 -3.70 -28.45
CA GLY A 270 22.77 -3.19 -28.42
C GLY A 270 22.58 -2.16 -27.32
N PRO A 271 21.38 -1.58 -27.25
CA PRO A 271 21.13 -0.59 -26.20
C PRO A 271 21.17 -1.22 -24.82
N THR A 272 21.84 -0.53 -23.89
CA THR A 272 22.02 -1.00 -22.52
C THR A 272 21.40 -0.01 -21.54
N THR A 273 20.98 -0.53 -20.38
CA THR A 273 20.26 0.26 -19.40
C THR A 273 21.18 0.91 -18.37
N GLU A 274 22.29 0.28 -18.02
CA GLU A 274 23.11 0.75 -16.90
C GLU A 274 23.62 2.16 -17.13
N THR A 275 23.62 2.96 -16.06
CA THR A 275 23.98 4.37 -16.11
C THR A 275 25.46 4.63 -15.83
N LEU A 276 26.20 3.60 -15.42
CA LEU A 276 27.57 3.81 -14.97
C LEU A 276 28.47 4.24 -16.12
N SER A 277 29.60 4.86 -15.75
CA SER A 277 30.61 5.29 -16.70
C SER A 277 31.75 4.28 -16.70
N SER A 278 32.03 3.71 -17.87
CA SER A 278 33.06 2.70 -18.03
C SER A 278 34.12 3.18 -19.02
N PRO A 279 35.39 2.80 -18.81
CA PRO A 279 36.46 3.27 -19.70
C PRO A 279 36.26 2.78 -21.12
N VAL A 280 36.76 3.56 -22.07
CA VAL A 280 36.62 3.29 -23.50
C VAL A 280 37.94 2.72 -24.02
N LEU A 281 37.89 1.53 -24.59
CA LEU A 281 39.04 0.92 -25.25
C LEU A 281 39.06 1.17 -26.75
N GLY A 282 37.93 0.97 -27.41
CA GLY A 282 37.85 1.22 -28.84
C GLY A 282 36.48 0.88 -29.37
N LYS A 283 36.41 0.68 -30.68
CA LYS A 283 35.14 0.43 -31.34
C LYS A 283 35.33 -0.53 -32.50
N VAL A 284 34.42 -1.50 -32.63
CA VAL A 284 34.41 -2.36 -33.80
C VAL A 284 34.00 -1.54 -35.02
N VAL A 285 34.63 -1.83 -36.15
CA VAL A 285 34.30 -1.10 -37.38
C VAL A 285 32.82 -1.24 -37.69
N ASP A 286 32.24 -0.16 -38.22
CA ASP A 286 30.79 -0.13 -38.45
C ASP A 286 30.35 -1.20 -39.44
N SER A 287 31.21 -1.55 -40.39
CA SER A 287 30.85 -2.56 -41.39
C SER A 287 30.71 -3.95 -40.77
N HIS A 288 31.43 -4.21 -39.68
CA HIS A 288 31.33 -5.48 -38.97
C HIS A 288 30.38 -5.41 -37.78
N ALA A 289 29.70 -4.28 -37.58
CA ALA A 289 28.81 -4.15 -36.43
C ALA A 289 27.57 -5.03 -36.56
N ASP A 290 27.14 -5.31 -37.79
CA ASP A 290 25.95 -6.16 -37.98
C ASP A 290 26.19 -7.59 -37.51
N ARG A 291 27.46 -8.04 -37.50
CA ARG A 291 27.77 -9.41 -37.14
C ARG A 291 27.68 -9.65 -35.63
N LEU A 292 27.78 -8.60 -34.82
CA LEU A 292 27.75 -8.77 -33.37
C LEU A 292 26.41 -9.26 -32.86
N ALA A 293 25.31 -8.89 -33.53
CA ALA A 293 23.98 -9.26 -33.07
C ALA A 293 23.78 -10.77 -33.09
N GLU A 294 24.37 -11.46 -34.06
CA GLU A 294 24.23 -12.91 -34.10
C GLU A 294 25.01 -13.58 -32.97
N VAL A 295 26.19 -13.03 -32.64
CA VAL A 295 26.99 -13.59 -31.56
C VAL A 295 26.29 -13.37 -30.21
N GLY A 296 25.72 -12.18 -30.00
CA GLY A 296 25.16 -11.85 -28.70
C GLY A 296 24.05 -12.80 -28.27
N LYS A 297 23.15 -13.13 -29.19
CA LYS A 297 22.08 -14.07 -28.88
C LYS A 297 22.64 -15.42 -28.43
N ALA A 298 23.70 -15.89 -29.10
CA ALA A 298 24.30 -17.15 -28.72
C ALA A 298 25.01 -17.05 -27.38
N VAL A 299 25.64 -15.90 -27.10
CA VAL A 299 26.31 -15.70 -25.82
C VAL A 299 25.29 -15.58 -24.70
N TRP A 300 24.15 -14.94 -24.98
CA TRP A 300 23.07 -14.86 -24.00
C TRP A 300 22.58 -16.24 -23.61
N GLU A 301 22.33 -17.09 -24.62
CA GLU A 301 21.85 -18.44 -24.34
C GLU A 301 22.90 -19.26 -23.59
N SER A 302 24.18 -19.02 -23.87
CA SER A 302 25.24 -19.79 -23.22
C SER A 302 25.34 -19.43 -21.75
N THR A 303 25.19 -18.15 -21.40
CA THR A 303 25.21 -17.75 -19.99
C THR A 303 23.92 -18.14 -19.29
N PHE A 304 22.78 -17.86 -19.92
CA PHE A 304 21.48 -18.18 -19.32
C PHE A 304 21.27 -19.68 -19.26
N SER A 305 21.22 -20.33 -20.42
CA SER A 305 20.65 -21.67 -20.53
C SER A 305 21.66 -22.73 -20.95
N SER A 306 22.30 -22.56 -22.12
CA SER A 306 23.03 -23.67 -22.73
C SER A 306 24.21 -24.11 -21.88
N LYS A 307 24.97 -23.17 -21.33
CA LYS A 307 26.28 -23.41 -20.76
C LYS A 307 27.22 -24.05 -21.77
N GLU A 308 26.94 -23.84 -23.05
CA GLU A 308 27.81 -24.31 -24.12
C GLU A 308 28.86 -23.24 -24.42
N PRO A 309 30.14 -23.52 -24.23
CA PRO A 309 31.14 -22.45 -24.23
C PRO A 309 31.27 -21.77 -25.59
N VAL A 310 31.25 -20.44 -25.56
CA VAL A 310 31.63 -19.60 -26.70
C VAL A 310 32.92 -18.89 -26.30
N TRP A 311 33.99 -19.13 -27.06
CA TRP A 311 35.31 -18.59 -26.72
C TRP A 311 35.61 -17.36 -27.56
N LEU A 312 36.23 -16.37 -26.91
CA LEU A 312 36.61 -15.13 -27.57
C LEU A 312 38.12 -15.11 -27.77
N THR A 313 38.56 -14.81 -28.99
CA THR A 313 39.96 -14.64 -29.32
C THR A 313 40.17 -13.21 -29.79
N VAL A 314 40.97 -12.45 -29.06
CA VAL A 314 41.36 -11.10 -29.45
C VAL A 314 42.82 -11.13 -29.86
N GLU A 315 43.10 -10.66 -31.07
CA GLU A 315 44.43 -10.70 -31.65
C GLU A 315 44.70 -9.36 -32.31
N ARG A 316 45.98 -9.07 -32.54
CA ARG A 316 46.36 -7.81 -33.18
C ARG A 316 46.59 -8.00 -34.67
N LEU A 317 46.41 -6.92 -35.42
CA LEU A 317 46.66 -6.91 -36.85
C LEU A 317 47.69 -5.84 -37.17
N SER B 2 23.78 13.50 15.89
CA SER B 2 24.24 12.48 14.97
C SER B 2 24.63 13.10 13.63
N ALA B 3 25.57 12.46 12.93
CA ALA B 3 26.05 12.99 11.67
C ALA B 3 24.96 12.97 10.60
N LEU B 4 24.14 11.91 10.60
CA LEU B 4 23.04 11.77 9.64
C LEU B 4 21.77 11.47 10.44
N PRO B 5 21.15 12.49 11.05
CA PRO B 5 19.95 12.23 11.86
C PRO B 5 18.75 11.80 11.03
N GLU B 6 18.69 12.21 9.76
CA GLU B 6 17.57 11.82 8.91
C GLU B 6 17.54 10.32 8.70
N LEU B 7 18.70 9.70 8.54
CA LEU B 7 18.77 8.26 8.33
C LEU B 7 18.30 7.50 9.56
N ARG B 8 18.57 8.03 10.76
CA ARG B 8 18.17 7.36 11.99
C ARG B 8 16.65 7.27 12.11
N GLU B 9 15.92 8.21 11.49
CA GLU B 9 14.48 8.06 11.37
C GLU B 9 14.13 6.95 10.40
N LEU B 10 14.91 6.80 9.32
CA LEU B 10 14.64 5.76 8.34
C LEU B 10 15.02 4.38 8.87
N ILE B 11 16.08 4.29 9.68
CA ILE B 11 16.42 3.02 10.31
C ILE B 11 15.31 2.59 11.26
N ALA B 12 14.81 3.51 12.07
CA ALA B 12 13.74 3.18 13.01
C ALA B 12 12.42 2.86 12.29
N SER B 13 12.15 3.53 11.18
CA SER B 13 10.93 3.24 10.43
C SER B 13 10.99 1.87 9.78
N PHE B 14 12.17 1.48 9.27
CA PHE B 14 12.29 0.25 8.49
C PHE B 14 12.37 -1.00 9.35
N VAL B 15 12.60 -0.87 10.65
CA VAL B 15 12.55 -2.04 11.53
C VAL B 15 11.16 -2.67 11.49
N SER B 16 10.12 -1.83 11.51
CA SER B 16 8.76 -2.33 11.49
C SER B 16 8.29 -2.59 10.06
N GLU B 17 8.55 -1.66 9.15
CA GLU B 17 7.95 -1.67 7.83
C GLU B 17 8.98 -1.98 6.75
N GLU B 18 8.48 -2.49 5.63
CA GLU B 18 9.32 -2.82 4.50
C GLU B 18 9.89 -1.55 3.88
N PRO B 19 11.17 -1.54 3.49
CA PRO B 19 11.71 -0.38 2.80
C PRO B 19 11.10 -0.24 1.42
N PRO B 20 10.98 0.98 0.90
CA PRO B 20 10.41 1.14 -0.45
C PRO B 20 11.32 0.56 -1.53
N GLU B 21 12.64 0.57 -1.32
CA GLU B 21 13.56 0.09 -2.34
C GLU B 21 13.47 -1.42 -2.51
N ILE B 22 13.25 -2.15 -1.43
CA ILE B 22 13.16 -3.60 -1.53
C ILE B 22 11.90 -4.02 -2.26
N ARG B 23 10.79 -3.30 -2.04
CA ARG B 23 9.52 -3.68 -2.65
C ARG B 23 9.57 -3.53 -4.17
N ARG B 24 10.18 -2.46 -4.67
CA ARG B 24 10.17 -2.24 -6.11
C ARG B 24 11.09 -3.24 -6.83
N ILE B 25 12.09 -3.78 -6.13
CA ILE B 25 12.95 -4.78 -6.76
C ILE B 25 12.23 -6.11 -6.89
N ARG B 26 11.57 -6.55 -5.82
CA ARG B 26 10.90 -7.86 -5.83
C ARG B 26 9.60 -7.85 -6.61
N THR B 27 9.01 -6.67 -6.85
CA THR B 27 7.84 -6.55 -7.69
C THR B 27 8.19 -6.15 -9.12
N GLY B 28 9.46 -5.88 -9.40
CA GLY B 28 9.88 -5.53 -10.75
C GLY B 28 9.42 -4.15 -11.19
N THR B 29 9.40 -3.19 -10.26
CA THR B 29 9.00 -1.83 -10.59
C THR B 29 10.16 -0.84 -10.44
N VAL B 30 11.39 -1.30 -10.43
CA VAL B 30 12.54 -0.39 -10.34
C VAL B 30 12.61 0.44 -11.62
N PRO B 31 13.07 1.69 -11.55
CA PRO B 31 12.80 2.63 -12.64
C PRO B 31 13.42 2.25 -13.98
N ASP B 32 14.73 2.01 -14.04
CA ASP B 32 15.42 1.79 -15.31
C ASP B 32 15.26 0.37 -15.86
N LEU B 33 14.33 -0.41 -15.31
CA LEU B 33 14.06 -1.80 -15.68
C LEU B 33 15.36 -2.60 -15.82
N PRO B 34 16.17 -2.69 -14.76
CA PRO B 34 17.40 -3.47 -14.85
C PRO B 34 17.11 -4.94 -15.08
N GLY B 35 18.06 -5.61 -15.74
CA GLY B 35 17.90 -6.97 -16.21
C GLY B 35 18.25 -7.05 -17.68
N SER B 36 18.22 -8.28 -18.20
CA SER B 36 18.53 -8.54 -19.59
C SER B 36 17.44 -9.41 -20.19
N TYR B 37 16.87 -8.94 -21.31
CA TYR B 37 15.83 -9.67 -22.04
C TYR B 37 14.57 -9.83 -21.20
N GLY B 38 14.19 -8.77 -20.48
CA GLY B 38 12.88 -8.70 -19.84
C GLY B 38 12.68 -9.59 -18.64
N GLN B 39 13.70 -9.77 -17.81
CA GLN B 39 13.57 -10.51 -16.56
C GLN B 39 14.31 -9.75 -15.47
N TYR B 40 13.71 -9.73 -14.27
CA TYR B 40 14.28 -8.98 -13.15
C TYR B 40 14.80 -9.88 -12.03
N PHE B 41 15.03 -11.17 -12.32
CA PHE B 41 15.65 -12.03 -11.33
C PHE B 41 17.16 -11.87 -11.31
N THR B 42 17.78 -11.68 -12.48
CA THR B 42 19.22 -11.47 -12.53
C THR B 42 19.62 -10.20 -11.80
N ALA B 43 18.84 -9.14 -11.97
CA ALA B 43 19.07 -7.92 -11.18
C ALA B 43 18.77 -8.15 -9.71
N TRP B 44 17.78 -9.00 -9.41
CA TRP B 44 17.48 -9.34 -8.02
C TRP B 44 18.65 -10.06 -7.36
N ASP B 45 19.21 -11.07 -8.05
CA ASP B 45 20.36 -11.80 -7.52
C ASP B 45 21.53 -10.87 -7.27
N PHE B 46 21.69 -9.83 -8.08
CA PHE B 46 22.78 -8.88 -7.90
C PHE B 46 22.48 -7.87 -6.78
N SER B 47 21.24 -7.38 -6.76
CA SER B 47 20.85 -6.38 -5.73
C SER B 47 21.04 -6.98 -4.33
N ASN B 48 20.44 -8.15 -4.08
CA ASN B 48 20.50 -8.76 -2.75
C ASN B 48 21.93 -9.08 -2.35
N SER B 49 22.73 -9.59 -3.29
CA SER B 49 24.08 -10.02 -2.95
C SER B 49 25.01 -8.83 -2.71
N ILE B 50 24.93 -7.82 -3.56
CA ILE B 50 25.86 -6.70 -3.46
C ILE B 50 25.56 -5.86 -2.22
N VAL B 51 24.28 -5.68 -1.89
CA VAL B 51 23.96 -4.97 -0.65
C VAL B 51 24.41 -5.78 0.56
N ARG B 52 24.45 -7.11 0.44
CA ARG B 52 24.97 -7.93 1.54
C ARG B 52 26.47 -7.75 1.68
N ASP B 53 27.19 -7.74 0.57
CA ASP B 53 28.64 -7.62 0.61
C ASP B 53 29.09 -6.18 0.76
N TYR B 54 28.23 -5.24 0.37
CA TYR B 54 28.55 -3.82 0.62
C TYR B 54 28.37 -3.57 2.12
N ALA B 55 27.39 -4.24 2.73
CA ALA B 55 27.18 -4.08 4.16
C ALA B 55 28.35 -4.64 4.96
N MET B 56 28.80 -5.84 4.61
CA MET B 56 29.94 -6.44 5.30
C MET B 56 31.19 -5.59 5.13
N ASN B 57 31.38 -5.01 3.94
CA ASN B 57 32.49 -4.08 3.74
C ASN B 57 32.29 -2.82 4.59
N LEU B 58 31.05 -2.37 4.73
CA LEU B 58 30.79 -1.17 5.52
C LEU B 58 31.09 -1.39 6.99
N TYR B 59 30.85 -2.60 7.50
CA TYR B 59 31.14 -2.86 8.91
C TYR B 59 32.64 -2.90 9.17
N GLN B 60 33.40 -3.54 8.28
CA GLN B 60 34.86 -3.58 8.47
C GLN B 60 35.47 -2.21 8.31
N LEU B 61 34.85 -1.32 7.54
CA LEU B 61 35.26 0.08 7.54
C LEU B 61 34.87 0.75 8.85
N THR B 62 33.71 0.39 9.40
CA THR B 62 33.34 0.86 10.73
C THR B 62 34.31 0.34 11.78
N ARG B 63 34.69 -0.94 11.68
CA ARG B 63 35.71 -1.50 12.56
C ARG B 63 37.09 -0.91 12.30
N LEU B 64 37.33 -0.39 11.10
CA LEU B 64 38.61 0.24 10.80
C LEU B 64 38.76 1.58 11.51
N ALA B 65 37.66 2.29 11.77
CA ALA B 65 37.73 3.56 12.48
C ALA B 65 38.11 3.39 13.94
N THR B 66 37.85 2.22 14.53
CA THR B 66 38.24 1.99 15.92
C THR B 66 39.76 1.91 16.06
N ASP B 67 40.46 1.47 15.02
CA ASP B 67 41.91 1.39 15.06
C ASP B 67 42.50 2.77 14.76
N GLU B 68 43.40 3.23 15.63
CA GLU B 68 44.01 4.54 15.48
C GLU B 68 45.34 4.50 14.75
N SER B 69 45.79 3.33 14.32
CA SER B 69 46.99 3.26 13.48
C SER B 69 46.73 3.87 12.11
N VAL B 70 45.50 3.77 11.62
CA VAL B 70 45.13 4.30 10.32
C VAL B 70 44.60 5.71 10.48
N SER B 71 45.18 6.65 9.73
CA SER B 71 44.72 8.02 9.77
C SER B 71 43.33 8.14 9.12
N VAL B 72 42.67 9.28 9.36
CA VAL B 72 41.37 9.51 8.75
C VAL B 72 41.51 9.70 7.24
N GLU B 73 42.54 10.44 6.82
CA GLU B 73 42.79 10.59 5.39
C GLU B 73 43.05 9.25 4.72
N ASN B 74 43.81 8.38 5.41
CA ASN B 74 43.97 7.02 4.91
C ASN B 74 42.65 6.26 4.95
N LEU B 75 41.88 6.43 6.03
CA LEU B 75 40.59 5.76 6.14
C LEU B 75 39.61 6.28 5.11
N LEU B 76 39.58 7.60 4.89
CA LEU B 76 38.70 8.15 3.86
C LEU B 76 39.11 7.67 2.48
N THR B 77 40.42 7.49 2.26
CA THR B 77 40.89 7.06 0.95
C THR B 77 40.44 5.63 0.64
N VAL B 78 40.48 4.73 1.63
CA VAL B 78 40.04 3.36 1.38
C VAL B 78 38.52 3.31 1.21
N PHE B 79 37.79 4.26 1.80
CA PHE B 79 36.37 4.33 1.53
C PHE B 79 36.10 4.98 0.17
N ARG B 80 36.92 5.96 -0.21
CA ARG B 80 36.77 6.58 -1.51
C ARG B 80 37.20 5.66 -2.64
N THR B 81 37.96 4.60 -2.34
CA THR B 81 38.39 3.66 -3.36
C THR B 81 37.45 2.46 -3.47
N LEU B 82 37.01 1.91 -2.34
CA LEU B 82 36.18 0.71 -2.34
C LEU B 82 34.72 1.02 -2.69
N ASP B 83 34.16 2.06 -2.07
CA ASP B 83 32.72 2.31 -2.15
C ASP B 83 32.20 2.58 -3.55
N PRO B 84 32.84 3.41 -4.41
CA PRO B 84 32.19 3.82 -5.66
C PRO B 84 31.65 2.69 -6.52
N ILE B 85 32.40 1.59 -6.66
CA ILE B 85 31.91 0.49 -7.49
C ILE B 85 30.69 -0.17 -6.85
N TYR B 86 30.59 -0.12 -5.52
CA TYR B 86 29.45 -0.69 -4.81
C TYR B 86 28.27 0.25 -4.71
N SER B 87 28.52 1.53 -4.41
CA SER B 87 27.43 2.48 -4.24
C SER B 87 26.74 2.78 -5.57
N THR B 88 27.52 3.04 -6.61
CA THR B 88 26.94 3.47 -7.89
C THR B 88 26.04 2.40 -8.49
N PHE B 89 26.47 1.14 -8.43
CA PHE B 89 25.65 0.07 -9.00
C PHE B 89 24.35 -0.11 -8.24
N LEU B 90 24.42 -0.10 -6.90
CA LEU B 90 23.21 -0.22 -6.10
C LEU B 90 22.25 0.93 -6.39
N GLY B 91 22.79 2.13 -6.63
CA GLY B 91 21.96 3.23 -7.06
C GLY B 91 21.25 2.95 -8.37
N TYR B 92 21.96 2.30 -9.30
CA TYR B 92 21.33 1.86 -10.55
C TYR B 92 20.38 0.70 -10.30
N ASN B 93 20.78 -0.23 -9.42
CA ASN B 93 20.02 -1.45 -9.21
C ASN B 93 19.15 -1.38 -7.95
N GLY B 94 18.39 -0.31 -7.79
CA GLY B 94 17.33 -0.26 -6.82
C GLY B 94 17.61 0.41 -5.49
N PHE B 95 18.78 1.01 -5.31
CA PHE B 95 19.13 1.69 -4.06
C PHE B 95 19.69 3.07 -4.37
N PRO B 96 18.87 3.99 -4.89
CA PRO B 96 19.41 5.30 -5.27
C PRO B 96 19.81 6.17 -4.10
N VAL B 97 19.04 6.14 -3.00
CA VAL B 97 19.36 6.98 -1.86
C VAL B 97 20.62 6.48 -1.17
N LEU B 98 20.89 5.17 -1.22
CA LEU B 98 22.12 4.62 -0.65
C LEU B 98 23.35 5.29 -1.27
N ALA B 99 23.31 5.55 -2.57
CA ALA B 99 24.41 6.24 -3.22
C ALA B 99 24.51 7.69 -2.74
N GLU B 100 23.38 8.31 -2.41
CA GLU B 100 23.39 9.69 -1.93
C GLU B 100 24.17 9.82 -0.63
N TYR B 101 23.85 8.97 0.36
CA TYR B 101 24.55 9.02 1.63
C TYR B 101 25.94 8.39 1.57
N ALA B 102 26.19 7.53 0.58
CA ALA B 102 27.54 6.98 0.41
C ALA B 102 28.53 8.07 0.03
N GLN B 103 28.09 9.03 -0.80
CA GLN B 103 28.93 10.17 -1.11
C GLN B 103 29.18 11.04 0.11
N ARG B 104 28.18 11.17 0.99
CA ARG B 104 28.31 12.02 2.18
C ARG B 104 29.17 11.39 3.27
N VAL B 105 29.29 10.07 3.29
CA VAL B 105 30.13 9.42 4.30
C VAL B 105 31.61 9.71 4.03
N GLY B 106 32.00 9.79 2.77
CA GLY B 106 33.38 10.00 2.39
C GLY B 106 33.86 11.43 2.31
N GLN B 107 32.99 12.40 2.55
CA GLN B 107 33.42 13.80 2.51
C GLN B 107 34.48 14.06 3.58
N PRO B 108 35.39 15.03 3.33
CA PRO B 108 36.48 15.27 4.29
C PRO B 108 36.00 15.47 5.72
N ALA B 109 36.41 14.56 6.60
CA ALA B 109 35.95 14.55 7.98
C ALA B 109 36.99 15.20 8.89
N GLU B 110 36.52 15.90 9.91
CA GLU B 110 37.40 16.58 10.86
C GLU B 110 37.87 15.68 11.99
N SER B 111 37.05 14.70 12.39
CA SER B 111 37.38 13.86 13.54
C SER B 111 37.07 12.41 13.22
N ARG B 112 37.64 11.52 14.04
CA ARG B 112 37.37 10.10 13.92
C ARG B 112 35.93 9.77 14.30
N ALA B 113 35.38 10.49 15.28
CA ALA B 113 34.00 10.26 15.71
C ALA B 113 33.01 10.67 14.64
N GLU B 114 33.34 11.70 13.85
CA GLU B 114 32.46 12.10 12.76
C GLU B 114 32.38 11.03 11.68
N LEU B 115 33.53 10.45 11.30
CA LEU B 115 33.53 9.38 10.31
C LEU B 115 32.92 8.10 10.87
N LEU B 116 33.23 7.77 12.13
CA LEU B 116 32.68 6.56 12.74
C LEU B 116 31.17 6.64 12.88
N ASP B 117 30.64 7.84 13.14
CA ASP B 117 29.19 7.98 13.25
C ASP B 117 28.51 7.83 11.90
N ARG B 118 29.12 8.34 10.84
CA ARG B 118 28.60 8.13 9.50
C ARG B 118 28.59 6.64 9.15
N LEU B 119 29.72 5.97 9.38
CA LEU B 119 29.81 4.56 9.04
C LEU B 119 28.89 3.72 9.93
N THR B 120 28.74 4.10 11.20
CA THR B 120 27.85 3.35 12.09
C THR B 120 26.40 3.49 11.65
N THR B 121 26.00 4.71 11.25
CA THR B 121 24.61 4.92 10.83
C THR B 121 24.35 4.25 9.49
N PHE B 122 25.24 4.45 8.51
CA PHE B 122 25.05 3.87 7.19
C PHE B 122 25.03 2.35 7.26
N THR B 123 25.95 1.76 8.03
CA THR B 123 26.02 0.30 8.12
C THR B 123 24.71 -0.28 8.62
N GLU B 124 24.17 0.28 9.71
CA GLU B 124 22.89 -0.21 10.23
C GLU B 124 21.75 0.01 9.24
N TYR B 125 21.79 1.13 8.52
CA TYR B 125 20.79 1.37 7.49
C TYR B 125 20.90 0.34 6.37
N VAL B 126 22.12 -0.03 6.00
CA VAL B 126 22.31 -1.06 4.98
C VAL B 126 22.02 -2.44 5.56
N ASN B 127 22.19 -2.61 6.87
CA ASN B 127 21.92 -3.91 7.49
C ASN B 127 20.42 -4.19 7.60
N ARG B 128 19.59 -3.15 7.69
CA ARG B 128 18.15 -3.37 7.62
C ARG B 128 17.70 -3.63 6.19
N LEU B 129 18.25 -2.88 5.23
CA LEU B 129 17.98 -3.15 3.82
C LEU B 129 18.45 -4.55 3.44
N THR B 130 19.60 -4.98 3.98
CA THR B 130 20.07 -6.34 3.74
C THR B 130 19.15 -7.37 4.37
N ALA B 131 18.55 -7.05 5.52
CA ALA B 131 17.62 -7.97 6.16
C ALA B 131 16.41 -8.22 5.29
N TRP B 132 15.77 -7.15 4.82
CA TRP B 132 14.54 -7.30 4.03
C TRP B 132 14.82 -7.95 2.68
N SER B 133 16.01 -7.72 2.11
CA SER B 133 16.35 -8.39 0.86
C SER B 133 16.51 -9.89 1.05
N HIS B 134 16.93 -10.31 2.25
CA HIS B 134 17.09 -11.73 2.53
C HIS B 134 15.76 -12.43 2.74
N HIS B 135 14.78 -11.74 3.32
CA HIS B 135 13.50 -12.37 3.63
C HIS B 135 12.71 -12.67 2.36
N TYR B 136 12.62 -11.70 1.45
CA TYR B 136 11.76 -11.80 0.28
C TYR B 136 12.43 -12.45 -0.93
N PHE B 137 13.73 -12.73 -0.86
CA PHE B 137 14.42 -13.28 -2.02
C PHE B 137 13.96 -14.72 -2.27
N PRO B 138 13.79 -15.13 -3.52
CA PRO B 138 13.30 -16.48 -3.80
C PRO B 138 14.38 -17.55 -3.71
N TRP B 139 14.44 -18.24 -2.56
CA TRP B 139 15.40 -19.32 -2.38
C TRP B 139 14.82 -20.69 -2.72
N ASP B 140 13.50 -20.77 -2.95
CA ASP B 140 12.86 -22.05 -3.26
C ASP B 140 13.16 -22.54 -4.66
N LEU B 141 13.75 -21.70 -5.52
CA LEU B 141 13.99 -22.09 -6.91
C LEU B 141 14.93 -23.28 -6.99
N GLY B 142 15.94 -23.32 -6.10
CA GLY B 142 16.87 -24.43 -6.12
C GLY B 142 16.33 -25.71 -5.52
N GLY B 143 15.46 -25.60 -4.51
CA GLY B 143 14.87 -26.81 -3.94
C GLY B 143 14.09 -27.62 -4.95
N GLU B 144 13.53 -26.97 -5.97
CA GLU B 144 12.84 -27.70 -7.03
C GLU B 144 13.81 -28.39 -7.97
N ARG B 145 15.02 -27.84 -8.13
CA ARG B 145 15.97 -28.34 -9.12
C ARG B 145 17.22 -28.97 -8.52
N TYR B 146 17.82 -28.36 -7.49
CA TYR B 146 19.08 -28.79 -6.94
C TYR B 146 18.87 -29.24 -5.50
N ARG B 147 19.14 -30.52 -5.22
CA ARG B 147 18.94 -31.06 -3.89
C ARG B 147 20.03 -32.07 -3.54
N TYR B 148 20.49 -32.00 -2.29
CA TYR B 148 21.37 -33.03 -1.76
C TYR B 148 20.58 -34.32 -1.51
N ALA B 149 21.26 -35.45 -1.69
CA ALA B 149 20.64 -36.74 -1.38
C ALA B 149 20.54 -36.91 0.13
N ALA B 150 19.43 -37.50 0.58
CA ALA B 150 19.21 -37.67 2.02
C ALA B 150 20.23 -38.61 2.63
N GLU B 151 20.67 -39.62 1.89
CA GLU B 151 21.59 -40.62 2.44
C GLU B 151 23.00 -40.06 2.57
N GLU B 152 23.43 -39.24 1.62
CA GLU B 152 24.73 -38.59 1.75
C GLU B 152 24.71 -37.52 2.85
N VAL B 153 23.54 -37.00 3.21
CA VAL B 153 23.43 -36.09 4.33
C VAL B 153 23.67 -36.83 5.64
N ALA B 154 23.04 -38.00 5.79
CA ALA B 154 23.21 -38.78 7.01
C ALA B 154 24.66 -39.21 7.21
N ALA B 155 25.39 -39.45 6.12
CA ALA B 155 26.77 -39.87 6.24
C ALA B 155 27.67 -38.71 6.63
N GLN B 156 27.38 -37.51 6.12
CA GLN B 156 28.18 -36.35 6.47
C GLN B 156 28.03 -35.98 7.95
N ALA B 157 26.84 -36.20 8.51
CA ALA B 157 26.67 -36.02 9.95
C ALA B 157 27.31 -37.16 10.73
N ALA B 158 27.37 -38.35 10.14
CA ALA B 158 27.95 -39.49 10.84
C ALA B 158 29.46 -39.39 10.94
N GLU B 159 30.12 -38.92 9.89
CA GLU B 159 31.57 -38.83 9.91
C GLU B 159 32.06 -37.73 10.86
N ALA B 160 31.24 -36.71 11.09
CA ALA B 160 31.62 -35.61 11.97
C ALA B 160 31.79 -36.07 13.40
N SER B 169 34.12 -26.66 27.27
CA SER B 169 32.80 -26.17 26.88
C SER B 169 32.63 -24.70 27.25
N VAL B 170 32.18 -23.90 26.28
CA VAL B 170 31.94 -22.48 26.53
C VAL B 170 30.82 -22.31 27.56
N ASP B 171 29.83 -23.22 27.55
CA ASP B 171 28.80 -23.21 28.58
C ASP B 171 29.36 -23.54 29.96
N SER B 172 30.48 -24.25 30.02
CA SER B 172 31.13 -24.53 31.30
C SER B 172 31.93 -23.33 31.80
N LEU B 173 32.45 -22.51 30.90
CA LEU B 173 33.34 -21.42 31.28
C LEU B 173 32.58 -20.32 32.01
N GLY B 174 33.31 -19.60 32.85
CA GLY B 174 32.79 -18.39 33.46
C GLY B 174 31.93 -18.64 34.69
N ASP B 175 31.37 -17.55 35.19
CA ASP B 175 30.57 -17.56 36.41
C ASP B 175 29.09 -17.68 36.06
N PRO B 176 28.42 -18.76 36.46
CA PRO B 176 26.96 -18.85 36.24
C PRO B 176 26.17 -17.75 36.92
N SER B 177 26.76 -17.04 37.87
CA SER B 177 26.06 -15.95 38.54
C SER B 177 25.94 -14.71 37.66
N GLN B 178 26.93 -14.46 36.79
CA GLN B 178 26.94 -13.24 36.00
C GLN B 178 25.96 -13.27 34.84
N ARG B 179 25.46 -14.43 34.46
CA ARG B 179 24.56 -14.54 33.31
C ARG B 179 23.26 -13.78 33.57
N ILE B 180 22.73 -13.18 32.52
CA ILE B 180 21.57 -12.30 32.58
C ILE B 180 20.43 -12.93 31.79
N PRO B 181 19.30 -13.23 32.41
CA PRO B 181 18.18 -13.84 31.67
C PRO B 181 17.46 -12.85 30.77
N VAL B 182 17.00 -13.36 29.63
CA VAL B 182 16.21 -12.60 28.66
C VAL B 182 15.06 -13.48 28.19
N ARG B 183 14.19 -12.90 27.36
CA ARG B 183 13.05 -13.63 26.81
C ARG B 183 12.93 -13.31 25.32
N LEU B 184 12.76 -14.34 24.51
CA LEU B 184 12.55 -14.21 23.08
C LEU B 184 11.13 -14.66 22.75
N THR B 185 10.35 -13.76 22.16
CA THR B 185 8.94 -13.99 21.89
C THR B 185 8.70 -13.93 20.39
N TRP B 186 8.19 -15.03 19.84
CA TRP B 186 7.97 -15.16 18.40
C TRP B 186 6.49 -15.06 18.08
N GLN B 187 6.14 -14.13 17.19
CA GLN B 187 4.79 -13.92 16.69
C GLN B 187 4.82 -13.98 15.17
N PRO B 188 3.73 -14.45 14.53
CA PRO B 188 2.43 -14.84 15.08
C PRO B 188 2.33 -16.29 15.53
N LEU B 189 3.47 -16.95 15.75
CA LEU B 189 3.43 -18.32 16.23
C LEU B 189 2.97 -18.40 17.67
N GLY B 190 3.30 -17.40 18.48
CA GLY B 190 2.95 -17.43 19.89
C GLY B 190 3.80 -18.38 20.72
N VAL B 191 5.11 -18.41 20.50
CA VAL B 191 6.02 -19.29 21.21
C VAL B 191 6.99 -18.43 22.01
N GLN B 192 7.19 -18.79 23.28
CA GLN B 192 8.09 -18.07 24.18
C GLN B 192 9.12 -19.04 24.74
N VAL B 193 10.38 -18.61 24.74
CA VAL B 193 11.45 -19.32 25.44
C VAL B 193 12.24 -18.29 26.24
N ASP B 194 12.82 -18.75 27.34
CA ASP B 194 13.68 -17.93 28.18
C ASP B 194 15.13 -18.32 27.94
N ALA B 195 16.03 -17.34 27.99
CA ALA B 195 17.43 -17.56 27.70
C ALA B 195 18.29 -16.77 28.67
N GLU B 196 19.53 -17.25 28.86
CA GLU B 196 20.52 -16.57 29.68
C GLU B 196 21.61 -16.01 28.77
N ILE B 197 21.96 -14.76 28.98
CA ILE B 197 23.01 -14.09 28.22
C ILE B 197 24.29 -14.11 29.04
N TYR B 198 25.37 -14.62 28.45
CA TYR B 198 26.63 -14.80 29.15
C TYR B 198 27.38 -13.46 29.15
N ALA B 199 27.28 -12.72 30.25
CA ALA B 199 27.93 -11.42 30.35
C ALA B 199 29.42 -11.51 30.68
N ASP B 200 29.90 -12.67 31.13
CA ASP B 200 31.31 -12.80 31.52
C ASP B 200 32.22 -13.00 30.33
N LEU B 201 31.81 -13.85 29.38
CA LEU B 201 32.71 -14.28 28.31
C LEU B 201 33.00 -13.14 27.34
N ASN B 202 31.97 -12.58 26.73
CA ASN B 202 32.09 -11.43 25.84
C ASN B 202 31.31 -10.28 26.46
N PRO B 203 31.91 -9.56 27.42
CA PRO B 203 31.16 -8.56 28.19
C PRO B 203 30.69 -7.37 27.37
N GLN B 204 31.62 -6.70 26.67
CA GLN B 204 31.27 -5.51 25.91
C GLN B 204 30.22 -5.81 24.84
N LEU B 205 30.26 -7.02 24.27
CA LEU B 205 29.23 -7.41 23.31
C LEU B 205 27.89 -7.58 23.99
N ALA B 206 27.85 -8.32 25.10
CA ALA B 206 26.59 -8.55 25.81
C ALA B 206 25.98 -7.23 26.28
N THR B 207 26.82 -6.32 26.78
CA THR B 207 26.33 -5.00 27.15
C THR B 207 25.72 -4.29 25.95
N ASP B 208 26.41 -4.32 24.81
CA ASP B 208 25.91 -3.64 23.61
C ASP B 208 24.60 -4.24 23.12
N VAL B 209 24.41 -5.54 23.28
CA VAL B 209 23.15 -6.16 22.87
C VAL B 209 22.04 -5.88 23.88
N LEU B 210 22.37 -5.96 25.18
CA LEU B 210 21.35 -5.79 26.21
C LEU B 210 20.79 -4.36 26.21
N LYS B 211 21.63 -3.38 25.92
CA LYS B 211 21.17 -1.99 25.86
C LYS B 211 20.06 -1.80 24.81
N ALA B 212 20.09 -2.59 23.73
CA ALA B 212 19.05 -2.53 22.72
C ALA B 212 17.75 -3.17 23.17
N LEU B 213 17.80 -4.08 24.14
CA LEU B 213 16.58 -4.68 24.65
C LEU B 213 15.73 -3.62 25.36
N PRO B 214 14.41 -3.60 25.13
CA PRO B 214 13.70 -4.53 24.25
C PRO B 214 13.65 -4.06 22.80
N PHE B 215 13.58 -5.00 21.87
CA PHE B 215 13.36 -4.67 20.47
C PHE B 215 12.53 -5.76 19.81
N THR B 216 11.74 -5.37 18.82
CA THR B 216 10.91 -6.28 18.04
C THR B 216 11.33 -6.18 16.59
N VAL B 217 11.87 -7.27 16.04
CA VAL B 217 12.44 -7.29 14.71
C VAL B 217 11.93 -8.52 13.96
N LEU B 218 12.22 -8.56 12.67
CA LEU B 218 11.82 -9.68 11.82
C LEU B 218 12.80 -10.82 11.95
N GLN B 219 12.29 -12.04 11.85
CA GLN B 219 13.07 -13.26 12.04
C GLN B 219 13.13 -14.05 10.74
N ASP B 220 14.34 -14.39 10.31
CA ASP B 220 14.57 -15.14 9.08
C ASP B 220 15.46 -16.34 9.37
N HIS B 221 15.64 -17.18 8.36
CA HIS B 221 16.41 -18.42 8.46
C HIS B 221 17.74 -18.28 7.74
N ALA B 222 18.64 -19.21 8.04
CA ALA B 222 19.95 -19.28 7.41
C ALA B 222 19.88 -20.16 6.17
N VAL B 223 20.22 -19.59 5.02
CA VAL B 223 20.07 -20.32 3.76
C VAL B 223 21.22 -21.29 3.54
N VAL B 224 22.42 -21.00 4.07
CA VAL B 224 23.59 -21.84 3.85
C VAL B 224 24.05 -22.52 5.13
N SER B 225 23.90 -21.87 6.28
CA SER B 225 24.55 -22.35 7.50
C SER B 225 23.96 -23.67 8.00
N GLY B 226 22.67 -23.91 7.73
CA GLY B 226 21.99 -25.09 8.22
C GLY B 226 20.77 -24.72 9.03
N GLU B 227 20.51 -25.50 10.08
CA GLU B 227 19.35 -25.27 10.93
C GLU B 227 19.70 -24.19 11.95
N SER B 228 19.64 -22.94 11.48
CA SER B 228 19.93 -21.77 12.29
C SER B 228 19.11 -20.62 11.75
N MET B 229 18.76 -19.69 12.64
CA MET B 229 17.94 -18.53 12.30
C MET B 229 18.55 -17.28 12.89
N TYR B 230 18.74 -16.25 12.07
CA TYR B 230 19.30 -14.99 12.52
C TYR B 230 18.28 -13.86 12.36
N ALA B 231 18.36 -12.89 13.26
CA ALA B 231 17.48 -11.73 13.27
C ALA B 231 18.32 -10.47 13.40
N TRP B 232 18.13 -9.53 12.48
CA TRP B 232 18.92 -8.30 12.44
C TRP B 232 18.50 -7.39 13.59
N ALA B 233 19.35 -7.31 14.61
CA ALA B 233 19.09 -6.46 15.77
C ALA B 233 19.51 -5.02 15.48
N PRO B 234 18.89 -4.05 16.18
CA PRO B 234 19.18 -2.62 15.89
C PRO B 234 20.39 -2.08 16.63
N LEU B 235 21.57 -2.56 16.25
CA LEU B 235 22.81 -2.04 16.83
C LEU B 235 23.96 -2.35 15.89
N VAL B 236 25.04 -1.57 16.06
CA VAL B 236 26.31 -1.81 15.38
C VAL B 236 27.37 -1.91 16.48
N SER B 237 27.91 -3.11 16.70
CA SER B 237 28.79 -3.38 17.83
C SER B 237 30.23 -3.60 17.33
N VAL B 238 31.14 -2.72 17.74
CA VAL B 238 32.56 -2.86 17.44
C VAL B 238 33.25 -3.47 18.65
N ALA B 239 32.46 -4.13 19.50
CA ALA B 239 32.94 -4.65 20.76
C ALA B 239 33.86 -5.86 20.56
N PRO B 240 34.84 -6.04 21.43
CA PRO B 240 35.70 -7.22 21.36
C PRO B 240 34.92 -8.50 21.59
N THR B 241 35.38 -9.57 20.93
CA THR B 241 34.75 -10.88 20.98
C THR B 241 35.79 -11.91 21.39
N PRO B 242 36.17 -11.97 22.68
CA PRO B 242 37.23 -12.89 23.08
C PRO B 242 36.83 -14.36 23.05
N VAL B 243 35.54 -14.67 23.21
CA VAL B 243 35.07 -16.06 23.23
C VAL B 243 34.21 -16.29 22.00
N ARG B 244 34.67 -17.18 21.12
CA ARG B 244 33.95 -17.57 19.92
C ARG B 244 33.88 -19.09 19.86
N GLU B 245 32.96 -19.60 19.04
CA GLU B 245 32.69 -21.02 18.96
C GLU B 245 32.38 -21.42 17.54
N ARG B 246 32.85 -22.60 17.13
CA ARG B 246 32.58 -23.08 15.78
C ARG B 246 31.09 -23.42 15.65
N ILE B 247 30.48 -22.91 14.57
CA ILE B 247 29.03 -23.06 14.40
C ILE B 247 28.64 -24.51 14.27
N CYS B 248 29.50 -25.34 13.68
CA CYS B 248 29.22 -26.78 13.61
C CYS B 248 29.33 -27.43 14.98
N ASP B 249 30.23 -26.93 15.84
CA ASP B 249 30.36 -27.45 17.20
C ASP B 249 29.31 -26.88 18.15
N ALA B 250 28.58 -25.86 17.73
CA ALA B 250 27.67 -25.18 18.63
C ALA B 250 26.51 -26.08 19.07
N PRO B 251 26.04 -25.94 20.30
CA PRO B 251 24.94 -26.76 20.79
C PRO B 251 23.59 -26.19 20.37
N VAL B 252 22.53 -26.91 20.71
CA VAL B 252 21.17 -26.47 20.44
C VAL B 252 20.77 -25.44 21.48
N GLY B 253 20.03 -24.41 21.06
CA GLY B 253 19.70 -23.30 21.93
C GLY B 253 20.76 -22.23 22.01
N ARG B 254 21.88 -22.42 21.33
CA ARG B 254 22.98 -21.45 21.37
C ARG B 254 22.53 -20.11 20.80
N LEU B 255 22.87 -19.04 21.51
CA LEU B 255 22.67 -17.68 21.02
C LEU B 255 24.03 -17.11 20.60
N ARG B 256 24.11 -16.64 19.37
CA ARG B 256 25.32 -16.04 18.84
C ARG B 256 25.00 -14.67 18.26
N PHE B 257 26.03 -13.82 18.21
CA PHE B 257 25.91 -12.48 17.66
C PHE B 257 27.06 -12.26 16.69
N SER B 258 26.76 -12.27 15.40
CA SER B 258 27.77 -12.07 14.36
C SER B 258 27.78 -10.59 13.99
N GLN B 259 28.78 -9.87 14.52
CA GLN B 259 28.86 -8.43 14.25
C GLN B 259 29.25 -8.14 12.80
N ALA B 260 29.93 -9.08 12.15
CA ALA B 260 30.42 -8.85 10.79
C ALA B 260 29.36 -9.13 9.74
N THR B 261 28.48 -10.10 9.97
CA THR B 261 27.49 -10.51 8.99
C THR B 261 26.13 -9.85 9.23
N GLY B 262 26.10 -8.70 9.89
CA GLY B 262 24.87 -7.94 10.00
C GLY B 262 24.40 -7.58 11.40
N ASN B 263 25.22 -7.86 12.40
CA ASN B 263 24.89 -7.60 13.80
C ASN B 263 23.56 -8.27 14.17
N LYS B 264 23.51 -9.58 13.96
CA LYS B 264 22.29 -10.35 14.10
C LYS B 264 22.35 -11.27 15.32
N VAL B 265 21.18 -11.49 15.92
CA VAL B 265 21.03 -12.48 16.98
C VAL B 265 20.71 -13.81 16.30
N ILE B 266 21.55 -14.82 16.56
CA ILE B 266 21.49 -16.09 15.86
C ILE B 266 21.17 -17.20 16.86
N VAL B 267 20.17 -18.01 16.53
CA VAL B 267 19.74 -19.14 17.35
C VAL B 267 19.93 -20.40 16.54
N GLN B 268 20.72 -21.34 17.07
CA GLN B 268 20.92 -22.64 16.43
C GLN B 268 19.97 -23.64 17.05
N TYR B 269 19.03 -24.14 16.24
CA TYR B 269 18.03 -25.09 16.70
C TYR B 269 18.24 -26.47 16.09
N GLY B 270 19.43 -26.75 15.56
CA GLY B 270 19.71 -28.03 14.96
C GLY B 270 21.09 -28.12 14.36
N PRO B 271 21.28 -29.08 13.46
CA PRO B 271 22.59 -29.28 12.84
C PRO B 271 23.00 -28.10 11.95
N THR B 272 24.24 -27.66 12.10
CA THR B 272 24.84 -26.66 11.25
C THR B 272 26.19 -27.15 10.77
N THR B 273 26.53 -26.85 9.52
CA THR B 273 27.76 -27.36 8.92
C THR B 273 28.88 -26.34 8.88
N GLU B 274 28.58 -25.06 9.09
CA GLU B 274 29.58 -24.01 8.90
C GLU B 274 30.71 -24.13 9.92
N THR B 275 31.93 -23.91 9.45
CA THR B 275 33.13 -24.04 10.27
C THR B 275 33.60 -22.72 10.87
N LEU B 276 32.99 -21.60 10.50
CA LEU B 276 33.42 -20.31 11.02
C LEU B 276 33.05 -20.17 12.49
N SER B 277 33.82 -19.36 13.20
CA SER B 277 33.64 -19.15 14.63
C SER B 277 32.94 -17.82 14.88
N SER B 278 31.92 -17.84 15.72
CA SER B 278 31.09 -16.69 16.00
C SER B 278 31.01 -16.45 17.51
N PRO B 279 30.90 -15.18 17.93
CA PRO B 279 30.85 -14.89 19.37
C PRO B 279 29.64 -15.51 20.03
N VAL B 280 29.80 -15.86 21.30
CA VAL B 280 28.78 -16.56 22.08
C VAL B 280 28.04 -15.55 22.93
N LEU B 281 26.76 -15.32 22.61
CA LEU B 281 25.94 -14.41 23.39
C LEU B 281 25.36 -15.10 24.61
N GLY B 282 24.72 -16.25 24.42
CA GLY B 282 24.14 -16.98 25.52
C GLY B 282 23.57 -18.29 25.04
N LYS B 283 22.59 -18.80 25.78
CA LYS B 283 21.98 -20.07 25.44
C LYS B 283 20.57 -20.13 25.98
N VAL B 284 19.66 -20.73 25.20
CA VAL B 284 18.32 -21.00 25.68
C VAL B 284 18.38 -22.02 26.79
N VAL B 285 17.60 -21.80 27.86
CA VAL B 285 17.58 -22.72 28.98
C VAL B 285 17.14 -24.10 28.49
N ASP B 286 17.72 -25.14 29.08
CA ASP B 286 17.49 -26.50 28.60
C ASP B 286 16.02 -26.89 28.68
N SER B 287 15.28 -26.32 29.63
CA SER B 287 13.87 -26.66 29.76
C SER B 287 13.06 -26.16 28.58
N HIS B 288 13.46 -25.04 27.98
CA HIS B 288 12.71 -24.43 26.89
C HIS B 288 13.34 -24.69 25.52
N ALA B 289 14.29 -25.63 25.43
CA ALA B 289 14.92 -25.92 24.14
C ALA B 289 13.95 -26.62 23.19
N ASP B 290 13.08 -27.48 23.73
CA ASP B 290 12.17 -28.25 22.89
C ASP B 290 11.20 -27.37 22.11
N ARG B 291 11.05 -26.11 22.50
CA ARG B 291 10.19 -25.18 21.76
C ARG B 291 10.86 -24.64 20.51
N LEU B 292 12.18 -24.81 20.36
CA LEU B 292 12.88 -24.23 19.22
C LEU B 292 12.61 -25.00 17.93
N ALA B 293 12.35 -26.31 18.02
CA ALA B 293 12.14 -27.11 16.82
C ALA B 293 10.92 -26.62 16.04
N GLU B 294 9.88 -26.17 16.74
CA GLU B 294 8.68 -25.69 16.06
C GLU B 294 8.92 -24.36 15.36
N VAL B 295 9.66 -23.45 16.01
CA VAL B 295 9.83 -22.11 15.47
C VAL B 295 10.66 -22.12 14.20
N GLY B 296 11.78 -22.85 14.21
CA GLY B 296 12.64 -22.91 13.05
C GLY B 296 11.96 -23.51 11.83
N LYS B 297 11.09 -24.49 12.04
CA LYS B 297 10.33 -25.06 10.93
C LYS B 297 9.43 -24.00 10.29
N ALA B 298 8.80 -23.16 11.11
CA ALA B 298 8.01 -22.05 10.57
C ALA B 298 8.92 -20.95 10.05
N VAL B 299 10.12 -20.79 10.63
CA VAL B 299 11.04 -19.77 10.15
C VAL B 299 11.64 -20.17 8.80
N TRP B 300 11.93 -21.45 8.62
CA TRP B 300 12.41 -21.93 7.32
C TRP B 300 11.40 -21.58 6.24
N GLU B 301 10.17 -22.08 6.37
CA GLU B 301 9.13 -21.77 5.38
C GLU B 301 8.91 -20.27 5.25
N SER B 302 9.15 -19.51 6.32
CA SER B 302 8.95 -18.06 6.26
C SER B 302 9.93 -17.41 5.30
N THR B 303 11.19 -17.80 5.35
CA THR B 303 12.19 -17.27 4.43
C THR B 303 12.29 -18.08 3.15
N PHE B 304 12.10 -19.40 3.22
CA PHE B 304 12.25 -20.27 2.07
C PHE B 304 11.06 -20.16 1.12
N SER B 305 9.85 -20.06 1.65
CA SER B 305 8.65 -20.21 0.83
C SER B 305 7.54 -19.21 1.17
N SER B 306 7.13 -19.19 2.44
CA SER B 306 5.91 -18.48 2.81
C SER B 306 6.04 -16.97 2.60
N LYS B 307 7.19 -16.39 2.96
CA LYS B 307 7.38 -14.94 2.99
C LYS B 307 6.35 -14.28 3.92
N GLU B 308 5.89 -15.03 4.93
CA GLU B 308 4.98 -14.55 5.95
C GLU B 308 5.77 -14.10 7.17
N PRO B 309 5.56 -12.87 7.63
CA PRO B 309 6.43 -12.32 8.68
C PRO B 309 6.33 -13.09 9.99
N VAL B 310 7.50 -13.47 10.51
CA VAL B 310 7.64 -13.95 11.89
C VAL B 310 8.50 -12.95 12.63
N TRP B 311 8.02 -12.48 13.77
CA TRP B 311 8.68 -11.40 14.51
C TRP B 311 9.30 -11.93 15.79
N LEU B 312 10.40 -11.29 16.20
CA LEU B 312 11.11 -11.64 17.41
C LEU B 312 11.17 -10.43 18.33
N THR B 313 10.67 -10.59 19.55
CA THR B 313 10.73 -9.56 20.59
C THR B 313 11.64 -10.08 21.70
N VAL B 314 12.84 -9.52 21.80
CA VAL B 314 13.79 -9.88 22.84
C VAL B 314 13.72 -8.84 23.93
N GLU B 315 13.36 -9.27 25.14
CA GLU B 315 13.14 -8.38 26.27
C GLU B 315 13.91 -8.89 27.48
N ARG B 316 14.16 -7.98 28.42
CA ARG B 316 14.86 -8.34 29.64
C ARG B 316 13.89 -8.93 30.67
N LEU B 317 14.34 -9.95 31.38
CA LEU B 317 13.56 -10.56 32.44
C LEU B 317 14.22 -10.34 33.79
N ALA C 3 -11.51 54.74 11.62
CA ALA C 3 -10.98 54.73 10.26
C ALA C 3 -12.03 54.24 9.27
N LEU C 4 -12.79 53.23 9.68
CA LEU C 4 -13.88 52.68 8.88
C LEU C 4 -15.11 52.60 9.79
N PRO C 5 -15.79 53.74 10.01
CA PRO C 5 -16.82 53.77 11.06
C PRO C 5 -18.02 52.89 10.76
N GLU C 6 -18.50 52.86 9.52
CA GLU C 6 -19.62 52.00 9.18
C GLU C 6 -19.27 50.54 9.36
N LEU C 7 -18.00 50.17 9.14
CA LEU C 7 -17.56 48.82 9.41
C LEU C 7 -17.65 48.49 10.89
N ARG C 8 -17.44 49.47 11.76
CA ARG C 8 -17.53 49.24 13.20
C ARG C 8 -18.97 48.93 13.62
N GLU C 9 -19.94 49.62 13.03
CA GLU C 9 -21.34 49.32 13.31
C GLU C 9 -21.68 47.91 12.87
N LEU C 10 -21.10 47.45 11.76
CA LEU C 10 -21.41 46.13 11.24
C LEU C 10 -20.78 45.04 12.11
N ILE C 11 -19.59 45.29 12.65
CA ILE C 11 -18.92 44.29 13.48
C ILE C 11 -19.74 44.00 14.74
N ALA C 12 -20.28 45.05 15.36
CA ALA C 12 -21.08 44.85 16.56
C ALA C 12 -22.36 44.08 16.26
N SER C 13 -23.03 44.40 15.15
CA SER C 13 -24.27 43.70 14.80
C SER C 13 -24.02 42.26 14.40
N PHE C 14 -22.83 41.97 13.87
CA PHE C 14 -22.56 40.64 13.33
C PHE C 14 -22.25 39.60 14.40
N VAL C 15 -21.78 40.03 15.58
CA VAL C 15 -21.59 39.08 16.67
C VAL C 15 -22.94 38.61 17.21
N SER C 16 -24.00 39.39 17.00
CA SER C 16 -25.33 39.04 17.44
C SER C 16 -26.17 38.39 16.35
N GLU C 17 -26.10 38.89 15.12
CA GLU C 17 -26.92 38.43 14.03
C GLU C 17 -26.07 37.88 12.89
N GLU C 18 -26.66 37.00 12.11
CA GLU C 18 -25.99 36.45 10.95
C GLU C 18 -25.82 37.54 9.89
N PRO C 19 -24.65 37.67 9.29
CA PRO C 19 -24.48 38.63 8.19
C PRO C 19 -25.40 38.26 7.03
N PRO C 20 -25.96 39.25 6.34
CA PRO C 20 -26.83 38.94 5.19
C PRO C 20 -26.08 38.22 4.08
N GLU C 21 -24.77 38.44 3.98
CA GLU C 21 -23.97 37.76 2.96
C GLU C 21 -23.87 36.26 3.25
N ILE C 22 -23.79 35.89 4.53
CA ILE C 22 -23.69 34.47 4.87
C ILE C 22 -24.99 33.75 4.54
N ARG C 23 -26.13 34.43 4.67
CA ARG C 23 -27.40 33.80 4.34
C ARG C 23 -27.53 33.59 2.83
N ARG C 24 -27.27 34.64 2.05
CA ARG C 24 -27.44 34.54 0.60
C ARG C 24 -26.54 33.48 -0.01
N ILE C 25 -25.38 33.22 0.60
CA ILE C 25 -24.53 32.15 0.13
C ILE C 25 -25.11 30.79 0.51
N ARG C 26 -25.57 30.66 1.76
CA ARG C 26 -26.15 29.40 2.20
C ARG C 26 -27.53 29.14 1.63
N THR C 27 -28.26 30.19 1.24
CA THR C 27 -29.57 30.04 0.63
C THR C 27 -29.52 30.03 -0.89
N GLY C 28 -28.32 30.11 -1.47
CA GLY C 28 -28.19 30.10 -2.92
C GLY C 28 -28.84 31.28 -3.60
N THR C 29 -28.94 32.41 -2.91
CA THR C 29 -29.55 33.61 -3.46
C THR C 29 -28.52 34.68 -3.83
N VAL C 30 -27.27 34.27 -4.06
CA VAL C 30 -26.24 35.22 -4.48
C VAL C 30 -26.62 35.81 -5.83
N PRO C 31 -26.55 37.14 -6.01
CA PRO C 31 -27.16 37.74 -7.22
C PRO C 31 -26.59 37.25 -8.53
N ASP C 32 -25.26 37.15 -8.65
CA ASP C 32 -24.63 36.82 -9.93
C ASP C 32 -24.68 35.34 -10.28
N LEU C 33 -25.41 34.54 -9.51
CA LEU C 33 -25.44 33.09 -9.67
C LEU C 33 -24.04 32.48 -9.79
N PRO C 34 -23.21 32.61 -8.76
CA PRO C 34 -21.89 31.98 -8.81
C PRO C 34 -21.98 30.47 -8.74
N GLY C 35 -21.25 29.78 -9.62
CA GLY C 35 -21.32 28.30 -9.66
C GLY C 35 -21.60 27.82 -11.06
N SER C 36 -21.14 26.62 -11.40
CA SER C 36 -21.30 26.10 -12.79
C SER C 36 -22.40 25.03 -12.83
N TYR C 37 -23.20 25.01 -13.90
CA TYR C 37 -24.25 23.96 -14.07
C TYR C 37 -25.29 24.08 -12.94
N GLY C 38 -25.72 25.30 -12.61
CA GLY C 38 -26.79 25.50 -11.62
C GLY C 38 -26.53 24.84 -10.28
N GLN C 39 -25.39 25.12 -9.64
CA GLN C 39 -25.15 24.60 -8.27
C GLN C 39 -24.24 25.59 -7.53
N TYR C 40 -24.49 25.82 -6.23
CA TYR C 40 -23.70 26.82 -5.46
C TYR C 40 -22.82 26.11 -4.43
N PHE C 41 -22.82 24.77 -4.43
CA PHE C 41 -21.91 24.03 -3.51
C PHE C 41 -20.48 24.46 -3.81
N THR C 42 -20.09 24.42 -5.09
CA THR C 42 -18.77 24.87 -5.48
C THR C 42 -18.51 26.30 -5.01
N ALA C 43 -19.51 27.18 -5.16
CA ALA C 43 -19.37 28.54 -4.66
C ALA C 43 -19.23 28.55 -3.14
N TRP C 44 -20.02 27.72 -2.45
CA TRP C 44 -19.97 27.69 -0.99
C TRP C 44 -18.62 27.19 -0.50
N ASP C 45 -18.05 26.18 -1.17
CA ASP C 45 -16.70 25.75 -0.84
C ASP C 45 -15.72 26.91 -0.99
N PHE C 46 -15.77 27.61 -2.11
CA PHE C 46 -14.86 28.72 -2.34
C PHE C 46 -15.17 29.90 -1.43
N SER C 47 -16.46 30.24 -1.27
CA SER C 47 -16.83 31.39 -0.44
C SER C 47 -16.33 31.22 0.99
N ASN C 48 -16.52 30.03 1.57
CA ASN C 48 -16.01 29.78 2.91
C ASN C 48 -14.49 29.72 2.91
N SER C 49 -13.89 29.17 1.85
CA SER C 49 -12.45 28.98 1.82
C SER C 49 -11.71 30.30 1.63
N ILE C 50 -12.11 31.08 0.63
CA ILE C 50 -11.41 32.33 0.34
C ILE C 50 -11.51 33.27 1.54
N VAL C 51 -12.72 33.42 2.10
CA VAL C 51 -12.89 34.29 3.26
C VAL C 51 -12.08 33.82 4.46
N ARG C 52 -11.74 32.52 4.51
CA ARG C 52 -10.92 31.99 5.59
C ARG C 52 -9.44 32.32 5.37
N ASP C 53 -8.94 32.07 4.17
CA ASP C 53 -7.53 32.36 3.88
C ASP C 53 -7.30 33.85 3.67
N TYR C 54 -8.33 34.59 3.24
CA TYR C 54 -8.21 36.04 3.11
C TYR C 54 -7.99 36.70 4.47
N ALA C 55 -8.70 36.23 5.50
CA ALA C 55 -8.51 36.77 6.84
C ALA C 55 -7.14 36.40 7.39
N MET C 56 -6.62 35.22 7.03
CA MET C 56 -5.27 34.86 7.43
C MET C 56 -4.25 35.84 6.86
N ASN C 57 -4.42 36.20 5.59
CA ASN C 57 -3.54 37.20 4.99
C ASN C 57 -3.72 38.56 5.66
N LEU C 58 -4.96 38.95 5.94
CA LEU C 58 -5.23 40.28 6.46
C LEU C 58 -4.63 40.46 7.85
N TYR C 59 -4.64 39.42 8.68
CA TYR C 59 -3.99 39.53 9.98
C TYR C 59 -2.48 39.64 9.84
N GLN C 60 -1.89 38.83 8.95
CA GLN C 60 -0.45 38.90 8.75
C GLN C 60 -0.04 40.23 8.11
N LEU C 61 -0.91 40.82 7.31
CA LEU C 61 -0.66 42.18 6.83
C LEU C 61 -0.82 43.19 7.97
N THR C 62 -1.79 42.97 8.84
CA THR C 62 -1.92 43.82 10.03
C THR C 62 -0.71 43.68 10.94
N ARG C 63 -0.20 42.46 11.09
CA ARG C 63 1.04 42.25 11.82
C ARG C 63 2.22 42.92 11.10
N LEU C 64 2.20 42.93 9.78
CA LEU C 64 3.28 43.57 9.02
C LEU C 64 3.26 45.08 9.20
N ALA C 65 2.07 45.67 9.42
CA ALA C 65 2.00 47.11 9.67
C ALA C 65 2.64 47.47 11.00
N THR C 66 2.68 46.53 11.94
CA THR C 66 3.32 46.79 13.23
C THR C 66 4.83 46.97 13.08
N ASP C 67 5.43 46.31 12.10
CA ASP C 67 6.87 46.38 11.91
C ASP C 67 7.26 47.76 11.39
N GLU C 68 8.16 48.43 12.10
CA GLU C 68 8.68 49.71 11.66
C GLU C 68 9.82 49.57 10.66
N SER C 69 10.25 48.34 10.37
CA SER C 69 11.31 48.12 9.40
C SER C 69 10.80 48.30 7.97
N VAL C 70 9.54 47.97 7.72
CA VAL C 70 8.93 48.06 6.40
C VAL C 70 8.23 49.41 6.27
N SER C 71 8.50 50.12 5.18
CA SER C 71 7.88 51.42 4.96
C SER C 71 6.38 51.26 4.74
N VAL C 72 5.63 52.31 5.09
CA VAL C 72 4.18 52.27 4.94
C VAL C 72 3.80 52.13 3.47
N GLU C 73 4.50 52.85 2.59
CA GLU C 73 4.24 52.74 1.17
C GLU C 73 4.60 51.35 0.64
N ASN C 74 5.63 50.73 1.19
CA ASN C 74 5.95 49.35 0.82
C ASN C 74 4.83 48.41 1.24
N LEU C 75 4.28 48.60 2.44
CA LEU C 75 3.13 47.83 2.88
C LEU C 75 1.94 48.04 1.94
N LEU C 76 1.68 49.30 1.57
CA LEU C 76 0.60 49.60 0.64
C LEU C 76 0.86 48.94 -0.72
N THR C 77 2.13 48.92 -1.15
CA THR C 77 2.48 48.25 -2.39
C THR C 77 2.18 46.76 -2.31
N VAL C 78 2.56 46.13 -1.20
CA VAL C 78 2.29 44.71 -1.00
C VAL C 78 0.79 44.44 -0.99
N PHE C 79 0.04 45.27 -0.26
CA PHE C 79 -1.40 45.11 -0.19
C PHE C 79 -2.05 45.17 -1.58
N ARG C 80 -1.61 46.11 -2.41
CA ARG C 80 -2.24 46.30 -3.70
C ARG C 80 -1.93 45.18 -4.68
N THR C 81 -0.90 44.37 -4.40
CA THR C 81 -0.61 43.22 -5.26
C THR C 81 -1.38 41.98 -4.82
N LEU C 82 -1.45 41.73 -3.51
CA LEU C 82 -2.08 40.51 -3.00
C LEU C 82 -3.59 40.62 -2.96
N ASP C 83 -4.11 41.78 -2.55
CA ASP C 83 -5.53 41.89 -2.24
C ASP C 83 -6.47 41.69 -3.42
N PRO C 84 -6.26 42.32 -4.59
CA PRO C 84 -7.33 42.34 -5.60
C PRO C 84 -7.81 40.97 -6.06
N ILE C 85 -6.90 39.99 -6.24
CA ILE C 85 -7.34 38.69 -6.73
C ILE C 85 -8.25 38.01 -5.70
N TYR C 86 -8.02 38.25 -4.41
CA TYR C 86 -8.95 37.78 -3.39
C TYR C 86 -10.23 38.59 -3.41
N SER C 87 -10.12 39.90 -3.27
CA SER C 87 -11.28 40.75 -3.00
C SER C 87 -12.27 40.77 -4.16
N THR C 88 -11.77 40.84 -5.39
CA THR C 88 -12.67 40.89 -6.54
C THR C 88 -13.50 39.62 -6.63
N PHE C 89 -12.90 38.47 -6.35
CA PHE C 89 -13.66 37.22 -6.39
C PHE C 89 -14.67 37.13 -5.26
N LEU C 90 -14.28 37.55 -4.05
CA LEU C 90 -15.21 37.55 -2.94
C LEU C 90 -16.41 38.44 -3.22
N GLY C 91 -16.18 39.55 -3.92
CA GLY C 91 -17.29 40.36 -4.38
C GLY C 91 -18.20 39.62 -5.33
N TYR C 92 -17.62 38.77 -6.18
CA TYR C 92 -18.42 37.87 -7.00
C TYR C 92 -19.10 36.79 -6.17
N ASN C 93 -18.49 36.40 -5.05
CA ASN C 93 -18.99 35.32 -4.19
C ASN C 93 -19.77 35.87 -3.00
N GLY C 94 -20.77 36.71 -3.25
CA GLY C 94 -21.65 37.19 -2.20
C GLY C 94 -20.95 37.92 -1.08
N PHE C 95 -19.82 38.58 -1.36
CA PHE C 95 -19.16 39.46 -0.41
C PHE C 95 -18.77 40.77 -1.09
N PRO C 96 -19.75 41.48 -1.68
CA PRO C 96 -19.38 42.69 -2.43
C PRO C 96 -18.97 43.85 -1.54
N VAL C 97 -19.48 43.90 -0.30
CA VAL C 97 -19.10 44.97 0.61
C VAL C 97 -17.64 44.83 1.02
N LEU C 98 -17.15 43.60 1.14
CA LEU C 98 -15.75 43.38 1.48
C LEU C 98 -14.83 43.95 0.41
N ALA C 99 -15.19 43.76 -0.86
CA ALA C 99 -14.36 44.28 -1.94
C ALA C 99 -14.25 45.80 -1.88
N GLU C 100 -15.37 46.47 -1.65
CA GLU C 100 -15.37 47.94 -1.65
C GLU C 100 -14.50 48.50 -0.53
N TYR C 101 -14.61 47.93 0.67
CA TYR C 101 -13.79 48.41 1.79
C TYR C 101 -12.32 48.08 1.61
N ALA C 102 -12.02 46.98 0.91
CA ALA C 102 -10.63 46.59 0.71
C ALA C 102 -9.85 47.66 -0.04
N GLN C 103 -10.45 48.25 -1.08
CA GLN C 103 -9.77 49.31 -1.80
C GLN C 103 -9.60 50.55 -0.93
N ARG C 104 -10.51 50.80 0.01
CA ARG C 104 -10.33 51.91 0.95
C ARG C 104 -9.07 51.72 1.77
N VAL C 105 -8.76 50.47 2.13
CA VAL C 105 -7.49 50.19 2.80
C VAL C 105 -6.33 50.41 1.83
N GLY C 106 -6.57 50.20 0.54
CA GLY C 106 -5.52 50.43 -0.44
C GLY C 106 -5.26 51.89 -0.71
N GLN C 107 -6.23 52.76 -0.44
CA GLN C 107 -6.03 54.19 -0.60
C GLN C 107 -4.92 54.65 0.34
N PRO C 108 -4.11 55.63 -0.08
CA PRO C 108 -2.94 56.03 0.71
C PRO C 108 -3.34 56.56 2.08
N ALA C 109 -2.58 56.15 3.09
CA ALA C 109 -2.79 56.59 4.46
C ALA C 109 -1.69 57.57 4.85
N GLU C 110 -2.08 58.70 5.42
CA GLU C 110 -1.11 59.71 5.83
C GLU C 110 -0.21 59.20 6.93
N SER C 111 -0.75 58.43 7.87
CA SER C 111 0.00 57.91 8.98
C SER C 111 -0.08 56.38 9.00
N ARG C 112 0.97 55.74 9.50
CA ARG C 112 0.92 54.29 9.68
C ARG C 112 -0.18 53.89 10.64
N ALA C 113 -0.50 54.75 11.60
CA ALA C 113 -1.62 54.48 12.50
C ALA C 113 -2.93 54.42 11.74
N GLU C 114 -3.11 55.31 10.75
CA GLU C 114 -4.30 55.27 9.92
C GLU C 114 -4.42 53.93 9.20
N LEU C 115 -3.32 53.46 8.61
CA LEU C 115 -3.33 52.15 7.96
C LEU C 115 -3.57 51.02 8.95
N LEU C 116 -3.08 51.18 10.19
CA LEU C 116 -3.23 50.12 11.17
C LEU C 116 -4.65 50.03 11.69
N ASP C 117 -5.33 51.17 11.81
CA ASP C 117 -6.73 51.15 12.25
C ASP C 117 -7.63 50.51 11.20
N ARG C 118 -7.38 50.81 9.93
CA ARG C 118 -8.12 50.15 8.85
C ARG C 118 -7.96 48.65 8.92
N LEU C 119 -6.70 48.19 8.99
CA LEU C 119 -6.42 46.75 8.93
C LEU C 119 -7.01 46.02 10.12
N THR C 120 -6.95 46.63 11.30
CA THR C 120 -7.55 46.01 12.49
C THR C 120 -9.06 45.88 12.33
N THR C 121 -9.71 46.94 11.88
CA THR C 121 -11.16 46.91 11.71
C THR C 121 -11.56 45.96 10.58
N PHE C 122 -10.85 46.01 9.45
CA PHE C 122 -11.22 45.18 8.31
C PHE C 122 -11.00 43.71 8.60
N THR C 123 -9.89 43.36 9.24
CA THR C 123 -9.63 41.97 9.60
C THR C 123 -10.69 41.44 10.55
N GLU C 124 -11.13 42.28 11.50
CA GLU C 124 -12.22 41.90 12.39
C GLU C 124 -13.52 41.70 11.60
N TYR C 125 -13.77 42.58 10.63
CA TYR C 125 -14.96 42.46 9.78
C TYR C 125 -14.95 41.14 9.02
N VAL C 126 -13.79 40.75 8.48
CA VAL C 126 -13.70 39.50 7.74
C VAL C 126 -13.80 38.30 8.67
N ASN C 127 -13.14 38.38 9.82
CA ASN C 127 -13.10 37.22 10.72
C ASN C 127 -14.48 36.89 11.26
N ARG C 128 -15.35 37.89 11.44
CA ARG C 128 -16.72 37.60 11.82
C ARG C 128 -17.49 36.99 10.65
N LEU C 129 -17.25 37.50 9.44
CA LEU C 129 -17.82 36.87 8.25
C LEU C 129 -17.33 35.43 8.11
N THR C 130 -16.06 35.18 8.47
CA THR C 130 -15.54 33.82 8.48
C THR C 130 -16.20 32.99 9.58
N ALA C 131 -16.52 33.61 10.71
CA ALA C 131 -17.14 32.89 11.82
C ALA C 131 -18.47 32.28 11.41
N TRP C 132 -19.37 33.11 10.89
CA TRP C 132 -20.71 32.62 10.53
C TRP C 132 -20.66 31.67 9.35
N SER C 133 -19.68 31.82 8.46
CA SER C 133 -19.55 30.88 7.36
C SER C 133 -19.10 29.52 7.84
N HIS C 134 -18.16 29.47 8.80
CA HIS C 134 -17.69 28.20 9.33
C HIS C 134 -18.82 27.44 10.02
N HIS C 135 -19.69 28.16 10.72
CA HIS C 135 -20.83 27.51 11.37
C HIS C 135 -21.79 26.93 10.34
N TYR C 136 -22.02 27.65 9.25
CA TYR C 136 -23.10 27.30 8.32
C TYR C 136 -22.67 26.37 7.20
N PHE C 137 -21.38 26.30 6.87
CA PHE C 137 -20.95 25.46 5.77
C PHE C 137 -21.31 24.00 6.06
N PRO C 138 -21.87 23.27 5.10
CA PRO C 138 -22.33 21.89 5.34
C PRO C 138 -21.19 20.86 5.36
N TRP C 139 -20.56 20.72 6.52
CA TRP C 139 -19.57 19.66 6.70
C TRP C 139 -20.21 18.28 6.78
N ASP C 140 -21.54 18.21 6.96
CA ASP C 140 -22.22 16.93 7.11
C ASP C 140 -22.10 16.05 5.88
N LEU C 141 -21.86 16.64 4.70
CA LEU C 141 -21.79 15.85 3.48
C LEU C 141 -20.66 14.83 3.54
N GLY C 142 -19.58 15.14 4.25
CA GLY C 142 -18.54 14.15 4.46
C GLY C 142 -18.91 13.10 5.48
N VAL C 170 2.38 24.29 31.67
CA VAL C 170 2.42 25.74 31.84
C VAL C 170 1.50 26.16 32.99
N ASP C 171 0.67 25.22 33.46
CA ASP C 171 -0.13 25.49 34.65
C ASP C 171 0.76 25.69 35.87
N SER C 172 1.80 24.87 36.01
CA SER C 172 2.77 25.07 37.07
C SER C 172 3.59 26.32 36.83
N LEU C 173 3.92 26.61 35.57
CA LEU C 173 4.68 27.80 35.23
C LEU C 173 3.83 29.05 35.50
N GLY C 174 4.51 30.12 35.92
CA GLY C 174 3.85 31.38 36.17
C GLY C 174 3.67 31.65 37.65
N ASP C 175 3.01 32.78 37.93
CA ASP C 175 2.77 33.23 39.29
C ASP C 175 1.28 33.19 39.63
N PRO C 176 0.92 32.76 40.84
CA PRO C 176 -0.51 32.62 41.15
C PRO C 176 -1.26 33.93 41.21
N SER C 177 -0.63 35.01 41.68
CA SER C 177 -1.34 36.28 41.78
C SER C 177 -1.76 36.80 40.42
N GLN C 178 -1.03 36.42 39.37
CA GLN C 178 -1.38 36.86 38.02
C GLN C 178 -2.61 36.13 37.47
N ARG C 179 -2.94 34.97 38.02
CA ARG C 179 -4.10 34.21 37.55
C ARG C 179 -5.37 35.02 37.75
N ILE C 180 -6.05 35.33 36.66
CA ILE C 180 -7.28 36.12 36.67
C ILE C 180 -8.47 35.18 36.51
N PRO C 181 -9.45 35.21 37.41
CA PRO C 181 -10.59 34.29 37.29
C PRO C 181 -11.58 34.72 36.22
N VAL C 182 -12.05 33.74 35.44
CA VAL C 182 -13.07 33.96 34.43
C VAL C 182 -14.05 32.80 34.49
N ARG C 183 -15.29 33.07 34.07
CA ARG C 183 -16.32 32.06 33.94
C ARG C 183 -16.78 31.96 32.49
N LEU C 184 -16.84 30.74 31.98
CA LEU C 184 -17.30 30.47 30.62
C LEU C 184 -18.68 29.84 30.69
N THR C 185 -19.64 30.44 29.99
CA THR C 185 -21.04 30.02 30.05
C THR C 185 -21.56 29.77 28.65
N TRP C 186 -22.18 28.60 28.45
CA TRP C 186 -22.74 28.22 27.17
C TRP C 186 -24.25 28.06 27.30
N GLN C 187 -24.99 28.76 26.44
CA GLN C 187 -26.43 28.59 26.28
C GLN C 187 -26.71 28.18 24.83
N PRO C 188 -27.83 27.48 24.58
CA PRO C 188 -28.97 27.14 25.43
C PRO C 188 -28.77 25.93 26.33
N LEU C 189 -27.53 25.43 26.39
CA LEU C 189 -27.26 24.25 27.21
C LEU C 189 -27.34 24.58 28.69
N GLY C 190 -26.88 25.76 29.08
CA GLY C 190 -26.86 26.15 30.48
C GLY C 190 -25.62 25.74 31.25
N VAL C 191 -24.65 25.10 30.58
CA VAL C 191 -23.45 24.65 31.26
C VAL C 191 -22.54 25.83 31.56
N GLN C 192 -22.03 25.89 32.78
CA GLN C 192 -21.04 26.87 33.19
C GLN C 192 -19.76 26.16 33.59
N VAL C 193 -18.61 26.73 33.22
CA VAL C 193 -17.33 26.35 33.78
C VAL C 193 -16.59 27.63 34.14
N ASP C 194 -15.79 27.56 35.20
CA ASP C 194 -14.95 28.67 35.63
C ASP C 194 -13.51 28.32 35.35
N ALA C 195 -12.74 29.32 34.89
CA ALA C 195 -11.36 29.10 34.48
C ALA C 195 -10.51 30.25 34.97
N GLU C 196 -9.19 30.11 34.78
CA GLU C 196 -8.22 31.12 35.16
C GLU C 196 -7.37 31.47 33.96
N ILE C 197 -7.34 32.75 33.59
CA ILE C 197 -6.49 33.22 32.51
C ILE C 197 -5.09 33.44 33.06
N TYR C 198 -4.09 32.87 32.38
CA TYR C 198 -2.69 33.02 32.79
C TYR C 198 -2.18 34.34 32.21
N ALA C 199 -2.27 35.41 33.02
CA ALA C 199 -1.89 36.72 32.53
C ALA C 199 -0.38 36.89 32.42
N ASP C 200 0.38 36.14 33.22
CA ASP C 200 1.82 36.33 33.26
C ASP C 200 2.53 35.68 32.09
N LEU C 201 2.03 34.54 31.62
CA LEU C 201 2.75 33.76 30.61
C LEU C 201 2.87 34.53 29.31
N ASN C 202 1.74 35.01 28.78
CA ASN C 202 1.69 35.86 27.59
C ASN C 202 1.07 37.19 28.00
N PRO C 203 1.87 38.11 28.53
CA PRO C 203 1.28 39.31 29.17
C PRO C 203 0.51 40.21 28.21
N GLN C 204 1.10 40.55 27.06
CA GLN C 204 0.42 41.44 26.14
C GLN C 204 -0.86 40.81 25.60
N LEU C 205 -0.83 39.50 25.31
CA LEU C 205 -2.01 38.83 24.78
C LEU C 205 -3.13 38.76 25.81
N ALA C 206 -2.79 38.48 27.07
CA ALA C 206 -3.81 38.27 28.09
C ALA C 206 -4.61 39.54 28.34
N THR C 207 -3.91 40.67 28.53
CA THR C 207 -4.60 41.93 28.76
C THR C 207 -5.48 42.30 27.57
N ASP C 208 -5.00 42.05 26.36
CA ASP C 208 -5.80 42.33 25.16
C ASP C 208 -7.11 41.55 25.19
N VAL C 209 -7.06 40.29 25.63
CA VAL C 209 -8.30 39.51 25.75
C VAL C 209 -9.14 40.02 26.91
N LEU C 210 -8.49 40.39 28.02
CA LEU C 210 -9.22 40.86 29.19
C LEU C 210 -9.95 42.18 28.92
N LYS C 211 -9.42 43.00 28.01
CA LYS C 211 -10.05 44.28 27.72
C LYS C 211 -11.38 44.12 27.02
N ALA C 212 -11.56 43.02 26.27
CA ALA C 212 -12.79 42.85 25.50
C ALA C 212 -13.93 42.27 26.34
N LEU C 213 -13.61 41.49 27.36
CA LEU C 213 -14.64 40.86 28.17
C LEU C 213 -15.52 41.93 28.82
N PRO C 214 -16.83 41.68 28.96
CA PRO C 214 -17.52 40.45 28.55
C PRO C 214 -17.90 40.42 27.08
N PHE C 215 -17.73 39.27 26.43
CA PHE C 215 -18.20 39.07 25.08
C PHE C 215 -19.05 37.81 25.01
N THR C 216 -20.12 37.86 24.23
CA THR C 216 -20.98 36.70 23.97
C THR C 216 -20.98 36.46 22.47
N VAL C 217 -20.35 35.38 22.03
CA VAL C 217 -20.26 35.03 20.63
C VAL C 217 -20.69 33.59 20.44
N LEU C 218 -20.98 33.24 19.19
CA LEU C 218 -21.35 31.86 18.87
C LEU C 218 -20.17 30.92 19.09
N GLN C 219 -20.47 29.72 19.57
CA GLN C 219 -19.47 28.70 19.79
C GLN C 219 -19.53 27.67 18.67
N ASP C 220 -18.37 27.34 18.11
CA ASP C 220 -18.27 26.39 17.01
C ASP C 220 -17.14 25.41 17.27
N HIS C 221 -17.18 24.29 16.57
CA HIS C 221 -16.30 23.16 16.81
C HIS C 221 -15.31 22.99 15.67
N ALA C 222 -14.07 22.63 16.02
CA ALA C 222 -13.05 22.40 15.01
C ALA C 222 -13.39 21.19 14.15
N VAL C 223 -13.24 21.34 12.85
CA VAL C 223 -13.63 20.28 11.90
C VAL C 223 -12.46 19.40 11.47
N VAL C 224 -11.22 19.81 11.75
CA VAL C 224 -10.03 19.09 11.31
C VAL C 224 -9.13 18.69 12.48
N SER C 225 -8.93 19.61 13.42
CA SER C 225 -7.96 19.37 14.50
C SER C 225 -8.38 18.20 15.39
N GLY C 226 -9.66 18.14 15.74
CA GLY C 226 -10.14 17.08 16.61
C GLY C 226 -11.21 17.55 17.56
N GLU C 227 -11.06 17.19 18.84
CA GLU C 227 -12.06 17.50 19.86
C GLU C 227 -11.69 18.83 20.50
N SER C 228 -12.16 19.93 19.89
CA SER C 228 -11.84 21.27 20.35
C SER C 228 -12.95 22.23 19.95
N MET C 229 -13.11 23.28 20.73
CA MET C 229 -14.12 24.31 20.49
C MET C 229 -13.43 25.66 20.36
N TYR C 230 -13.75 26.40 19.30
CA TYR C 230 -13.26 27.76 19.18
C TYR C 230 -14.40 28.72 18.85
N ALA C 231 -14.24 29.96 19.29
CA ALA C 231 -15.22 31.01 19.07
C ALA C 231 -14.47 32.31 18.80
N TRP C 232 -14.86 33.00 17.72
CA TRP C 232 -14.19 34.23 17.33
C TRP C 232 -14.41 35.32 18.37
N ALA C 233 -13.32 35.81 18.96
CA ALA C 233 -13.40 36.91 19.90
C ALA C 233 -13.49 38.24 19.17
N PRO C 234 -14.15 39.25 19.76
CA PRO C 234 -14.29 40.56 19.10
C PRO C 234 -13.08 41.46 19.31
N LEU C 235 -11.91 40.97 18.90
CA LEU C 235 -10.67 41.73 19.01
C LEU C 235 -9.69 41.25 17.96
N VAL C 236 -8.66 42.05 17.70
CA VAL C 236 -7.62 41.74 16.72
C VAL C 236 -6.29 42.05 17.39
N SER C 237 -5.75 41.08 18.11
CA SER C 237 -4.52 41.28 18.86
C SER C 237 -3.31 41.13 17.95
N VAL C 238 -2.46 42.15 17.92
CA VAL C 238 -1.16 42.07 17.25
C VAL C 238 -0.04 41.83 18.25
N ALA C 239 -0.38 41.38 19.46
CA ALA C 239 0.55 41.27 20.57
C ALA C 239 1.43 40.03 20.44
N PRO C 240 2.58 40.02 21.10
CA PRO C 240 3.45 38.84 21.07
C PRO C 240 2.83 37.67 21.80
N THR C 241 3.32 36.48 21.48
CA THR C 241 2.89 35.23 22.11
C THR C 241 4.13 34.44 22.51
N PRO C 242 4.79 34.84 23.61
CA PRO C 242 6.05 34.19 23.97
C PRO C 242 5.90 32.74 24.43
N VAL C 243 4.80 32.39 25.08
CA VAL C 243 4.58 31.04 25.59
C VAL C 243 3.51 30.39 24.72
N ARG C 244 3.89 29.31 24.04
CA ARG C 244 2.99 28.57 23.17
C ARG C 244 3.06 27.09 23.49
N GLU C 245 2.00 26.37 23.13
CA GLU C 245 1.87 24.96 23.48
C GLU C 245 1.39 24.17 22.27
N ARG C 246 1.98 22.98 22.09
CA ARG C 246 1.51 22.08 21.05
C ARG C 246 0.07 21.66 21.34
N ILE C 247 -0.78 21.77 20.32
CA ILE C 247 -2.21 21.48 20.51
C ILE C 247 -2.41 20.04 20.96
N CYS C 248 -1.58 19.12 20.47
CA CYS C 248 -1.65 17.74 20.92
C CYS C 248 -1.17 17.61 22.37
N ASP C 249 -0.18 18.42 22.76
CA ASP C 249 0.31 18.42 24.13
C ASP C 249 -0.68 19.03 25.11
N ALA C 250 -1.69 19.74 24.62
CA ALA C 250 -2.54 20.51 25.50
C ALA C 250 -3.40 19.60 26.37
N PRO C 251 -3.62 19.96 27.63
CA PRO C 251 -4.52 19.18 28.48
C PRO C 251 -5.98 19.57 28.27
N VAL C 252 -6.86 18.77 28.84
CA VAL C 252 -8.29 19.05 28.77
C VAL C 252 -8.59 20.31 29.55
N GLY C 253 -9.41 21.19 28.97
CA GLY C 253 -9.74 22.45 29.59
C GLY C 253 -8.80 23.60 29.28
N ARG C 254 -7.72 23.34 28.54
CA ARG C 254 -6.79 24.40 28.17
C ARG C 254 -7.49 25.47 27.34
N LEU C 255 -7.19 26.73 27.64
CA LEU C 255 -7.74 27.86 26.90
C LEU C 255 -6.63 28.44 26.02
N ARG C 256 -6.86 28.42 24.71
CA ARG C 256 -5.88 28.88 23.74
C ARG C 256 -6.45 30.00 22.89
N PHE C 257 -5.56 30.85 22.38
CA PHE C 257 -5.94 31.98 21.54
C PHE C 257 -5.12 31.91 20.26
N SER C 258 -5.80 32.00 19.12
CA SER C 258 -5.15 31.91 17.81
C SER C 258 -5.37 33.22 17.06
N GLN C 259 -4.39 34.13 17.15
CA GLN C 259 -4.48 35.40 16.45
C GLN C 259 -4.46 35.21 14.94
N ALA C 260 -3.80 34.16 14.46
CA ALA C 260 -3.65 33.98 13.02
C ALA C 260 -4.93 33.46 12.37
N THR C 261 -5.67 32.61 13.08
CA THR C 261 -6.85 31.98 12.51
C THR C 261 -8.15 32.68 12.94
N GLY C 262 -8.07 33.95 13.34
CA GLY C 262 -9.28 34.71 13.58
C GLY C 262 -9.51 35.15 15.02
N ASN C 263 -8.44 35.24 15.80
CA ASN C 263 -8.52 35.69 17.20
C ASN C 263 -9.51 34.84 17.99
N LYS C 264 -9.57 33.56 17.68
CA LYS C 264 -10.53 32.67 18.32
C LYS C 264 -10.04 32.25 19.70
N VAL C 265 -11.00 32.10 20.62
CA VAL C 265 -10.75 31.56 21.94
C VAL C 265 -11.05 30.07 21.89
N ILE C 266 -10.03 29.25 22.12
CA ILE C 266 -10.11 27.81 21.86
C ILE C 266 -10.10 27.07 23.20
N VAL C 267 -11.06 26.17 23.37
CA VAL C 267 -11.15 25.32 24.56
C VAL C 267 -11.05 23.87 24.12
N GLN C 268 -10.12 23.13 24.73
CA GLN C 268 -9.85 21.75 24.37
C GLN C 268 -10.50 20.82 25.40
N TYR C 269 -11.40 19.96 24.92
CA TYR C 269 -12.09 19.02 25.79
C TYR C 269 -11.67 17.57 25.58
N GLY C 270 -10.70 17.32 24.70
CA GLY C 270 -10.21 15.99 24.46
C GLY C 270 -8.87 15.98 23.76
N PRO C 271 -8.32 14.80 23.50
CA PRO C 271 -7.05 14.72 22.78
C PRO C 271 -7.19 15.24 21.36
N THR C 272 -6.22 16.05 20.94
CA THR C 272 -6.25 16.70 19.64
C THR C 272 -5.07 16.25 18.80
N THR C 273 -5.28 16.22 17.49
CA THR C 273 -4.29 15.70 16.55
C THR C 273 -3.34 16.76 16.00
N GLU C 274 -3.69 18.05 16.14
CA GLU C 274 -2.87 19.09 15.54
C GLU C 274 -1.55 19.24 16.30
N THR C 275 -0.45 19.24 15.56
CA THR C 275 0.88 19.37 16.15
C THR C 275 1.37 20.80 16.22
N LEU C 276 0.63 21.75 15.64
CA LEU C 276 1.08 23.13 15.63
C LEU C 276 0.96 23.74 17.03
N SER C 277 1.91 24.63 17.35
CA SER C 277 1.92 25.29 18.63
C SER C 277 0.92 26.43 18.66
N SER C 278 0.28 26.63 19.81
CA SER C 278 -0.74 27.66 19.97
C SER C 278 -0.55 28.37 21.30
N PRO C 279 -0.78 29.68 21.35
CA PRO C 279 -0.58 30.43 22.60
C PRO C 279 -1.50 29.94 23.71
N VAL C 280 -1.01 30.03 24.94
CA VAL C 280 -1.71 29.54 26.12
C VAL C 280 -2.35 30.73 26.82
N LEU C 281 -3.68 30.76 26.86
CA LEU C 281 -4.39 31.80 27.60
C LEU C 281 -4.72 31.35 29.03
N GLY C 282 -5.11 30.10 29.21
CA GLY C 282 -5.42 29.61 30.53
C GLY C 282 -5.90 28.18 30.46
N LYS C 283 -6.58 27.76 31.53
CA LYS C 283 -7.08 26.39 31.61
C LYS C 283 -8.34 26.37 32.47
N VAL C 284 -9.33 25.59 32.03
CA VAL C 284 -10.53 25.38 32.83
C VAL C 284 -10.17 24.55 34.06
N VAL C 285 -10.81 24.86 35.19
CA VAL C 285 -10.53 24.11 36.41
C VAL C 285 -10.86 22.64 36.20
N ASP C 286 -10.07 21.78 36.85
CA ASP C 286 -10.20 20.34 36.63
C ASP C 286 -11.56 19.82 37.12
N SER C 287 -12.17 20.51 38.08
CA SER C 287 -13.45 20.05 38.59
C SER C 287 -14.56 20.28 37.57
N HIS C 288 -14.50 21.38 36.83
CA HIS C 288 -15.48 21.67 35.79
C HIS C 288 -15.11 21.05 34.44
N ALA C 289 -14.00 20.32 34.37
CA ALA C 289 -13.57 19.75 33.10
C ALA C 289 -14.54 18.68 32.60
N ASP C 290 -15.24 18.00 33.52
CA ASP C 290 -16.20 16.98 33.11
C ASP C 290 -17.38 17.57 32.35
N ARG C 291 -17.70 18.85 32.57
CA ARG C 291 -18.85 19.45 31.91
C ARG C 291 -18.57 19.74 30.44
N LEU C 292 -17.30 19.91 30.06
CA LEU C 292 -16.97 20.36 28.71
C LEU C 292 -17.32 19.32 27.66
N ALA C 293 -17.15 18.04 27.98
CA ALA C 293 -17.37 16.99 26.97
C ALA C 293 -18.80 16.99 26.47
N GLU C 294 -19.77 17.19 27.37
CA GLU C 294 -21.16 17.31 26.94
C GLU C 294 -21.35 18.52 26.03
N VAL C 295 -20.70 19.63 26.35
CA VAL C 295 -20.84 20.84 25.55
C VAL C 295 -20.29 20.62 24.15
N GLY C 296 -19.08 20.07 24.05
CA GLY C 296 -18.44 19.91 22.76
C GLY C 296 -19.23 19.04 21.80
N LYS C 297 -19.88 17.99 22.34
CA LYS C 297 -20.73 17.15 21.50
C LYS C 297 -21.87 17.95 20.88
N ALA C 298 -22.52 18.79 21.68
CA ALA C 298 -23.58 19.64 21.14
C ALA C 298 -23.03 20.68 20.18
N VAL C 299 -21.81 21.16 20.42
CA VAL C 299 -21.20 22.13 19.52
C VAL C 299 -20.80 21.47 18.21
N TRP C 300 -20.30 20.23 18.27
CA TRP C 300 -19.97 19.50 17.05
C TRP C 300 -21.22 19.26 16.21
N GLU C 301 -22.26 18.70 16.82
CA GLU C 301 -23.53 18.51 16.12
C GLU C 301 -24.04 19.83 15.57
N SER C 302 -23.81 20.94 16.29
CA SER C 302 -24.18 22.25 15.77
C SER C 302 -23.35 22.61 14.54
N THR C 303 -22.02 22.55 14.66
CA THR C 303 -21.17 22.89 13.52
C THR C 303 -21.33 21.89 12.38
N PHE C 304 -21.35 20.59 12.70
CA PHE C 304 -21.34 19.57 11.65
C PHE C 304 -22.68 19.49 10.94
N SER C 305 -23.78 19.36 11.70
CA SER C 305 -25.06 19.00 11.09
C SER C 305 -26.20 19.91 11.50
N SER C 306 -26.38 20.13 12.81
CA SER C 306 -27.58 20.80 13.30
C SER C 306 -27.65 22.25 12.84
N LYS C 307 -26.52 22.94 12.81
CA LYS C 307 -26.45 24.39 12.59
C LYS C 307 -27.23 25.16 13.65
N GLU C 308 -27.55 24.49 14.75
CA GLU C 308 -28.27 25.15 15.85
C GLU C 308 -27.32 26.07 16.59
N PRO C 309 -27.71 27.32 16.84
CA PRO C 309 -26.78 28.27 17.48
C PRO C 309 -26.43 27.85 18.90
N VAL C 310 -25.13 27.90 19.22
CA VAL C 310 -24.62 27.71 20.57
C VAL C 310 -23.74 28.91 20.88
N TRP C 311 -24.10 29.65 21.91
CA TRP C 311 -23.46 30.93 22.23
C TRP C 311 -22.58 30.80 23.46
N LEU C 312 -21.33 31.22 23.34
CA LEU C 312 -20.38 31.21 24.43
C LEU C 312 -20.26 32.60 25.04
N THR C 313 -20.34 32.67 26.37
CA THR C 313 -20.12 33.91 27.10
C THR C 313 -18.95 33.72 28.05
N VAL C 314 -18.01 34.65 28.03
CA VAL C 314 -16.89 34.67 28.95
C VAL C 314 -16.99 35.93 29.78
N GLU C 315 -17.15 35.78 31.09
CA GLU C 315 -17.36 36.89 32.01
C GLU C 315 -16.33 36.82 33.13
N ARG C 316 -15.67 37.95 33.37
CA ARG C 316 -14.57 37.97 34.38
C ARG C 316 -15.13 37.94 35.79
N LEU C 317 -14.43 37.25 36.69
CA LEU C 317 -14.79 37.15 38.10
C LEU C 317 -13.78 37.89 38.97
N LEU D 4 16.74 25.29 -6.42
CA LEU D 4 15.93 24.15 -6.00
C LEU D 4 15.77 23.16 -7.14
N PRO D 5 16.83 22.41 -7.45
CA PRO D 5 16.78 21.53 -8.64
C PRO D 5 15.81 20.37 -8.47
N GLU D 6 15.69 19.80 -7.26
CA GLU D 6 14.82 18.65 -7.07
C GLU D 6 13.35 19.01 -7.31
N LEU D 7 12.94 20.22 -6.89
CA LEU D 7 11.58 20.65 -7.13
C LEU D 7 11.27 20.69 -8.62
N ARG D 8 12.24 21.09 -9.43
CA ARG D 8 12.06 21.07 -10.88
C ARG D 8 11.88 19.65 -11.39
N GLU D 9 12.54 18.67 -10.76
CA GLU D 9 12.28 17.27 -11.10
C GLU D 9 10.85 16.89 -10.77
N LEU D 10 10.37 17.31 -9.59
CA LEU D 10 9.00 17.00 -9.19
C LEU D 10 7.98 17.67 -10.11
N ILE D 11 8.28 18.88 -10.57
CA ILE D 11 7.38 19.58 -11.48
C ILE D 11 7.18 18.76 -12.76
N ALA D 12 8.28 18.34 -13.38
CA ALA D 12 8.20 17.57 -14.60
C ALA D 12 7.49 16.24 -14.38
N SER D 13 7.80 15.56 -13.27
CA SER D 13 7.15 14.29 -12.98
C SER D 13 5.66 14.48 -12.71
N PHE D 14 5.27 15.61 -12.13
CA PHE D 14 3.87 15.85 -11.82
C PHE D 14 3.07 16.35 -13.02
N VAL D 15 3.73 16.78 -14.09
CA VAL D 15 3.01 17.17 -15.30
C VAL D 15 2.25 15.98 -15.86
N SER D 16 2.89 14.81 -15.89
CA SER D 16 2.29 13.62 -16.47
C SER D 16 1.79 12.62 -15.43
N GLU D 17 2.14 12.79 -14.16
CA GLU D 17 1.75 11.87 -13.12
C GLU D 17 1.12 12.61 -11.94
N GLU D 18 0.33 11.87 -11.18
CA GLU D 18 -0.28 12.41 -9.97
C GLU D 18 0.73 12.41 -8.82
N PRO D 19 0.76 13.47 -8.01
CA PRO D 19 1.65 13.46 -6.86
C PRO D 19 1.14 12.52 -5.79
N PRO D 20 2.04 11.88 -5.03
CA PRO D 20 1.59 11.01 -3.94
C PRO D 20 0.88 11.75 -2.84
N GLU D 21 1.19 13.03 -2.63
CA GLU D 21 0.56 13.80 -1.57
C GLU D 21 -0.92 14.01 -1.83
N ILE D 22 -1.33 14.14 -3.10
CA ILE D 22 -2.75 14.24 -3.42
C ILE D 22 -3.43 12.89 -3.26
N ARG D 23 -2.73 11.80 -3.62
CA ARG D 23 -3.34 10.48 -3.57
C ARG D 23 -3.67 10.07 -2.14
N ARG D 24 -2.74 10.27 -1.21
CA ARG D 24 -2.99 9.90 0.18
C ARG D 24 -4.12 10.72 0.78
N ILE D 25 -4.32 11.94 0.30
CA ILE D 25 -5.40 12.78 0.82
C ILE D 25 -6.74 12.28 0.30
N ARG D 26 -6.85 12.03 -1.00
CA ARG D 26 -8.12 11.60 -1.57
C ARG D 26 -8.49 10.18 -1.17
N THR D 27 -7.52 9.36 -0.79
CA THR D 27 -7.79 8.02 -0.29
C THR D 27 -7.97 7.97 1.22
N GLY D 28 -7.82 9.10 1.90
CA GLY D 28 -7.92 9.11 3.35
C GLY D 28 -6.82 8.30 4.02
N THR D 29 -5.62 8.31 3.46
CA THR D 29 -4.49 7.55 3.97
C THR D 29 -3.30 8.48 4.21
N VAL D 30 -3.53 9.50 5.03
CA VAL D 30 -2.51 10.47 5.37
C VAL D 30 -2.00 10.17 6.78
N PRO D 31 -0.73 10.48 7.10
CA PRO D 31 -0.07 9.90 8.28
C PRO D 31 -0.81 10.05 9.60
N ASP D 32 -1.09 11.28 10.04
CA ASP D 32 -1.61 11.52 11.37
C ASP D 32 -3.14 11.49 11.43
N LEU D 33 -3.79 10.89 10.44
CA LEU D 33 -5.25 10.82 10.36
C LEU D 33 -5.94 12.16 10.64
N PRO D 34 -5.63 13.21 9.88
CA PRO D 34 -6.33 14.49 10.08
C PRO D 34 -7.80 14.36 9.74
N GLY D 35 -8.58 15.29 10.30
CA GLY D 35 -10.02 15.19 10.31
C GLY D 35 -10.53 14.83 11.69
N SER D 36 -11.81 15.12 11.91
CA SER D 36 -12.43 14.92 13.21
C SER D 36 -13.51 13.84 13.11
N TYR D 37 -13.53 12.94 14.10
CA TYR D 37 -14.54 11.89 14.20
C TYR D 37 -14.45 10.90 13.02
N GLY D 38 -13.23 10.64 12.57
CA GLY D 38 -13.02 9.61 11.58
C GLY D 38 -13.53 9.91 10.19
N GLN D 39 -13.66 11.18 9.82
CA GLN D 39 -14.00 11.57 8.45
C GLN D 39 -12.91 12.48 7.91
N TYR D 40 -12.43 12.17 6.70
CA TYR D 40 -11.31 12.88 6.10
C TYR D 40 -11.75 13.91 5.06
N PHE D 41 -13.05 14.13 4.88
CA PHE D 41 -13.49 15.12 3.92
C PHE D 41 -13.20 16.54 4.40
N THR D 42 -13.41 16.80 5.69
CA THR D 42 -13.13 18.13 6.22
C THR D 42 -11.66 18.49 6.05
N ALA D 43 -10.76 17.54 6.29
CA ALA D 43 -9.36 17.78 6.00
C ALA D 43 -9.11 17.90 4.50
N TRP D 44 -9.84 17.12 3.70
CA TRP D 44 -9.72 17.22 2.25
C TRP D 44 -10.17 18.60 1.77
N ASP D 45 -11.32 19.08 2.26
CA ASP D 45 -11.79 20.40 1.91
C ASP D 45 -10.76 21.47 2.30
N PHE D 46 -10.14 21.30 3.46
CA PHE D 46 -9.10 22.23 3.89
C PHE D 46 -7.86 22.13 3.01
N SER D 47 -7.43 20.90 2.72
CA SER D 47 -6.17 20.72 1.96
C SER D 47 -6.27 21.41 0.59
N ASN D 48 -7.29 21.07 -0.21
CA ASN D 48 -7.38 21.62 -1.56
C ASN D 48 -7.50 23.14 -1.54
N SER D 49 -8.28 23.67 -0.60
CA SER D 49 -8.50 25.11 -0.55
C SER D 49 -7.23 25.85 -0.16
N ILE D 50 -6.56 25.38 0.89
CA ILE D 50 -5.37 26.08 1.38
C ILE D 50 -4.24 25.99 0.36
N VAL D 51 -4.05 24.82 -0.25
CA VAL D 51 -2.98 24.69 -1.23
C VAL D 51 -3.28 25.52 -2.48
N ARG D 52 -4.56 25.78 -2.76
CA ARG D 52 -4.91 26.67 -3.87
C ARG D 52 -4.64 28.12 -3.50
N ASP D 53 -5.12 28.54 -2.33
CA ASP D 53 -4.90 29.93 -1.91
C ASP D 53 -3.44 30.20 -1.59
N TYR D 54 -2.71 29.17 -1.15
CA TYR D 54 -1.27 29.30 -1.00
C TYR D 54 -0.59 29.55 -2.34
N ALA D 55 -1.13 28.96 -3.41
CA ALA D 55 -0.56 29.13 -4.73
C ALA D 55 -0.73 30.56 -5.23
N MET D 56 -1.94 31.11 -5.06
CA MET D 56 -2.18 32.51 -5.44
C MET D 56 -1.28 33.45 -4.67
N ASN D 57 -1.18 33.24 -3.35
CA ASN D 57 -0.30 34.06 -2.53
C ASN D 57 1.14 33.98 -3.01
N LEU D 58 1.61 32.78 -3.33
CA LEU D 58 2.99 32.61 -3.78
C LEU D 58 3.23 33.32 -5.10
N TYR D 59 2.21 33.36 -5.98
CA TYR D 59 2.40 34.05 -7.25
C TYR D 59 2.43 35.56 -7.08
N GLN D 60 1.56 36.10 -6.24
CA GLN D 60 1.54 37.54 -6.05
C GLN D 60 2.82 38.03 -5.40
N LEU D 61 3.38 37.24 -4.48
CA LEU D 61 4.70 37.57 -3.93
C LEU D 61 5.78 37.43 -5.00
N THR D 62 5.62 36.46 -5.92
CA THR D 62 6.54 36.35 -7.04
C THR D 62 6.52 37.60 -7.90
N ARG D 63 5.31 38.11 -8.20
CA ARG D 63 5.20 39.37 -8.92
C ARG D 63 5.74 40.53 -8.10
N LEU D 64 5.64 40.44 -6.77
CA LEU D 64 6.20 41.50 -5.93
C LEU D 64 7.71 41.58 -6.06
N ALA D 65 8.36 40.49 -6.46
CA ALA D 65 9.79 40.51 -6.67
C ALA D 65 10.16 41.42 -7.84
N THR D 66 9.31 41.48 -8.86
CA THR D 66 9.57 42.39 -9.97
C THR D 66 9.58 43.84 -9.52
N ASP D 67 8.80 44.17 -8.48
CA ASP D 67 8.79 45.52 -7.93
C ASP D 67 10.11 45.77 -7.21
N GLU D 68 10.95 46.63 -7.80
CA GLU D 68 12.23 46.95 -7.18
C GLU D 68 12.11 47.99 -6.08
N SER D 69 10.95 48.61 -5.92
CA SER D 69 10.74 49.50 -4.77
C SER D 69 10.80 48.72 -3.47
N VAL D 70 10.25 47.51 -3.45
CA VAL D 70 10.32 46.65 -2.28
C VAL D 70 11.66 45.94 -2.26
N SER D 71 12.38 46.06 -1.15
CA SER D 71 13.69 45.44 -1.04
C SER D 71 13.56 43.92 -0.89
N VAL D 72 14.68 43.23 -1.09
CA VAL D 72 14.71 41.80 -0.85
C VAL D 72 14.52 41.50 0.63
N GLU D 73 15.17 42.28 1.49
CA GLU D 73 14.98 42.12 2.93
C GLU D 73 13.53 42.36 3.32
N ASN D 74 12.90 43.38 2.73
CA ASN D 74 11.48 43.62 2.99
C ASN D 74 10.62 42.52 2.39
N LEU D 75 10.96 42.06 1.18
CA LEU D 75 10.16 41.01 0.56
C LEU D 75 10.34 39.67 1.27
N LEU D 76 11.57 39.36 1.70
CA LEU D 76 11.76 38.20 2.55
C LEU D 76 10.94 38.32 3.83
N THR D 77 10.81 39.55 4.35
CA THR D 77 10.04 39.76 5.56
C THR D 77 8.56 39.45 5.33
N VAL D 78 8.00 39.88 4.20
CA VAL D 78 6.58 39.62 3.95
C VAL D 78 6.35 38.15 3.66
N PHE D 79 7.35 37.46 3.10
CA PHE D 79 7.25 36.02 2.94
C PHE D 79 7.25 35.32 4.29
N ARG D 80 8.24 35.63 5.13
CA ARG D 80 8.37 34.97 6.42
C ARG D 80 7.19 35.24 7.35
N THR D 81 6.37 36.23 7.05
CA THR D 81 5.20 36.52 7.87
C THR D 81 3.97 35.74 7.42
N LEU D 82 3.69 35.74 6.12
CA LEU D 82 2.50 35.08 5.60
C LEU D 82 2.69 33.59 5.38
N ASP D 83 3.91 33.16 5.06
CA ASP D 83 4.14 31.76 4.69
C ASP D 83 3.88 30.76 5.81
N PRO D 84 4.35 30.95 7.04
CA PRO D 84 4.32 29.85 8.02
C PRO D 84 2.92 29.28 8.28
N ILE D 85 1.92 30.13 8.49
CA ILE D 85 0.60 29.62 8.85
C ILE D 85 0.00 28.79 7.72
N TYR D 86 0.33 29.12 6.47
CA TYR D 86 -0.09 28.28 5.36
C TYR D 86 0.76 27.02 5.26
N SER D 87 2.09 27.18 5.32
CA SER D 87 3.00 26.07 5.07
C SER D 87 2.89 25.00 6.14
N THR D 88 2.83 25.39 7.42
CA THR D 88 2.82 24.42 8.51
C THR D 88 1.60 23.52 8.43
N PHE D 89 0.43 24.08 8.14
CA PHE D 89 -0.77 23.26 8.05
C PHE D 89 -0.69 22.30 6.86
N LEU D 90 -0.16 22.77 5.73
CA LEU D 90 -0.02 21.90 4.56
C LEU D 90 0.89 20.71 4.87
N GLY D 91 1.95 20.95 5.65
CA GLY D 91 2.78 19.85 6.10
C GLY D 91 2.03 18.90 7.02
N TYR D 92 1.21 19.45 7.92
CA TYR D 92 0.41 18.61 8.79
C TYR D 92 -0.72 17.92 8.02
N ASN D 93 -1.25 18.56 6.99
CA ASN D 93 -2.42 18.06 6.27
C ASN D 93 -2.06 17.34 4.98
N GLY D 94 -0.82 16.88 4.84
CA GLY D 94 -0.44 16.00 3.75
C GLY D 94 0.47 16.57 2.67
N PHE D 95 1.18 17.67 2.93
CA PHE D 95 2.15 18.23 1.99
C PHE D 95 3.45 18.51 2.73
N PRO D 96 4.19 17.46 3.11
CA PRO D 96 5.39 17.69 3.94
C PRO D 96 6.54 18.32 3.18
N VAL D 97 6.74 17.94 1.91
CA VAL D 97 7.87 18.48 1.15
C VAL D 97 7.68 19.98 0.91
N LEU D 98 6.45 20.41 0.68
CA LEU D 98 6.17 21.83 0.47
C LEU D 98 6.63 22.66 1.66
N ALA D 99 6.33 22.19 2.87
CA ALA D 99 6.71 22.94 4.07
C ALA D 99 8.24 23.04 4.18
N GLU D 100 8.94 21.97 3.83
CA GLU D 100 10.40 22.00 3.85
C GLU D 100 10.95 23.05 2.89
N TYR D 101 10.52 23.00 1.63
CA TYR D 101 11.00 23.97 0.65
C TYR D 101 10.52 25.37 0.95
N ALA D 102 9.40 25.50 1.67
CA ALA D 102 8.93 26.84 2.07
C ALA D 102 9.92 27.50 3.00
N GLN D 103 10.53 26.73 3.91
CA GLN D 103 11.56 27.28 4.78
C GLN D 103 12.78 27.71 3.97
N ARG D 104 13.16 26.90 2.98
CA ARG D 104 14.37 27.19 2.21
C ARG D 104 14.24 28.45 1.37
N VAL D 105 13.01 28.81 0.98
CA VAL D 105 12.80 30.06 0.25
C VAL D 105 12.99 31.25 1.18
N GLY D 106 12.55 31.13 2.43
CA GLY D 106 12.64 32.23 3.37
C GLY D 106 14.05 32.51 3.86
N GLN D 107 14.98 31.57 3.67
CA GLN D 107 16.35 31.80 4.09
C GLN D 107 16.94 32.99 3.34
N PRO D 108 17.82 33.76 3.98
CA PRO D 108 18.29 35.01 3.38
C PRO D 108 18.98 34.79 2.04
N ALA D 109 18.57 35.58 1.05
CA ALA D 109 19.13 35.53 -0.29
C ALA D 109 19.87 36.83 -0.59
N GLU D 110 21.03 36.72 -1.24
CA GLU D 110 21.81 37.90 -1.55
C GLU D 110 21.25 38.68 -2.73
N SER D 111 20.58 38.00 -3.66
CA SER D 111 20.11 38.63 -4.89
C SER D 111 18.61 38.48 -5.03
N ARG D 112 18.01 39.47 -5.72
CA ARG D 112 16.58 39.40 -6.03
C ARG D 112 16.28 38.28 -7.02
N ALA D 113 17.22 37.98 -7.92
CA ALA D 113 17.01 36.93 -8.90
C ALA D 113 16.89 35.56 -8.24
N GLU D 114 17.68 35.32 -7.19
CA GLU D 114 17.57 34.05 -6.47
C GLU D 114 16.22 33.93 -5.79
N LEU D 115 15.78 34.99 -5.09
CA LEU D 115 14.48 34.96 -4.43
C LEU D 115 13.35 34.83 -5.45
N LEU D 116 13.48 35.49 -6.60
CA LEU D 116 12.48 35.34 -7.66
C LEU D 116 12.48 33.91 -8.19
N ASP D 117 13.67 33.32 -8.35
CA ASP D 117 13.75 31.94 -8.84
C ASP D 117 13.14 30.96 -7.85
N ARG D 118 13.43 31.12 -6.57
CA ARG D 118 12.78 30.30 -5.54
C ARG D 118 11.26 30.41 -5.64
N LEU D 119 10.75 31.64 -5.63
CA LEU D 119 9.31 31.85 -5.69
C LEU D 119 8.72 31.31 -6.98
N THR D 120 9.42 31.51 -8.10
CA THR D 120 8.93 31.00 -9.37
C THR D 120 8.92 29.48 -9.41
N THR D 121 9.98 28.85 -8.90
CA THR D 121 10.02 27.39 -8.85
C THR D 121 8.99 26.85 -7.88
N PHE D 122 8.89 27.45 -6.69
CA PHE D 122 7.94 26.98 -5.68
C PHE D 122 6.50 27.14 -6.16
N THR D 123 6.21 28.24 -6.85
CA THR D 123 4.84 28.50 -7.30
C THR D 123 4.37 27.43 -8.28
N GLU D 124 5.23 27.06 -9.23
CA GLU D 124 4.85 26.02 -10.19
C GLU D 124 4.63 24.68 -9.50
N TYR D 125 5.39 24.40 -8.43
CA TYR D 125 5.23 23.14 -7.71
C TYR D 125 3.87 23.09 -7.01
N VAL D 126 3.47 24.19 -6.37
CA VAL D 126 2.19 24.22 -5.66
C VAL D 126 1.03 24.25 -6.66
N ASN D 127 1.21 24.95 -7.78
CA ASN D 127 0.14 25.03 -8.77
C ASN D 127 -0.24 23.65 -9.30
N ARG D 128 0.76 22.81 -9.57
CA ARG D 128 0.46 21.47 -10.06
C ARG D 128 -0.20 20.62 -8.97
N LEU D 129 0.23 20.78 -7.72
CA LEU D 129 -0.44 20.13 -6.61
C LEU D 129 -1.90 20.58 -6.53
N THR D 130 -2.15 21.87 -6.72
CA THR D 130 -3.52 22.37 -6.77
C THR D 130 -4.25 21.84 -7.98
N ALA D 131 -3.56 21.74 -9.12
CA ALA D 131 -4.16 21.16 -10.33
C ALA D 131 -4.66 19.76 -10.07
N TRP D 132 -3.81 18.92 -9.47
CA TRP D 132 -4.22 17.56 -9.16
C TRP D 132 -5.22 17.51 -8.02
N SER D 133 -5.11 18.45 -7.06
CA SER D 133 -6.10 18.53 -5.99
C SER D 133 -7.45 18.96 -6.54
N HIS D 134 -7.46 19.87 -7.51
CA HIS D 134 -8.72 20.32 -8.10
C HIS D 134 -9.39 19.20 -8.89
N HIS D 135 -8.61 18.46 -9.68
CA HIS D 135 -9.19 17.40 -10.51
C HIS D 135 -9.85 16.32 -9.66
N TYR D 136 -9.21 15.96 -8.54
CA TYR D 136 -9.68 14.84 -7.73
C TYR D 136 -10.64 15.24 -6.62
N PHE D 137 -10.87 16.54 -6.42
CA PHE D 137 -11.74 16.95 -5.32
C PHE D 137 -13.19 16.54 -5.61
N PRO D 138 -13.93 16.09 -4.58
CA PRO D 138 -15.32 15.67 -4.78
C PRO D 138 -16.31 16.83 -4.83
N TRP D 139 -16.40 17.45 -6.01
CA TRP D 139 -17.32 18.58 -6.19
C TRP D 139 -18.77 18.15 -6.28
N ASP D 140 -19.03 16.88 -6.62
CA ASP D 140 -20.39 16.41 -6.87
C ASP D 140 -21.22 16.26 -5.62
N LEU D 141 -20.63 16.37 -4.43
CA LEU D 141 -21.36 16.06 -3.20
C LEU D 141 -22.54 17.00 -2.99
N GLY D 142 -22.37 18.28 -3.29
CA GLY D 142 -23.47 19.21 -3.16
C GLY D 142 -24.42 19.24 -4.32
N GLY D 143 -24.10 18.53 -5.41
CA GLY D 143 -24.96 18.49 -6.59
C GLY D 143 -26.38 18.04 -6.29
N GLU D 144 -26.54 16.82 -5.78
CA GLU D 144 -27.88 16.34 -5.48
C GLU D 144 -28.49 17.02 -4.26
N ARG D 145 -27.70 17.73 -3.46
CA ARG D 145 -28.21 18.38 -2.26
C ARG D 145 -28.58 19.84 -2.50
N TYR D 146 -27.75 20.58 -3.24
CA TYR D 146 -27.94 22.00 -3.44
C TYR D 146 -27.82 22.31 -4.94
N ARG D 147 -28.86 22.92 -5.50
CA ARG D 147 -28.86 23.31 -6.90
C ARG D 147 -29.54 24.66 -7.09
N TYR D 148 -29.06 25.40 -8.09
CA TYR D 148 -29.82 26.54 -8.58
C TYR D 148 -30.98 26.05 -9.42
N ALA D 149 -32.13 26.71 -9.27
CA ALA D 149 -33.30 26.34 -10.07
C ALA D 149 -33.08 26.72 -11.53
N ALA D 150 -33.57 25.86 -12.42
CA ALA D 150 -33.36 26.08 -13.85
C ALA D 150 -34.08 27.33 -14.34
N GLU D 151 -35.27 27.60 -13.81
CA GLU D 151 -36.02 28.78 -14.23
C GLU D 151 -35.30 30.06 -13.83
N GLU D 152 -34.72 30.08 -12.62
CA GLU D 152 -33.93 31.24 -12.20
C GLU D 152 -32.70 31.42 -13.08
N VAL D 153 -32.10 30.32 -13.52
CA VAL D 153 -30.91 30.39 -14.36
C VAL D 153 -31.25 31.06 -15.70
N ALA D 154 -32.37 30.65 -16.29
CA ALA D 154 -32.76 31.21 -17.58
C ALA D 154 -32.97 32.72 -17.50
N ALA D 155 -33.55 33.20 -16.39
CA ALA D 155 -33.73 34.63 -16.21
C ALA D 155 -32.40 35.32 -15.92
N GLN D 156 -31.51 34.66 -15.20
CA GLN D 156 -30.20 35.24 -14.93
C GLN D 156 -29.36 35.31 -16.19
N ALA D 157 -29.50 34.33 -17.08
CA ALA D 157 -28.77 34.33 -18.34
C ALA D 157 -29.63 34.91 -19.45
N SER D 169 -15.08 45.53 -29.53
CA SER D 169 -14.71 44.12 -29.49
C SER D 169 -13.19 43.95 -29.38
N VAL D 170 -12.75 43.22 -28.35
CA VAL D 170 -11.33 42.99 -28.15
C VAL D 170 -10.76 42.18 -29.32
N ASP D 171 -11.55 41.25 -29.85
CA ASP D 171 -11.10 40.49 -31.03
C ASP D 171 -10.89 41.40 -32.22
N SER D 172 -11.64 42.50 -32.30
CA SER D 172 -11.44 43.46 -33.40
C SER D 172 -10.18 44.28 -33.18
N LEU D 173 -9.85 44.59 -31.93
CA LEU D 173 -8.67 45.39 -31.63
C LEU D 173 -7.39 44.64 -31.97
N GLY D 174 -6.41 45.36 -32.50
CA GLY D 174 -5.13 44.78 -32.82
C GLY D 174 -5.00 44.43 -34.30
N ASP D 175 -3.86 43.80 -34.61
CA ASP D 175 -3.52 43.43 -35.97
C ASP D 175 -3.71 41.94 -36.16
N PRO D 176 -4.56 41.51 -37.10
CA PRO D 176 -4.72 40.07 -37.34
C PRO D 176 -3.47 39.39 -37.88
N SER D 177 -2.57 40.13 -38.54
CA SER D 177 -1.38 39.52 -39.10
C SER D 177 -0.45 39.02 -38.01
N GLN D 178 -0.36 39.73 -36.90
CA GLN D 178 0.50 39.34 -35.79
C GLN D 178 -0.07 38.18 -34.98
N ARG D 179 -1.28 37.73 -35.28
CA ARG D 179 -1.81 36.52 -34.66
C ARG D 179 -0.89 35.33 -34.94
N ILE D 180 -0.86 34.38 -34.00
CA ILE D 180 -0.01 33.22 -34.10
C ILE D 180 -0.86 31.96 -33.93
N PRO D 181 -0.90 31.07 -34.90
CA PRO D 181 -1.78 29.89 -34.80
C PRO D 181 -1.19 28.80 -33.92
N VAL D 182 -2.07 28.12 -33.19
CA VAL D 182 -1.73 26.97 -32.37
C VAL D 182 -2.82 25.92 -32.55
N ARG D 183 -2.52 24.70 -32.09
CA ARG D 183 -3.46 23.59 -32.18
C ARG D 183 -3.73 23.05 -30.78
N LEU D 184 -5.02 22.92 -30.45
CA LEU D 184 -5.46 22.36 -29.18
C LEU D 184 -6.06 20.98 -29.44
N THR D 185 -5.51 19.96 -28.81
CA THR D 185 -5.95 18.58 -29.00
C THR D 185 -6.30 17.97 -27.66
N TRP D 186 -7.51 17.43 -27.55
CA TRP D 186 -7.99 16.79 -26.34
C TRP D 186 -8.05 15.29 -26.55
N GLN D 187 -7.31 14.55 -25.72
CA GLN D 187 -7.32 13.10 -25.70
C GLN D 187 -7.83 12.61 -24.34
N PRO D 188 -8.52 11.46 -24.30
CA PRO D 188 -8.79 10.52 -25.39
C PRO D 188 -9.99 10.89 -26.25
N LEU D 189 -10.51 12.12 -26.09
CA LEU D 189 -11.65 12.54 -26.89
C LEU D 189 -11.32 12.58 -28.37
N GLY D 190 -10.07 12.83 -28.71
CA GLY D 190 -9.67 12.92 -30.11
C GLY D 190 -10.30 14.09 -30.84
N VAL D 191 -10.54 15.20 -30.14
CA VAL D 191 -11.13 16.38 -30.71
C VAL D 191 -10.05 17.45 -30.84
N GLN D 192 -9.83 17.93 -32.07
CA GLN D 192 -8.84 18.94 -32.36
C GLN D 192 -9.52 20.23 -32.81
N VAL D 193 -9.05 21.35 -32.29
CA VAL D 193 -9.45 22.67 -32.77
C VAL D 193 -8.19 23.51 -32.92
N ASP D 194 -8.09 24.23 -34.05
CA ASP D 194 -6.99 25.16 -34.25
C ASP D 194 -7.37 26.52 -33.65
N ALA D 195 -6.39 27.21 -33.09
CA ALA D 195 -6.63 28.43 -32.35
C ALA D 195 -5.64 29.51 -32.79
N GLU D 196 -6.06 30.76 -32.62
CA GLU D 196 -5.23 31.92 -32.90
C GLU D 196 -4.93 32.64 -31.59
N ILE D 197 -3.65 32.94 -31.37
CA ILE D 197 -3.19 33.65 -30.18
C ILE D 197 -2.82 35.07 -30.58
N TYR D 198 -3.42 36.04 -29.88
CA TYR D 198 -3.21 37.46 -30.18
C TYR D 198 -1.91 37.91 -29.54
N ALA D 199 -0.83 37.88 -30.32
CA ALA D 199 0.48 38.25 -29.80
C ALA D 199 0.62 39.77 -29.66
N ASP D 200 -0.25 40.54 -30.32
CA ASP D 200 -0.10 41.99 -30.29
C ASP D 200 -0.75 42.62 -29.07
N LEU D 201 -1.82 42.01 -28.54
CA LEU D 201 -2.57 42.62 -27.45
C LEU D 201 -1.83 42.50 -26.12
N ASN D 202 -1.35 41.30 -25.79
CA ASN D 202 -0.56 41.05 -24.58
C ASN D 202 0.73 40.37 -25.01
N PRO D 203 1.72 41.13 -25.45
CA PRO D 203 2.89 40.54 -26.13
C PRO D 203 3.71 39.60 -25.25
N GLN D 204 4.20 40.10 -24.10
CA GLN D 204 5.06 39.26 -23.26
C GLN D 204 4.32 38.02 -22.78
N LEU D 205 3.02 38.16 -22.48
CA LEU D 205 2.22 37.01 -22.07
C LEU D 205 2.15 35.98 -23.19
N ALA D 206 1.83 36.43 -24.42
CA ALA D 206 1.78 35.52 -25.56
C ALA D 206 3.12 34.82 -25.76
N THR D 207 4.22 35.57 -25.62
CA THR D 207 5.53 34.96 -25.75
C THR D 207 5.78 33.92 -24.67
N ASP D 208 5.47 34.25 -23.41
CA ASP D 208 5.69 33.31 -22.31
C ASP D 208 4.91 32.03 -22.50
N VAL D 209 3.68 32.13 -23.01
CA VAL D 209 2.88 30.92 -23.23
C VAL D 209 3.39 30.14 -24.43
N LEU D 210 3.89 30.84 -25.46
CA LEU D 210 4.28 30.16 -26.69
C LEU D 210 5.61 29.42 -26.53
N LYS D 211 6.53 29.97 -25.73
CA LYS D 211 7.81 29.29 -25.52
C LYS D 211 7.62 27.90 -24.92
N ALA D 212 6.67 27.77 -23.99
CA ALA D 212 6.44 26.48 -23.36
C ALA D 212 5.87 25.46 -24.34
N LEU D 213 5.15 25.92 -25.36
CA LEU D 213 4.59 25.01 -26.34
C LEU D 213 5.72 24.24 -27.05
N PRO D 214 5.52 22.96 -27.35
CA PRO D 214 4.30 22.21 -27.06
C PRO D 214 4.29 21.54 -25.68
N PHE D 215 3.12 21.45 -25.05
CA PHE D 215 2.97 20.69 -23.82
C PHE D 215 1.63 19.97 -23.83
N THR D 216 1.57 18.88 -23.07
CA THR D 216 0.34 18.10 -22.88
C THR D 216 0.07 18.03 -21.39
N VAL D 217 -1.00 18.67 -20.94
CA VAL D 217 -1.35 18.74 -19.54
C VAL D 217 -2.80 18.32 -19.35
N LEU D 218 -3.17 18.09 -18.09
CA LEU D 218 -4.53 17.68 -17.77
C LEU D 218 -5.50 18.85 -17.92
N GLN D 219 -6.67 18.56 -18.48
CA GLN D 219 -7.70 19.56 -18.74
C GLN D 219 -8.88 19.31 -17.81
N ASP D 220 -9.27 20.33 -17.05
CA ASP D 220 -10.37 20.23 -16.09
C ASP D 220 -11.29 21.43 -16.23
N HIS D 221 -12.50 21.28 -15.71
CA HIS D 221 -13.56 22.26 -15.88
C HIS D 221 -13.54 23.30 -14.77
N ALA D 222 -14.23 24.41 -15.00
CA ALA D 222 -14.37 25.48 -14.03
C ALA D 222 -15.57 25.20 -13.12
N VAL D 223 -15.35 25.30 -11.82
CA VAL D 223 -16.37 24.87 -10.86
C VAL D 223 -17.37 25.98 -10.58
N VAL D 224 -16.92 27.24 -10.55
CA VAL D 224 -17.78 28.34 -10.16
C VAL D 224 -18.05 29.31 -11.31
N SER D 225 -17.09 29.52 -12.22
CA SER D 225 -17.25 30.55 -13.23
C SER D 225 -18.42 30.26 -14.15
N GLY D 226 -18.51 29.05 -14.66
CA GLY D 226 -19.58 28.67 -15.55
C GLY D 226 -19.11 27.57 -16.48
N GLU D 227 -19.46 27.72 -17.77
CA GLU D 227 -19.05 26.77 -18.80
C GLU D 227 -17.67 27.19 -19.32
N SER D 228 -16.64 26.77 -18.58
CA SER D 228 -15.27 27.11 -18.92
C SER D 228 -14.36 25.93 -18.55
N MET D 229 -13.26 25.81 -19.27
CA MET D 229 -12.26 24.78 -19.05
C MET D 229 -10.90 25.43 -18.81
N TYR D 230 -10.13 24.89 -17.87
CA TYR D 230 -8.78 25.39 -17.65
C TYR D 230 -7.81 24.24 -17.44
N ALA D 231 -6.55 24.47 -17.80
CA ALA D 231 -5.47 23.53 -17.61
C ALA D 231 -4.26 24.27 -17.09
N TRP D 232 -3.61 23.73 -16.07
CA TRP D 232 -2.47 24.39 -15.45
C TRP D 232 -1.25 24.29 -16.35
N ALA D 233 -0.86 25.42 -16.95
CA ALA D 233 0.28 25.42 -17.86
C ALA D 233 1.59 25.28 -17.09
N PRO D 234 2.61 24.64 -17.69
CA PRO D 234 3.90 24.46 -17.01
C PRO D 234 4.78 25.70 -17.09
N LEU D 235 4.32 26.80 -16.51
CA LEU D 235 5.07 28.05 -16.54
C LEU D 235 4.58 28.98 -15.45
N VAL D 236 5.41 29.97 -15.14
CA VAL D 236 5.05 31.08 -14.27
C VAL D 236 5.41 32.37 -15.00
N SER D 237 4.41 33.20 -15.29
CA SER D 237 4.59 34.39 -16.10
C SER D 237 4.31 35.64 -15.27
N VAL D 238 5.25 36.57 -15.27
CA VAL D 238 5.06 37.88 -14.65
C VAL D 238 4.83 38.95 -15.72
N ALA D 239 4.34 38.56 -16.89
CA ALA D 239 4.24 39.48 -18.01
C ALA D 239 3.21 40.57 -17.75
N PRO D 240 3.43 41.78 -18.26
CA PRO D 240 2.40 42.81 -18.20
C PRO D 240 1.16 42.37 -18.96
N THR D 241 -0.01 42.65 -18.38
CA THR D 241 -1.30 42.22 -18.90
C THR D 241 -2.15 43.46 -19.20
N PRO D 242 -1.86 44.16 -20.30
CA PRO D 242 -2.63 45.38 -20.62
C PRO D 242 -4.05 45.09 -21.08
N VAL D 243 -4.22 44.13 -21.98
CA VAL D 243 -5.54 43.83 -22.54
C VAL D 243 -6.16 42.69 -21.74
N ARG D 244 -7.21 43.02 -20.98
CA ARG D 244 -7.98 42.03 -20.24
C ARG D 244 -9.45 42.19 -20.61
N GLU D 245 -10.18 41.08 -20.56
CA GLU D 245 -11.59 41.04 -20.93
C GLU D 245 -12.40 40.44 -19.79
N ARG D 246 -13.59 41.00 -19.56
CA ARG D 246 -14.50 40.43 -18.57
C ARG D 246 -14.90 39.02 -18.98
N ILE D 247 -14.77 38.08 -18.03
CA ILE D 247 -15.09 36.69 -18.31
C ILE D 247 -16.54 36.54 -18.74
N CYS D 248 -17.43 37.38 -18.22
CA CYS D 248 -18.84 37.28 -18.55
C CYS D 248 -19.11 37.67 -20.00
N ASP D 249 -18.38 38.66 -20.51
CA ASP D 249 -18.60 39.16 -21.87
C ASP D 249 -17.77 38.43 -22.91
N ALA D 250 -17.00 37.43 -22.52
CA ALA D 250 -16.08 36.79 -23.45
C ALA D 250 -16.84 36.03 -24.54
N PRO D 251 -16.34 36.02 -25.76
CA PRO D 251 -17.00 35.25 -26.82
C PRO D 251 -16.69 33.77 -26.71
N VAL D 252 -17.53 32.97 -27.38
CA VAL D 252 -17.30 31.53 -27.41
C VAL D 252 -16.00 31.24 -28.14
N GLY D 253 -15.18 30.37 -27.56
CA GLY D 253 -13.85 30.11 -28.08
C GLY D 253 -12.78 31.02 -27.53
N ARG D 254 -13.12 31.93 -26.62
CA ARG D 254 -12.13 32.82 -26.02
C ARG D 254 -11.11 32.03 -25.22
N LEU D 255 -9.83 32.38 -25.42
CA LEU D 255 -8.73 31.80 -24.66
C LEU D 255 -8.19 32.85 -23.70
N ARG D 256 -8.08 32.48 -22.43
CA ARG D 256 -7.59 33.38 -21.40
C ARG D 256 -6.50 32.70 -20.59
N PHE D 257 -5.61 33.51 -20.02
CA PHE D 257 -4.52 33.02 -19.18
C PHE D 257 -4.59 33.76 -17.85
N SER D 258 -5.02 33.06 -16.81
CA SER D 258 -5.14 33.64 -15.46
C SER D 258 -3.86 33.32 -14.71
N GLN D 259 -2.92 34.28 -14.70
CA GLN D 259 -1.66 34.09 -14.01
C GLN D 259 -1.85 33.95 -12.50
N ALA D 260 -2.86 34.62 -11.95
CA ALA D 260 -3.04 34.63 -10.50
C ALA D 260 -3.57 33.29 -10.00
N THR D 261 -4.50 32.68 -10.73
CA THR D 261 -5.15 31.46 -10.30
C THR D 261 -4.46 30.19 -10.79
N GLY D 262 -3.14 30.25 -11.01
CA GLY D 262 -2.39 29.05 -11.31
C GLY D 262 -1.70 29.00 -12.67
N ASN D 263 -1.63 30.14 -13.35
CA ASN D 263 -1.04 30.24 -14.69
C ASN D 263 -1.68 29.22 -15.63
N LYS D 264 -3.01 29.31 -15.72
CA LYS D 264 -3.81 28.33 -16.43
C LYS D 264 -4.16 28.81 -17.83
N VAL D 265 -4.10 27.90 -18.80
CA VAL D 265 -4.64 28.13 -20.13
C VAL D 265 -6.12 27.80 -20.07
N ILE D 266 -6.97 28.81 -20.24
CA ILE D 266 -8.40 28.70 -20.03
C ILE D 266 -9.11 28.82 -21.37
N VAL D 267 -10.00 27.87 -21.65
CA VAL D 267 -10.81 27.86 -22.86
C VAL D 267 -12.27 27.99 -22.45
N GLN D 268 -12.95 29.00 -23.00
CA GLN D 268 -14.37 29.21 -22.75
C GLN D 268 -15.17 28.69 -23.94
N TYR D 269 -16.10 27.77 -23.66
CA TYR D 269 -16.97 27.21 -24.69
C TYR D 269 -18.44 27.53 -24.47
N GLY D 270 -18.77 28.22 -23.39
CA GLY D 270 -20.15 28.56 -23.11
C GLY D 270 -20.27 29.79 -22.24
N PRO D 271 -21.49 30.16 -21.87
CA PRO D 271 -21.70 31.38 -21.08
C PRO D 271 -21.09 31.26 -19.70
N THR D 272 -20.49 32.35 -19.23
CA THR D 272 -19.82 32.41 -17.95
C THR D 272 -20.40 33.52 -17.10
N THR D 273 -20.53 33.26 -15.79
CA THR D 273 -21.17 34.19 -14.87
C THR D 273 -20.20 35.16 -14.23
N GLU D 274 -18.93 34.78 -14.08
CA GLU D 274 -17.98 35.57 -13.31
C GLU D 274 -17.80 36.95 -13.92
N THR D 275 -17.69 37.96 -13.05
CA THR D 275 -17.53 39.35 -13.46
C THR D 275 -16.07 39.79 -13.55
N LEU D 276 -15.14 39.00 -13.01
CA LEU D 276 -13.74 39.38 -13.02
C LEU D 276 -13.19 39.37 -14.45
N SER D 277 -12.13 40.15 -14.66
CA SER D 277 -11.52 40.31 -15.97
C SER D 277 -10.15 39.65 -15.97
N SER D 278 -9.92 38.76 -16.94
CA SER D 278 -8.70 37.98 -17.03
C SER D 278 -7.99 38.27 -18.35
N PRO D 279 -6.66 38.20 -18.38
CA PRO D 279 -5.92 38.50 -19.60
C PRO D 279 -6.34 37.63 -20.77
N VAL D 280 -6.27 38.20 -21.97
CA VAL D 280 -6.75 37.56 -23.20
C VAL D 280 -5.56 37.00 -23.95
N LEU D 281 -5.53 35.68 -24.11
CA LEU D 281 -4.49 35.02 -24.90
C LEU D 281 -4.85 34.98 -26.38
N GLY D 282 -6.06 34.52 -26.70
CA GLY D 282 -6.51 34.44 -28.07
C GLY D 282 -7.94 33.91 -28.20
N LYS D 283 -8.23 33.31 -29.36
CA LYS D 283 -9.57 32.84 -29.63
C LYS D 283 -9.49 31.61 -30.53
N VAL D 284 -10.31 30.60 -30.22
CA VAL D 284 -10.47 29.47 -31.13
C VAL D 284 -11.16 29.97 -32.39
N VAL D 285 -10.71 29.48 -33.55
CA VAL D 285 -11.29 29.91 -34.81
C VAL D 285 -12.79 29.67 -34.81
N ASP D 286 -13.54 30.58 -35.43
CA ASP D 286 -14.99 30.48 -35.43
C ASP D 286 -15.47 29.19 -36.07
N SER D 287 -14.68 28.63 -36.99
CA SER D 287 -15.09 27.40 -37.67
C SER D 287 -15.12 26.22 -36.72
N HIS D 288 -14.20 26.17 -35.76
CA HIS D 288 -14.07 25.04 -34.85
C HIS D 288 -14.78 25.27 -33.52
N ALA D 289 -15.62 26.31 -33.43
CA ALA D 289 -16.27 26.60 -32.16
C ALA D 289 -17.31 25.56 -31.79
N ASP D 290 -17.96 24.94 -32.78
CA ASP D 290 -18.99 23.95 -32.48
C ASP D 290 -18.42 22.69 -31.82
N ARG D 291 -17.16 22.36 -32.12
CA ARG D 291 -16.53 21.20 -31.51
C ARG D 291 -16.32 21.38 -30.01
N LEU D 292 -16.24 22.63 -29.54
CA LEU D 292 -15.89 22.88 -28.15
C LEU D 292 -16.95 22.38 -27.18
N ALA D 293 -18.21 22.32 -27.62
CA ALA D 293 -19.29 21.97 -26.72
C ALA D 293 -19.13 20.56 -26.16
N GLU D 294 -18.78 19.60 -27.01
CA GLU D 294 -18.64 18.22 -26.55
C GLU D 294 -17.47 18.06 -25.61
N VAL D 295 -16.37 18.78 -25.86
CA VAL D 295 -15.21 18.69 -24.98
C VAL D 295 -15.57 19.22 -23.60
N GLY D 296 -16.17 20.40 -23.54
CA GLY D 296 -16.51 20.99 -22.25
C GLY D 296 -17.45 20.12 -21.44
N LYS D 297 -18.44 19.51 -22.10
CA LYS D 297 -19.32 18.60 -21.40
C LYS D 297 -18.58 17.36 -20.92
N ALA D 298 -17.69 16.81 -21.75
CA ALA D 298 -16.89 15.67 -21.33
C ALA D 298 -15.92 16.06 -20.22
N VAL D 299 -15.39 17.28 -20.27
CA VAL D 299 -14.48 17.73 -19.22
C VAL D 299 -15.24 17.97 -17.92
N TRP D 300 -16.49 18.46 -18.01
CA TRP D 300 -17.28 18.71 -16.81
C TRP D 300 -17.52 17.42 -16.04
N GLU D 301 -17.87 16.34 -16.74
CA GLU D 301 -18.09 15.06 -16.07
C GLU D 301 -16.81 14.55 -15.41
N SER D 302 -15.66 14.84 -16.02
CA SER D 302 -14.39 14.42 -15.43
C SER D 302 -14.12 15.18 -14.14
N THR D 303 -14.27 16.51 -14.17
CA THR D 303 -14.03 17.31 -12.97
C THR D 303 -15.11 17.09 -11.92
N PHE D 304 -16.35 16.86 -12.33
CA PHE D 304 -17.45 16.79 -11.39
C PHE D 304 -17.62 15.40 -10.78
N SER D 305 -17.49 14.34 -11.59
CA SER D 305 -17.85 13.01 -11.11
C SER D 305 -16.82 11.93 -11.46
N SER D 306 -16.64 11.65 -12.75
CA SER D 306 -15.92 10.45 -13.16
C SER D 306 -14.44 10.49 -12.77
N LYS D 307 -13.84 11.67 -12.75
CA LYS D 307 -12.42 11.86 -12.45
C LYS D 307 -11.49 11.21 -13.47
N GLU D 308 -12.02 10.73 -14.59
CA GLU D 308 -11.17 10.14 -15.62
C GLU D 308 -10.37 11.25 -16.30
N PRO D 309 -9.06 11.07 -16.49
CA PRO D 309 -8.24 12.16 -17.03
C PRO D 309 -8.51 12.41 -18.50
N VAL D 310 -8.61 13.70 -18.85
CA VAL D 310 -8.63 14.17 -20.23
C VAL D 310 -7.46 15.11 -20.42
N TRP D 311 -6.63 14.83 -21.43
CA TRP D 311 -5.36 15.52 -21.61
C TRP D 311 -5.47 16.54 -22.73
N LEU D 312 -5.03 17.77 -22.44
CA LEU D 312 -5.02 18.86 -23.41
C LEU D 312 -3.60 19.10 -23.90
N THR D 313 -3.42 19.11 -25.22
CA THR D 313 -2.14 19.40 -25.85
C THR D 313 -2.24 20.73 -26.58
N VAL D 314 -1.31 21.63 -26.30
CA VAL D 314 -1.22 22.93 -26.99
C VAL D 314 0.11 22.96 -27.72
N GLU D 315 0.07 23.00 -29.04
CA GLU D 315 1.25 22.91 -29.88
C GLU D 315 1.25 24.04 -30.90
N ARG D 316 2.40 24.26 -31.51
CA ARG D 316 2.61 25.38 -32.43
C ARG D 316 2.51 24.91 -33.87
N LEU D 317 1.61 25.54 -34.64
CA LEU D 317 1.49 25.25 -36.06
C LEU D 317 2.25 26.31 -36.87
N SER E 2 -43.28 0.57 7.65
CA SER E 2 -42.75 -0.78 7.52
C SER E 2 -42.57 -1.15 6.05
N ALA E 3 -41.33 -1.41 5.66
CA ALA E 3 -41.04 -1.74 4.26
C ALA E 3 -41.69 -3.06 3.86
N LEU E 4 -41.57 -4.08 4.71
CA LEU E 4 -42.18 -5.38 4.47
C LEU E 4 -43.04 -5.72 5.68
N PRO E 5 -44.27 -5.21 5.74
CA PRO E 5 -45.08 -5.39 6.95
C PRO E 5 -45.47 -6.84 7.21
N GLU E 6 -45.68 -7.64 6.16
CA GLU E 6 -46.06 -9.03 6.37
C GLU E 6 -44.93 -9.84 6.99
N LEU E 7 -43.68 -9.44 6.74
CA LEU E 7 -42.54 -10.20 7.22
C LEU E 7 -42.35 -10.03 8.74
N ARG E 8 -42.66 -8.85 9.27
CA ARG E 8 -42.43 -8.59 10.69
C ARG E 8 -43.30 -9.49 11.57
N GLU E 9 -44.56 -9.69 11.20
CA GLU E 9 -45.43 -10.57 11.97
C GLU E 9 -44.90 -11.99 11.99
N LEU E 10 -44.29 -12.44 10.88
CA LEU E 10 -43.72 -13.77 10.82
C LEU E 10 -42.52 -13.91 11.73
N ILE E 11 -41.73 -12.84 11.87
CA ILE E 11 -40.54 -12.90 12.72
C ILE E 11 -40.92 -13.05 14.19
N ALA E 12 -41.94 -12.31 14.63
CA ALA E 12 -42.32 -12.33 16.04
C ALA E 12 -42.71 -13.72 16.50
N SER E 13 -43.47 -14.45 15.67
CA SER E 13 -43.82 -15.83 16.03
C SER E 13 -42.62 -16.75 15.93
N PHE E 14 -41.72 -16.50 14.98
CA PHE E 14 -40.60 -17.40 14.74
C PHE E 14 -39.56 -17.35 15.85
N VAL E 15 -39.46 -16.25 16.59
CA VAL E 15 -38.55 -16.24 17.73
C VAL E 15 -39.04 -17.16 18.83
N SER E 16 -40.34 -17.49 18.83
CA SER E 16 -40.91 -18.38 19.82
C SER E 16 -41.44 -19.68 19.23
N GLU E 17 -41.50 -19.80 17.91
CA GLU E 17 -42.06 -20.99 17.28
C GLU E 17 -41.15 -21.46 16.15
N GLU E 18 -41.16 -22.76 15.93
CA GLU E 18 -40.41 -23.36 14.82
C GLU E 18 -41.03 -22.95 13.50
N PRO E 19 -40.25 -22.47 12.54
CA PRO E 19 -40.82 -22.17 11.22
C PRO E 19 -41.32 -23.43 10.56
N PRO E 20 -42.40 -23.35 9.78
CA PRO E 20 -42.90 -24.56 9.11
C PRO E 20 -41.90 -25.14 8.13
N GLU E 21 -41.01 -24.32 7.59
CA GLU E 21 -40.04 -24.79 6.61
C GLU E 21 -38.99 -25.68 7.25
N ILE E 22 -38.52 -25.32 8.45
CA ILE E 22 -37.48 -26.10 9.11
C ILE E 22 -37.96 -27.52 9.36
N ARG E 23 -39.19 -27.66 9.85
CA ARG E 23 -39.77 -28.98 10.09
C ARG E 23 -39.85 -29.78 8.79
N ARG E 24 -40.42 -29.17 7.74
CA ARG E 24 -40.57 -29.88 6.48
C ARG E 24 -39.23 -30.17 5.82
N ILE E 25 -38.19 -29.41 6.15
CA ILE E 25 -36.86 -29.72 5.66
C ILE E 25 -36.25 -30.87 6.46
N ARG E 26 -36.38 -30.84 7.78
CA ARG E 26 -35.78 -31.86 8.64
C ARG E 26 -36.55 -33.17 8.62
N THR E 27 -37.83 -33.15 8.30
CA THR E 27 -38.63 -34.37 8.24
C THR E 27 -38.63 -35.01 6.86
N GLY E 28 -37.98 -34.40 5.87
CA GLY E 28 -38.01 -34.94 4.53
C GLY E 28 -39.32 -34.73 3.80
N THR E 29 -40.11 -33.74 4.23
CA THR E 29 -41.40 -33.45 3.62
C THR E 29 -41.36 -32.20 2.75
N VAL E 30 -40.19 -31.84 2.23
CA VAL E 30 -40.11 -30.71 1.29
C VAL E 30 -40.89 -31.06 0.04
N PRO E 31 -41.69 -30.15 -0.52
CA PRO E 31 -42.62 -30.54 -1.61
C PRO E 31 -41.94 -31.10 -2.84
N ASP E 32 -40.88 -30.45 -3.32
CA ASP E 32 -40.26 -30.82 -4.59
C ASP E 32 -39.36 -32.05 -4.50
N LEU E 33 -39.35 -32.74 -3.37
CA LEU E 33 -38.45 -33.86 -3.12
C LEU E 33 -36.99 -33.51 -3.48
N PRO E 34 -36.40 -32.51 -2.82
CA PRO E 34 -35.01 -32.17 -3.13
C PRO E 34 -34.05 -33.21 -2.58
N GLY E 35 -33.03 -33.52 -3.36
CA GLY E 35 -32.08 -34.55 -2.99
C GLY E 35 -31.76 -35.46 -4.16
N SER E 36 -30.87 -36.42 -3.95
CA SER E 36 -30.45 -37.34 -4.99
C SER E 36 -30.45 -38.76 -4.46
N TYR E 37 -31.01 -39.68 -5.25
CA TYR E 37 -31.02 -41.12 -4.93
C TYR E 37 -31.70 -41.40 -3.60
N GLY E 38 -32.90 -40.83 -3.43
CA GLY E 38 -33.75 -41.15 -2.29
C GLY E 38 -33.20 -40.76 -0.93
N GLN E 39 -32.63 -39.57 -0.80
CA GLN E 39 -32.16 -39.09 0.49
C GLN E 39 -32.17 -37.57 0.49
N TYR E 40 -32.43 -36.98 1.65
CA TYR E 40 -32.58 -35.54 1.78
C TYR E 40 -31.55 -34.92 2.71
N PHE E 41 -30.57 -35.69 3.17
CA PHE E 41 -29.54 -35.14 4.07
C PHE E 41 -28.68 -34.11 3.33
N THR E 42 -28.30 -34.41 2.09
CA THR E 42 -27.52 -33.44 1.32
C THR E 42 -28.34 -32.19 1.03
N ALA E 43 -29.61 -32.36 0.69
CA ALA E 43 -30.49 -31.20 0.54
C ALA E 43 -30.63 -30.45 1.86
N TRP E 44 -30.69 -31.18 2.98
CA TRP E 44 -30.71 -30.56 4.29
C TRP E 44 -29.40 -29.80 4.55
N ASP E 45 -28.26 -30.41 4.19
CA ASP E 45 -26.98 -29.74 4.36
C ASP E 45 -26.94 -28.43 3.58
N PHE E 46 -27.33 -28.47 2.30
CA PHE E 46 -27.35 -27.26 1.50
C PHE E 46 -28.31 -26.23 2.08
N SER E 47 -29.48 -26.69 2.55
CA SER E 47 -30.47 -25.76 3.12
C SER E 47 -29.86 -24.94 4.26
N ASN E 48 -29.29 -25.63 5.26
CA ASN E 48 -28.64 -24.93 6.37
C ASN E 48 -27.44 -24.14 5.90
N SER E 49 -26.64 -24.73 5.00
CA SER E 49 -25.43 -24.06 4.52
C SER E 49 -25.77 -22.78 3.77
N ILE E 50 -26.67 -22.85 2.80
CA ILE E 50 -26.98 -21.68 1.98
C ILE E 50 -27.66 -20.61 2.81
N VAL E 51 -28.57 -20.99 3.70
CA VAL E 51 -29.33 -20.00 4.46
C VAL E 51 -28.42 -19.27 5.45
N ARG E 52 -27.38 -19.94 5.94
CA ARG E 52 -26.47 -19.27 6.88
C ARG E 52 -25.62 -18.23 6.17
N ASP E 53 -25.02 -18.61 5.04
CA ASP E 53 -24.19 -17.67 4.29
C ASP E 53 -25.01 -16.64 3.54
N TYR E 54 -26.27 -16.97 3.21
CA TYR E 54 -27.16 -15.97 2.63
C TYR E 54 -27.44 -14.85 3.63
N ALA E 55 -27.64 -15.20 4.90
CA ALA E 55 -27.84 -14.18 5.92
C ALA E 55 -26.57 -13.36 6.14
N MET E 56 -25.41 -14.00 6.03
CA MET E 56 -24.15 -13.27 6.16
C MET E 56 -24.00 -12.25 5.04
N ASN E 57 -24.33 -12.63 3.81
CA ASN E 57 -24.32 -11.67 2.71
C ASN E 57 -25.35 -10.56 2.94
N LEU E 58 -26.50 -10.90 3.51
CA LEU E 58 -27.58 -9.93 3.63
C LEU E 58 -27.24 -8.82 4.60
N TYR E 59 -26.61 -9.16 5.73
CA TYR E 59 -26.19 -8.11 6.66
C TYR E 59 -25.13 -7.23 6.03
N GLN E 60 -24.13 -7.84 5.38
CA GLN E 60 -23.13 -7.05 4.68
C GLN E 60 -23.75 -6.23 3.57
N LEU E 61 -24.76 -6.78 2.89
CA LEU E 61 -25.52 -6.00 1.93
C LEU E 61 -26.32 -4.89 2.62
N THR E 62 -26.90 -5.21 3.78
CA THR E 62 -27.55 -4.17 4.58
C THR E 62 -26.54 -3.12 5.03
N ARG E 63 -25.31 -3.55 5.32
CA ARG E 63 -24.27 -2.62 5.73
C ARG E 63 -23.91 -1.64 4.61
N LEU E 64 -23.89 -2.13 3.37
CA LEU E 64 -23.56 -1.27 2.24
C LEU E 64 -24.62 -0.20 2.03
N ALA E 65 -25.88 -0.48 2.41
CA ALA E 65 -26.93 0.53 2.29
C ALA E 65 -26.70 1.69 3.25
N THR E 66 -26.11 1.41 4.42
CA THR E 66 -25.79 2.49 5.35
C THR E 66 -24.72 3.41 4.77
N ASP E 67 -23.76 2.84 4.05
CA ASP E 67 -22.74 3.64 3.39
C ASP E 67 -23.36 4.39 2.22
N GLU E 68 -23.26 5.72 2.24
CA GLU E 68 -23.79 6.57 1.20
C GLU E 68 -22.75 6.92 0.15
N SER E 69 -21.59 6.25 0.16
CA SER E 69 -20.64 6.39 -0.94
C SER E 69 -21.15 5.67 -2.18
N VAL E 70 -21.83 4.55 -2.00
CA VAL E 70 -22.40 3.77 -3.10
C VAL E 70 -23.86 4.16 -3.26
N SER E 71 -24.25 4.52 -4.48
CA SER E 71 -25.61 4.96 -4.73
C SER E 71 -26.60 3.80 -4.62
N VAL E 72 -27.88 4.15 -4.53
CA VAL E 72 -28.91 3.14 -4.30
C VAL E 72 -29.00 2.19 -5.50
N GLU E 73 -29.00 2.74 -6.71
CA GLU E 73 -29.09 1.89 -7.90
C GLU E 73 -27.88 0.97 -8.02
N ASN E 74 -26.70 1.46 -7.64
CA ASN E 74 -25.53 0.59 -7.60
C ASN E 74 -25.70 -0.51 -6.56
N LEU E 75 -26.26 -0.17 -5.40
CA LEU E 75 -26.51 -1.17 -4.37
C LEU E 75 -27.53 -2.20 -4.85
N LEU E 76 -28.61 -1.74 -5.46
CA LEU E 76 -29.62 -2.66 -6.00
C LEU E 76 -29.02 -3.56 -7.07
N THR E 77 -28.16 -3.00 -7.92
CA THR E 77 -27.51 -3.81 -8.94
C THR E 77 -26.65 -4.90 -8.31
N VAL E 78 -25.91 -4.56 -7.25
CA VAL E 78 -25.15 -5.56 -6.52
C VAL E 78 -26.07 -6.64 -5.97
N PHE E 79 -27.21 -6.23 -5.40
CA PHE E 79 -28.17 -7.19 -4.90
C PHE E 79 -28.78 -8.00 -6.04
N ARG E 80 -29.18 -7.32 -7.12
CA ARG E 80 -29.78 -8.01 -8.25
C ARG E 80 -28.82 -8.99 -8.92
N THR E 81 -27.52 -8.83 -8.71
CA THR E 81 -26.55 -9.77 -9.26
C THR E 81 -26.25 -10.91 -8.29
N LEU E 82 -26.13 -10.60 -7.00
CA LEU E 82 -25.73 -11.61 -6.02
C LEU E 82 -26.90 -12.44 -5.53
N ASP E 83 -28.03 -11.79 -5.24
CA ASP E 83 -29.13 -12.46 -4.56
C ASP E 83 -29.76 -13.61 -5.35
N PRO E 84 -30.07 -13.47 -6.65
CA PRO E 84 -30.93 -14.48 -7.30
C PRO E 84 -30.47 -15.93 -7.15
N ILE E 85 -29.17 -16.21 -7.20
CA ILE E 85 -28.73 -17.59 -7.11
C ILE E 85 -28.98 -18.15 -5.71
N TYR E 86 -28.89 -17.31 -4.68
CA TYR E 86 -29.18 -17.77 -3.33
C TYR E 86 -30.68 -17.95 -3.11
N SER E 87 -31.49 -17.01 -3.59
CA SER E 87 -32.92 -17.07 -3.32
C SER E 87 -33.58 -18.22 -4.05
N THR E 88 -33.21 -18.46 -5.31
CA THR E 88 -33.88 -19.48 -6.10
C THR E 88 -33.66 -20.87 -5.52
N PHE E 89 -32.41 -21.19 -5.15
CA PHE E 89 -32.12 -22.52 -4.63
C PHE E 89 -32.77 -22.74 -3.26
N LEU E 90 -32.71 -21.72 -2.38
CA LEU E 90 -33.38 -21.84 -1.10
C LEU E 90 -34.88 -21.97 -1.26
N GLY E 91 -35.46 -21.30 -2.26
CA GLY E 91 -36.86 -21.53 -2.57
C GLY E 91 -37.13 -22.96 -2.99
N TYR E 92 -36.22 -23.54 -3.78
CA TYR E 92 -36.33 -24.95 -4.15
C TYR E 92 -36.13 -25.85 -2.94
N ASN E 93 -35.21 -25.47 -2.05
CA ASN E 93 -34.87 -26.30 -0.90
C ASN E 93 -35.58 -25.80 0.36
N GLY E 94 -36.91 -25.77 0.29
CA GLY E 94 -37.72 -25.64 1.47
C GLY E 94 -37.95 -24.24 1.99
N PHE E 95 -37.53 -23.19 1.28
CA PHE E 95 -37.78 -21.80 1.69
C PHE E 95 -38.42 -21.04 0.53
N PRO E 96 -39.63 -21.41 0.13
CA PRO E 96 -40.25 -20.71 -1.01
C PRO E 96 -40.59 -19.26 -0.72
N VAL E 97 -40.96 -18.94 0.52
CA VAL E 97 -41.30 -17.57 0.87
C VAL E 97 -40.07 -16.67 0.82
N LEU E 98 -38.90 -17.22 1.10
CA LEU E 98 -37.67 -16.43 1.10
C LEU E 98 -37.40 -15.83 -0.27
N ALA E 99 -37.62 -16.61 -1.33
CA ALA E 99 -37.40 -16.09 -2.68
C ALA E 99 -38.41 -15.01 -3.03
N GLU E 100 -39.64 -15.15 -2.56
CA GLU E 100 -40.68 -14.17 -2.86
C GLU E 100 -40.29 -12.78 -2.38
N TYR E 101 -39.85 -12.68 -1.12
CA TYR E 101 -39.59 -11.36 -0.55
C TYR E 101 -38.27 -10.78 -1.02
N ALA E 102 -37.29 -11.61 -1.36
CA ALA E 102 -36.03 -11.10 -1.90
C ALA E 102 -36.27 -10.34 -3.21
N GLN E 103 -37.18 -10.84 -4.04
CA GLN E 103 -37.54 -10.13 -5.26
C GLN E 103 -38.16 -8.78 -4.94
N ARG E 104 -39.03 -8.74 -3.94
CA ARG E 104 -39.66 -7.47 -3.54
C ARG E 104 -38.61 -6.49 -3.03
N VAL E 105 -37.60 -6.98 -2.32
CA VAL E 105 -36.49 -6.12 -1.91
C VAL E 105 -35.71 -5.62 -3.11
N GLY E 106 -35.60 -6.45 -4.16
CA GLY E 106 -34.87 -6.03 -5.34
C GLY E 106 -35.52 -4.90 -6.10
N GLN E 107 -36.85 -4.85 -6.08
CA GLN E 107 -37.55 -3.77 -6.75
C GLN E 107 -37.26 -2.44 -6.06
N SER E 111 -36.43 5.34 -2.05
CA SER E 111 -35.53 5.97 -1.11
C SER E 111 -34.52 4.96 -0.60
N ARG E 112 -33.33 5.46 -0.27
CA ARG E 112 -32.32 4.61 0.36
C ARG E 112 -32.82 4.07 1.70
N ALA E 113 -33.61 4.87 2.42
CA ALA E 113 -34.14 4.42 3.72
C ALA E 113 -35.05 3.21 3.55
N GLU E 114 -35.82 3.16 2.45
CA GLU E 114 -36.65 2.00 2.19
C GLU E 114 -35.80 0.76 1.94
N LEU E 115 -34.75 0.90 1.12
CA LEU E 115 -33.87 -0.23 0.85
C LEU E 115 -33.20 -0.73 2.13
N LEU E 116 -32.84 0.19 3.03
CA LEU E 116 -32.32 -0.23 4.32
C LEU E 116 -33.40 -0.90 5.17
N ASP E 117 -34.62 -0.35 5.14
CA ASP E 117 -35.71 -0.95 5.90
C ASP E 117 -36.08 -2.32 5.35
N ARG E 118 -36.03 -2.48 4.03
CA ARG E 118 -36.28 -3.79 3.43
C ARG E 118 -35.22 -4.80 3.84
N LEU E 119 -33.95 -4.43 3.68
CA LEU E 119 -32.87 -5.37 3.98
C LEU E 119 -32.82 -5.70 5.47
N THR E 120 -33.00 -4.68 6.32
CA THR E 120 -32.96 -4.92 7.76
C THR E 120 -34.05 -5.89 8.20
N THR E 121 -35.26 -5.74 7.63
CA THR E 121 -36.35 -6.64 7.96
C THR E 121 -36.08 -8.05 7.42
N PHE E 122 -35.68 -8.14 6.15
CA PHE E 122 -35.43 -9.44 5.54
C PHE E 122 -34.25 -10.15 6.18
N THR E 123 -33.24 -9.40 6.64
CA THR E 123 -32.09 -10.02 7.28
C THR E 123 -32.49 -10.71 8.58
N GLU E 124 -33.39 -10.10 9.34
CA GLU E 124 -33.88 -10.73 10.56
C GLU E 124 -34.66 -12.00 10.26
N TYR E 125 -35.44 -11.99 9.17
CA TYR E 125 -36.22 -13.16 8.80
C TYR E 125 -35.30 -14.34 8.48
N VAL E 126 -34.26 -14.10 7.69
CA VAL E 126 -33.34 -15.18 7.34
C VAL E 126 -32.52 -15.60 8.55
N ASN E 127 -32.19 -14.66 9.43
CA ASN E 127 -31.36 -14.98 10.59
C ASN E 127 -32.09 -15.90 11.57
N ARG E 128 -33.39 -15.69 11.75
CA ARG E 128 -34.15 -16.57 12.64
C ARG E 128 -34.30 -17.95 12.02
N LEU E 129 -34.49 -18.02 10.69
CA LEU E 129 -34.52 -19.32 10.02
C LEU E 129 -33.18 -20.04 10.17
N THR E 130 -32.09 -19.29 10.15
CA THR E 130 -30.77 -19.89 10.35
C THR E 130 -30.64 -20.45 11.76
N ALA E 131 -31.24 -19.77 12.74
CA ALA E 131 -31.16 -20.24 14.13
C ALA E 131 -31.81 -21.60 14.29
N TRP E 132 -33.06 -21.73 13.85
CA TRP E 132 -33.78 -22.99 14.00
C TRP E 132 -33.12 -24.11 13.21
N SER E 133 -32.54 -23.78 12.06
CA SER E 133 -31.81 -24.79 11.29
C SER E 133 -30.56 -25.25 12.04
N HIS E 134 -29.87 -24.32 12.69
CA HIS E 134 -28.69 -24.69 13.49
C HIS E 134 -29.07 -25.61 14.65
N HIS E 135 -30.21 -25.33 15.29
CA HIS E 135 -30.62 -26.15 16.43
C HIS E 135 -31.01 -27.55 15.99
N TYR E 136 -31.69 -27.69 14.87
CA TYR E 136 -32.23 -28.98 14.45
C TYR E 136 -31.33 -29.75 13.49
N PHE E 137 -30.27 -29.12 12.98
CA PHE E 137 -29.40 -29.82 12.05
C PHE E 137 -28.65 -30.95 12.76
N PRO E 138 -28.46 -32.09 12.12
CA PRO E 138 -27.81 -33.22 12.80
C PRO E 138 -26.29 -33.16 12.76
N TRP E 139 -25.68 -32.51 13.76
CA TRP E 139 -24.24 -32.57 13.92
C TRP E 139 -23.79 -33.77 14.73
N ASP E 140 -24.72 -34.60 15.20
CA ASP E 140 -24.38 -35.76 16.01
C ASP E 140 -23.65 -36.83 15.21
N LEU E 141 -23.83 -36.85 13.89
CA LEU E 141 -23.24 -37.90 13.08
C LEU E 141 -21.72 -37.88 13.13
N ARG E 145 -17.45 -40.85 14.28
CA ARG E 145 -16.50 -41.52 13.41
C ARG E 145 -15.44 -40.55 12.91
N TYR E 146 -15.77 -39.27 12.91
CA TYR E 146 -14.85 -38.21 12.51
C TYR E 146 -14.38 -37.41 13.71
N ARG E 147 -14.11 -38.12 14.81
CA ARG E 147 -13.65 -37.48 16.03
C ARG E 147 -12.15 -37.23 15.98
N TYR E 148 -11.71 -36.17 16.65
CA TYR E 148 -10.30 -35.92 16.83
C TYR E 148 -9.69 -36.97 17.75
N ALA E 149 -8.43 -37.30 17.49
CA ALA E 149 -7.72 -38.21 18.37
C ALA E 149 -7.47 -37.54 19.72
N ALA E 150 -7.63 -38.31 20.80
CA ALA E 150 -7.41 -37.77 22.13
C ALA E 150 -5.97 -37.31 22.31
N GLU E 151 -5.02 -37.96 21.65
CA GLU E 151 -3.64 -37.49 21.68
C GLU E 151 -3.49 -36.20 20.90
N GLU E 152 -4.32 -35.97 19.89
CA GLU E 152 -4.23 -34.74 19.11
C GLU E 152 -4.76 -33.55 19.90
N VAL E 153 -5.84 -33.74 20.67
CA VAL E 153 -6.31 -32.67 21.53
C VAL E 153 -5.37 -32.48 22.72
N ALA E 154 -4.58 -33.49 23.05
CA ALA E 154 -3.63 -33.39 24.15
C ALA E 154 -2.39 -32.62 23.73
N LEU E 173 -10.64 -1.81 29.20
CA LEU E 173 -10.95 -0.39 29.41
C LEU E 173 -12.38 -0.22 29.91
N GLY E 174 -12.86 1.01 29.89
CA GLY E 174 -14.23 1.31 30.24
C GLY E 174 -14.34 2.06 31.55
N ASP E 175 -15.53 2.61 31.78
CA ASP E 175 -15.86 3.40 32.96
C ASP E 175 -16.94 2.68 33.75
N PRO E 176 -16.74 2.39 35.04
CA PRO E 176 -17.73 1.58 35.77
C PRO E 176 -19.13 2.20 35.84
N SER E 177 -19.23 3.53 35.93
CA SER E 177 -20.55 4.16 36.02
C SER E 177 -21.42 3.83 34.83
N GLN E 178 -20.81 3.64 33.66
CA GLN E 178 -21.54 3.35 32.44
C GLN E 178 -21.85 1.87 32.27
N ARG E 179 -21.24 1.00 33.07
CA ARG E 179 -21.57 -0.41 33.03
C ARG E 179 -23.03 -0.62 33.44
N ILE E 180 -23.75 -1.41 32.66
CA ILE E 180 -25.18 -1.62 32.85
C ILE E 180 -25.40 -3.04 33.36
N PRO E 181 -26.12 -3.24 34.45
CA PRO E 181 -26.36 -4.60 34.94
C PRO E 181 -27.44 -5.30 34.12
N VAL E 182 -27.17 -6.55 33.78
CA VAL E 182 -28.11 -7.40 33.05
C VAL E 182 -28.11 -8.79 33.66
N ARG E 183 -29.24 -9.47 33.53
CA ARG E 183 -29.41 -10.82 34.03
C ARG E 183 -29.67 -11.76 32.85
N LEU E 184 -28.94 -12.89 32.83
CA LEU E 184 -29.13 -13.94 31.84
C LEU E 184 -29.71 -15.16 32.56
N THR E 185 -30.88 -15.60 32.13
CA THR E 185 -31.56 -16.73 32.72
C THR E 185 -31.80 -17.79 31.65
N TRP E 186 -31.45 -19.04 31.96
CA TRP E 186 -31.59 -20.15 31.03
C TRP E 186 -32.63 -21.13 31.56
N GLN E 187 -33.64 -21.40 30.75
CA GLN E 187 -34.66 -22.40 31.04
C GLN E 187 -34.70 -23.42 29.89
N PRO E 188 -35.11 -24.67 30.18
CA PRO E 188 -35.62 -25.21 31.44
C PRO E 188 -34.53 -25.64 32.43
N LEU E 189 -33.33 -25.10 32.28
CA LEU E 189 -32.23 -25.48 33.16
C LEU E 189 -32.45 -24.96 34.58
N GLY E 190 -33.14 -23.83 34.74
CA GLY E 190 -33.30 -23.23 36.04
C GLY E 190 -32.08 -22.50 36.54
N VAL E 191 -31.16 -22.13 35.64
CA VAL E 191 -29.90 -21.49 36.00
C VAL E 191 -29.91 -20.07 35.44
N GLN E 192 -29.53 -19.11 36.28
CA GLN E 192 -29.54 -17.71 35.90
C GLN E 192 -28.25 -17.04 36.39
N VAL E 193 -27.67 -16.20 35.55
CA VAL E 193 -26.49 -15.42 35.91
C VAL E 193 -26.76 -13.95 35.61
N ASP E 194 -26.07 -13.08 36.33
CA ASP E 194 -26.13 -11.64 36.13
C ASP E 194 -24.83 -11.15 35.52
N ALA E 195 -24.94 -10.27 34.53
CA ALA E 195 -23.77 -9.78 33.81
C ALA E 195 -23.80 -8.25 33.77
N GLU E 196 -22.71 -7.69 33.26
CA GLU E 196 -22.55 -6.24 33.13
C GLU E 196 -22.26 -5.91 31.68
N ILE E 197 -23.19 -5.21 31.02
CA ILE E 197 -22.94 -4.70 29.68
C ILE E 197 -21.94 -3.56 29.76
N TYR E 198 -20.92 -3.61 28.91
CA TYR E 198 -19.90 -2.56 28.86
C TYR E 198 -20.34 -1.55 27.81
N ALA E 199 -20.91 -0.43 28.27
CA ALA E 199 -21.47 0.55 27.35
C ALA E 199 -20.40 1.40 26.68
N ASP E 200 -19.27 1.63 27.34
CA ASP E 200 -18.26 2.53 26.78
C ASP E 200 -17.63 1.95 25.52
N LEU E 201 -17.29 0.65 25.54
CA LEU E 201 -16.42 0.09 24.51
C LEU E 201 -17.10 0.10 23.15
N ASN E 202 -18.39 -0.22 23.10
CA ASN E 202 -19.19 -0.16 21.86
C ASN E 202 -20.52 0.50 22.19
N PRO E 203 -20.56 1.83 22.23
CA PRO E 203 -21.74 2.54 22.76
C PRO E 203 -23.00 2.33 21.94
N GLN E 204 -22.94 2.53 20.62
CA GLN E 204 -24.12 2.36 19.79
C GLN E 204 -24.61 0.91 19.82
N LEU E 205 -23.67 -0.04 19.87
CA LEU E 205 -24.06 -1.45 19.91
C LEU E 205 -24.75 -1.79 21.22
N ALA E 206 -24.16 -1.39 22.35
CA ALA E 206 -24.75 -1.68 23.65
C ALA E 206 -26.17 -1.13 23.75
N THR E 207 -26.40 0.07 23.21
CA THR E 207 -27.74 0.62 23.22
C THR E 207 -28.69 -0.19 22.35
N ASP E 208 -28.23 -0.60 21.17
CA ASP E 208 -29.08 -1.39 20.28
C ASP E 208 -29.45 -2.73 20.90
N VAL E 209 -28.53 -3.33 21.65
CA VAL E 209 -28.85 -4.56 22.36
C VAL E 209 -29.83 -4.29 23.49
N LEU E 210 -29.65 -3.16 24.17
CA LEU E 210 -30.51 -2.85 25.33
C LEU E 210 -31.96 -2.63 24.92
N LYS E 211 -32.19 -2.04 23.74
CA LYS E 211 -33.56 -1.80 23.29
C LYS E 211 -34.32 -3.11 23.14
N ALA E 212 -33.70 -4.12 22.54
CA ALA E 212 -34.36 -5.42 22.40
C ALA E 212 -34.58 -6.07 23.76
N LEU E 213 -33.70 -5.81 24.73
CA LEU E 213 -33.90 -6.33 26.07
C LEU E 213 -35.19 -5.75 26.65
N PRO E 214 -36.03 -6.57 27.29
CA PRO E 214 -35.81 -8.01 27.48
C PRO E 214 -36.26 -8.85 26.28
N PHE E 215 -35.54 -9.93 26.00
CA PHE E 215 -35.96 -10.89 24.98
C PHE E 215 -35.68 -12.30 25.47
N THR E 216 -36.48 -13.25 24.98
CA THR E 216 -36.33 -14.67 25.27
C THR E 216 -36.17 -15.41 23.96
N VAL E 217 -35.00 -16.02 23.76
CA VAL E 217 -34.68 -16.71 22.51
C VAL E 217 -34.01 -18.04 22.83
N LEU E 218 -33.93 -18.88 21.80
CA LEU E 218 -33.32 -20.20 21.94
C LEU E 218 -31.80 -20.07 22.11
N GLN E 219 -31.23 -21.01 22.85
CA GLN E 219 -29.79 -21.06 23.08
C GLN E 219 -29.21 -22.28 22.38
N ASP E 220 -28.10 -22.09 21.68
CA ASP E 220 -27.45 -23.17 20.95
C ASP E 220 -25.94 -23.03 21.06
N HIS E 221 -25.25 -24.14 20.86
CA HIS E 221 -23.82 -24.26 21.10
C HIS E 221 -23.04 -24.14 19.80
N ALA E 222 -21.86 -23.52 19.89
CA ALA E 222 -21.01 -23.37 18.73
C ALA E 222 -20.47 -24.72 18.29
N VAL E 223 -20.57 -25.01 16.99
CA VAL E 223 -20.13 -26.30 16.48
C VAL E 223 -18.63 -26.30 16.19
N VAL E 224 -18.07 -25.16 15.82
CA VAL E 224 -16.68 -25.07 15.37
C VAL E 224 -15.79 -24.36 16.37
N SER E 225 -16.29 -23.27 16.98
CA SER E 225 -15.43 -22.39 17.75
C SER E 225 -14.82 -23.09 18.96
N GLY E 226 -15.64 -23.79 19.72
CA GLY E 226 -15.17 -24.47 20.91
C GLY E 226 -16.27 -24.50 21.96
N GLU E 227 -15.88 -24.26 23.22
CA GLU E 227 -16.82 -24.23 24.33
C GLU E 227 -17.45 -22.84 24.39
N SER E 228 -18.41 -22.62 23.50
CA SER E 228 -19.08 -21.34 23.40
C SER E 228 -20.54 -21.55 23.02
N MET E 229 -21.38 -20.58 23.37
CA MET E 229 -22.80 -20.60 23.08
C MET E 229 -23.20 -19.27 22.47
N TYR E 230 -24.20 -19.30 21.59
CA TYR E 230 -24.76 -18.06 21.06
C TYR E 230 -26.28 -18.15 21.01
N ALA E 231 -26.92 -16.99 21.10
CA ALA E 231 -28.37 -16.87 21.02
C ALA E 231 -28.72 -15.72 20.10
N TRP E 232 -29.56 -15.98 19.10
CA TRP E 232 -29.92 -14.98 18.11
C TRP E 232 -30.76 -13.89 18.75
N ALA E 233 -30.23 -12.67 18.77
CA ALA E 233 -30.99 -11.53 19.28
C ALA E 233 -31.99 -11.05 18.23
N PRO E 234 -33.16 -10.56 18.67
CA PRO E 234 -34.19 -10.10 17.72
C PRO E 234 -33.94 -8.69 17.21
N LEU E 235 -32.80 -8.51 16.53
CA LEU E 235 -32.44 -7.20 16.01
C LEU E 235 -31.40 -7.37 14.92
N VAL E 236 -31.22 -6.31 14.12
CA VAL E 236 -30.14 -6.21 13.15
C VAL E 236 -29.41 -4.91 13.42
N SER E 237 -28.12 -4.99 13.77
CA SER E 237 -27.35 -3.85 14.24
C SER E 237 -26.30 -3.45 13.21
N VAL E 238 -26.36 -2.19 12.76
CA VAL E 238 -25.33 -1.63 11.88
C VAL E 238 -24.44 -0.74 12.71
N ALA E 239 -24.50 -0.93 14.02
CA ALA E 239 -23.72 -0.11 14.93
C ALA E 239 -22.23 -0.43 14.77
N PRO E 240 -21.37 0.58 14.83
CA PRO E 240 -19.93 0.34 14.65
C PRO E 240 -19.35 -0.48 15.78
N THR E 241 -18.20 -1.09 15.50
CA THR E 241 -17.50 -1.96 16.44
C THR E 241 -16.05 -1.49 16.58
N PRO E 242 -15.82 -0.43 17.37
CA PRO E 242 -14.44 0.03 17.55
C PRO E 242 -13.61 -0.90 18.43
N VAL E 243 -14.18 -1.41 19.51
CA VAL E 243 -13.46 -2.26 20.45
C VAL E 243 -13.94 -3.69 20.28
N ARG E 244 -13.01 -4.59 20.00
CA ARG E 244 -13.32 -6.01 19.83
C ARG E 244 -12.17 -6.84 20.40
N GLU E 245 -12.46 -8.11 20.65
CA GLU E 245 -11.52 -9.03 21.28
C GLU E 245 -11.47 -10.33 20.49
N ARG E 246 -10.27 -10.89 20.36
CA ARG E 246 -10.12 -12.17 19.69
C ARG E 246 -10.90 -13.26 20.43
N ILE E 247 -11.56 -14.13 19.66
CA ILE E 247 -12.35 -15.20 20.27
C ILE E 247 -11.47 -16.10 21.12
N CYS E 248 -10.27 -16.42 20.64
CA CYS E 248 -9.37 -17.26 21.41
C CYS E 248 -8.87 -16.56 22.66
N ASP E 249 -8.69 -15.23 22.61
CA ASP E 249 -8.16 -14.49 23.73
C ASP E 249 -9.21 -14.15 24.78
N ALA E 250 -10.49 -14.20 24.43
CA ALA E 250 -11.54 -13.73 25.32
C ALA E 250 -11.63 -14.60 26.58
N PRO E 251 -11.94 -13.99 27.72
CA PRO E 251 -12.02 -14.75 28.97
C PRO E 251 -13.36 -15.46 29.13
N VAL E 252 -13.45 -16.26 30.19
CA VAL E 252 -14.68 -16.99 30.48
C VAL E 252 -15.77 -16.01 30.90
N GLY E 253 -16.99 -16.24 30.39
CA GLY E 253 -18.09 -15.35 30.66
C GLY E 253 -18.16 -14.13 29.76
N ARG E 254 -17.26 -14.02 28.78
CA ARG E 254 -17.27 -12.88 27.87
C ARG E 254 -18.54 -12.88 27.02
N LEU E 255 -19.17 -11.71 26.92
CA LEU E 255 -20.36 -11.54 26.11
C LEU E 255 -19.96 -10.86 24.80
N ARG E 256 -20.28 -11.51 23.68
CA ARG E 256 -19.94 -11.01 22.36
C ARG E 256 -21.18 -10.93 21.49
N PHE E 257 -21.20 -9.93 20.61
CA PHE E 257 -22.32 -9.69 19.70
C PHE E 257 -21.75 -9.63 18.29
N SER E 258 -22.06 -10.64 17.47
CA SER E 258 -21.52 -10.74 16.12
C SER E 258 -22.63 -10.40 15.13
N GLN E 259 -22.61 -9.16 14.64
CA GLN E 259 -23.55 -8.72 13.61
C GLN E 259 -23.45 -9.58 12.36
N ALA E 260 -22.21 -9.93 11.96
CA ALA E 260 -22.01 -10.67 10.72
C ALA E 260 -22.61 -12.06 10.81
N THR E 261 -22.44 -12.73 11.94
CA THR E 261 -22.97 -14.08 12.13
C THR E 261 -24.43 -14.08 12.58
N GLY E 262 -25.16 -12.99 12.35
CA GLY E 262 -26.58 -12.95 12.61
C GLY E 262 -27.01 -12.22 13.86
N ASN E 263 -26.24 -11.24 14.33
CA ASN E 263 -26.58 -10.46 15.52
C ASN E 263 -26.79 -11.37 16.73
N LYS E 264 -25.96 -12.41 16.85
CA LYS E 264 -26.07 -13.33 17.96
C LYS E 264 -25.44 -12.74 19.21
N VAL E 265 -26.01 -13.08 20.36
CA VAL E 265 -25.43 -12.77 21.66
C VAL E 265 -24.66 -14.01 22.11
N ILE E 266 -23.33 -13.92 22.08
CA ILE E 266 -22.45 -15.07 22.25
C ILE E 266 -21.89 -15.07 23.67
N VAL E 267 -21.99 -16.22 24.34
CA VAL E 267 -21.42 -16.41 25.67
C VAL E 267 -20.38 -17.51 25.58
N GLN E 268 -19.21 -17.26 26.16
CA GLN E 268 -18.12 -18.22 26.19
C GLN E 268 -17.92 -18.71 27.62
N TYR E 269 -18.05 -20.02 27.81
CA TYR E 269 -17.83 -20.63 29.12
C TYR E 269 -16.55 -21.44 29.21
N GLY E 270 -15.84 -21.61 28.09
CA GLY E 270 -14.59 -22.34 28.07
C GLY E 270 -13.65 -21.83 27.00
N PRO E 271 -12.45 -22.41 26.94
CA PRO E 271 -11.47 -21.96 25.94
C PRO E 271 -11.98 -22.18 24.52
N THR E 272 -11.77 -21.19 23.66
CA THR E 272 -12.21 -21.23 22.28
C THR E 272 -11.00 -21.16 21.34
N THR E 273 -11.15 -21.79 20.18
CA THR E 273 -10.04 -21.93 19.23
C THR E 273 -10.00 -20.85 18.16
N GLU E 274 -11.12 -20.19 17.86
CA GLU E 274 -11.20 -19.32 16.70
C GLU E 274 -10.25 -18.12 16.83
N THR E 275 -9.69 -17.72 15.69
CA THR E 275 -8.71 -16.64 15.64
C THR E 275 -9.36 -15.30 15.27
N LEU E 276 -10.65 -15.28 14.96
CA LEU E 276 -11.31 -14.06 14.54
C LEU E 276 -11.59 -13.17 15.76
N SER E 277 -11.78 -11.88 15.48
CA SER E 277 -12.07 -10.89 16.52
C SER E 277 -13.53 -10.49 16.44
N SER E 278 -14.21 -10.53 17.58
CA SER E 278 -15.63 -10.24 17.67
C SER E 278 -15.86 -9.16 18.72
N PRO E 279 -16.89 -8.33 18.53
CA PRO E 279 -17.14 -7.23 19.48
C PRO E 279 -17.44 -7.74 20.88
N VAL E 280 -17.19 -6.87 21.86
CA VAL E 280 -17.35 -7.18 23.27
C VAL E 280 -18.58 -6.43 23.78
N LEU E 281 -19.64 -7.18 24.09
CA LEU E 281 -20.82 -6.56 24.69
C LEU E 281 -20.64 -6.37 26.19
N GLY E 282 -20.12 -7.38 26.88
CA GLY E 282 -19.90 -7.27 28.30
C GLY E 282 -19.29 -8.55 28.84
N LYS E 283 -19.46 -8.76 30.14
CA LYS E 283 -18.97 -9.98 30.77
C LYS E 283 -19.84 -10.34 31.96
N VAL E 284 -19.98 -11.65 32.19
CA VAL E 284 -20.70 -12.13 33.35
C VAL E 284 -19.88 -11.85 34.61
N VAL E 285 -20.58 -11.58 35.71
CA VAL E 285 -19.90 -11.33 36.98
C VAL E 285 -19.09 -12.56 37.37
N ASP E 286 -17.97 -12.32 38.06
CA ASP E 286 -17.07 -13.42 38.43
C ASP E 286 -17.75 -14.43 39.33
N SER E 287 -18.69 -13.97 40.17
CA SER E 287 -19.32 -14.87 41.13
C SER E 287 -20.19 -15.91 40.45
N HIS E 288 -20.81 -15.56 39.33
CA HIS E 288 -21.74 -16.44 38.65
C HIS E 288 -21.11 -17.17 37.47
N ALA E 289 -19.78 -17.30 37.45
CA ALA E 289 -19.11 -17.96 36.33
C ALA E 289 -19.29 -19.48 36.37
N ASP E 290 -19.45 -20.07 37.55
CA ASP E 290 -19.54 -21.53 37.66
C ASP E 290 -20.80 -22.05 36.98
N ARG E 291 -21.91 -21.32 37.07
CA ARG E 291 -23.18 -21.77 36.52
C ARG E 291 -23.17 -21.85 35.00
N LEU E 292 -22.19 -21.26 34.32
CA LEU E 292 -22.18 -21.25 32.87
C LEU E 292 -21.83 -22.60 32.27
N ALA E 293 -20.94 -23.35 32.92
CA ALA E 293 -20.46 -24.61 32.35
C ALA E 293 -21.57 -25.65 32.26
N GLU E 294 -22.34 -25.82 33.35
CA GLU E 294 -23.45 -26.76 33.32
C GLU E 294 -24.48 -26.36 32.27
N VAL E 295 -24.64 -25.07 32.03
CA VAL E 295 -25.49 -24.61 30.92
C VAL E 295 -24.89 -25.04 29.60
N GLY E 296 -23.57 -24.86 29.44
CA GLY E 296 -22.92 -25.24 28.20
C GLY E 296 -23.06 -26.72 27.90
N LYS E 297 -22.97 -27.57 28.92
CA LYS E 297 -23.19 -29.00 28.74
C LYS E 297 -24.60 -29.27 28.23
N ALA E 298 -25.61 -28.70 28.89
CA ALA E 298 -26.98 -28.88 28.45
C ALA E 298 -27.20 -28.30 27.07
N VAL E 299 -26.56 -27.16 26.79
CA VAL E 299 -26.67 -26.56 25.45
C VAL E 299 -25.93 -27.41 24.43
N TRP E 300 -24.80 -28.00 24.81
CA TRP E 300 -24.05 -28.85 23.89
C TRP E 300 -24.87 -30.06 23.48
N GLU E 301 -25.42 -30.78 24.45
CA GLU E 301 -26.24 -31.95 24.13
C GLU E 301 -27.49 -31.54 23.38
N SER E 302 -28.06 -30.38 23.70
CA SER E 302 -29.24 -29.89 23.00
C SER E 302 -28.91 -29.63 21.53
N THR E 303 -27.79 -28.96 21.27
CA THR E 303 -27.42 -28.65 19.89
C THR E 303 -26.90 -29.89 19.16
N PHE E 304 -26.08 -30.69 19.83
CA PHE E 304 -25.39 -31.78 19.14
C PHE E 304 -26.32 -32.96 18.88
N SER E 305 -27.08 -33.38 19.90
CA SER E 305 -27.84 -34.63 19.77
C SER E 305 -29.29 -34.50 20.21
N SER E 306 -29.52 -33.88 21.39
CA SER E 306 -30.84 -33.93 21.99
C SER E 306 -31.88 -33.20 21.16
N LYS E 307 -31.52 -32.05 20.60
CA LYS E 307 -32.46 -31.20 19.85
C LYS E 307 -33.63 -30.75 20.73
N GLU E 308 -33.39 -30.63 22.03
CA GLU E 308 -34.42 -30.22 22.99
C GLU E 308 -34.19 -28.76 23.38
N PRO E 309 -35.22 -27.92 23.27
CA PRO E 309 -35.01 -26.48 23.36
C PRO E 309 -34.56 -26.02 24.74
N VAL E 310 -33.57 -25.14 24.75
CA VAL E 310 -33.15 -24.40 25.93
C VAL E 310 -33.20 -22.91 25.58
N TRP E 311 -33.94 -22.14 26.37
CA TRP E 311 -34.22 -20.74 26.05
C TRP E 311 -33.46 -19.82 26.99
N LEU E 312 -32.91 -18.74 26.44
CA LEU E 312 -32.20 -17.73 27.21
C LEU E 312 -33.03 -16.45 27.28
N THR E 313 -33.27 -15.97 28.49
CA THR E 313 -33.95 -14.70 28.72
C THR E 313 -32.93 -13.71 29.29
N VAL E 314 -32.71 -12.62 28.56
CA VAL E 314 -31.79 -11.57 29.00
C VAL E 314 -32.61 -10.35 29.37
N GLU E 315 -32.32 -9.78 30.55
CA GLU E 315 -33.08 -8.67 31.09
C GLU E 315 -32.12 -7.70 31.75
N ARG E 316 -32.56 -6.45 31.91
CA ARG E 316 -31.76 -5.40 32.52
C ARG E 316 -32.18 -5.22 33.97
N LEU E 317 -31.21 -5.33 34.89
CA LEU E 317 -31.48 -5.14 36.31
C LEU E 317 -31.20 -3.69 36.71
N MET F 1 0.67 -10.62 -19.47
CA MET F 1 0.76 -11.55 -18.35
C MET F 1 -0.55 -11.52 -17.55
N SER F 2 -0.43 -11.65 -16.23
CA SER F 2 -1.58 -11.55 -15.33
C SER F 2 -1.11 -10.97 -14.00
N ALA F 3 -2.07 -10.45 -13.23
CA ALA F 3 -1.73 -9.75 -12.00
C ALA F 3 -1.15 -10.70 -10.94
N LEU F 4 -1.74 -11.89 -10.80
CA LEU F 4 -1.34 -12.85 -9.79
C LEU F 4 -0.89 -14.15 -10.47
N PRO F 5 0.30 -14.17 -11.06
CA PRO F 5 0.75 -15.40 -11.73
C PRO F 5 1.02 -16.54 -10.77
N GLU F 6 1.39 -16.24 -9.53
CA GLU F 6 1.61 -17.29 -8.55
C GLU F 6 0.32 -18.09 -8.30
N LEU F 7 -0.82 -17.40 -8.30
CA LEU F 7 -2.09 -18.08 -8.10
C LEU F 7 -2.45 -18.91 -9.34
N ARG F 8 -2.03 -18.48 -10.53
CA ARG F 8 -2.27 -19.26 -11.73
C ARG F 8 -1.53 -20.59 -11.70
N GLU F 9 -0.35 -20.60 -11.08
CA GLU F 9 0.42 -21.84 -11.00
C GLU F 9 -0.28 -22.87 -10.12
N LEU F 10 -0.89 -22.43 -9.03
CA LEU F 10 -1.57 -23.35 -8.12
C LEU F 10 -2.78 -23.98 -8.78
N ILE F 11 -3.52 -23.22 -9.60
CA ILE F 11 -4.70 -23.76 -10.26
C ILE F 11 -4.31 -24.90 -11.20
N ALA F 12 -3.24 -24.69 -11.98
CA ALA F 12 -2.81 -25.72 -12.92
C ALA F 12 -2.35 -26.98 -12.19
N SER F 13 -1.70 -26.82 -11.04
CA SER F 13 -1.26 -27.99 -10.28
C SER F 13 -2.44 -28.68 -9.61
N PHE F 14 -3.43 -27.91 -9.14
CA PHE F 14 -4.54 -28.48 -8.37
C PHE F 14 -5.54 -29.24 -9.24
N VAL F 15 -5.44 -29.15 -10.56
CA VAL F 15 -6.38 -29.86 -11.42
C VAL F 15 -6.22 -31.37 -11.26
N SER F 16 -4.98 -31.85 -11.27
CA SER F 16 -4.70 -33.27 -11.14
C SER F 16 -4.24 -33.67 -9.75
N GLU F 17 -3.94 -32.70 -8.88
CA GLU F 17 -3.40 -32.97 -7.56
C GLU F 17 -4.37 -32.47 -6.50
N GLU F 18 -4.62 -33.29 -5.49
CA GLU F 18 -5.47 -32.87 -4.39
C GLU F 18 -4.81 -31.70 -3.64
N PRO F 19 -5.55 -30.65 -3.34
CA PRO F 19 -4.97 -29.54 -2.56
C PRO F 19 -4.56 -30.03 -1.19
N PRO F 20 -3.39 -29.58 -0.70
CA PRO F 20 -2.99 -29.99 0.65
C PRO F 20 -3.98 -29.57 1.72
N GLU F 21 -4.64 -28.43 1.53
CA GLU F 21 -5.59 -27.93 2.53
C GLU F 21 -6.81 -28.83 2.61
N ILE F 22 -7.27 -29.36 1.48
CA ILE F 22 -8.40 -30.28 1.51
C ILE F 22 -8.05 -31.57 2.24
N ARG F 23 -6.83 -32.07 2.03
CA ARG F 23 -6.43 -33.30 2.69
C ARG F 23 -6.28 -33.11 4.19
N ARG F 24 -5.76 -31.95 4.62
CA ARG F 24 -5.66 -31.67 6.05
C ARG F 24 -7.04 -31.65 6.70
N ILE F 25 -7.99 -30.98 6.07
CA ILE F 25 -9.37 -30.98 6.56
C ILE F 25 -9.90 -32.42 6.61
N ARG F 26 -9.57 -33.21 5.60
CA ARG F 26 -10.03 -34.59 5.54
C ARG F 26 -9.37 -35.44 6.62
N THR F 27 -8.09 -35.18 6.91
CA THR F 27 -7.34 -35.96 7.89
C THR F 27 -7.39 -35.36 9.29
N GLY F 28 -8.08 -34.24 9.49
CA GLY F 28 -8.10 -33.61 10.78
C GLY F 28 -6.78 -33.03 11.23
N THR F 29 -5.89 -32.73 10.29
CA THR F 29 -4.60 -32.11 10.61
C THR F 29 -4.62 -30.60 10.45
N VAL F 30 -5.80 -29.99 10.52
CA VAL F 30 -5.87 -28.52 10.52
C VAL F 30 -5.16 -28.01 11.76
N PRO F 31 -4.31 -26.96 11.64
CA PRO F 31 -3.41 -26.63 12.77
C PRO F 31 -4.10 -26.36 14.10
N ASP F 32 -5.10 -25.49 14.13
CA ASP F 32 -5.72 -25.08 15.39
C ASP F 32 -6.78 -26.06 15.89
N LEU F 33 -6.85 -27.26 15.29
CA LEU F 33 -7.86 -28.25 15.64
C LEU F 33 -9.27 -27.66 15.72
N PRO F 34 -9.80 -27.14 14.61
CA PRO F 34 -11.15 -26.57 14.63
C PRO F 34 -12.20 -27.65 14.83
N GLY F 35 -13.33 -27.24 15.37
CA GLY F 35 -14.35 -28.16 15.81
C GLY F 35 -14.43 -28.23 17.32
N SER F 36 -15.56 -28.75 17.81
CA SER F 36 -15.86 -28.76 19.23
C SER F 36 -15.88 -30.19 19.76
N TYR F 37 -15.26 -30.37 20.92
CA TYR F 37 -15.26 -31.65 21.65
C TYR F 37 -14.64 -32.76 20.80
N GLY F 38 -13.55 -32.45 20.13
CA GLY F 38 -12.74 -33.45 19.46
C GLY F 38 -13.39 -34.15 18.28
N GLN F 39 -13.96 -33.39 17.35
CA GLN F 39 -14.49 -33.95 16.12
C GLN F 39 -14.40 -32.90 15.03
N TYR F 40 -13.90 -33.30 13.86
CA TYR F 40 -13.67 -32.37 12.77
C TYR F 40 -14.79 -32.33 11.75
N PHE F 41 -15.89 -33.08 11.98
CA PHE F 41 -17.00 -33.04 11.03
C PHE F 41 -17.67 -31.67 11.02
N THR F 42 -17.88 -31.07 12.19
CA THR F 42 -18.50 -29.76 12.26
C THR F 42 -17.68 -28.72 11.51
N ALA F 43 -16.35 -28.80 11.62
CA ALA F 43 -15.50 -27.92 10.84
C ALA F 43 -15.54 -28.28 9.36
N TRP F 44 -15.63 -29.58 9.07
CA TRP F 44 -15.68 -30.03 7.67
C TRP F 44 -16.94 -29.51 6.98
N ASP F 45 -18.08 -29.56 7.66
CA ASP F 45 -19.32 -29.04 7.09
C ASP F 45 -19.19 -27.56 6.78
N PHE F 46 -18.73 -26.78 7.77
CA PHE F 46 -18.55 -25.35 7.56
C PHE F 46 -17.49 -25.07 6.49
N SER F 47 -16.45 -25.90 6.44
CA SER F 47 -15.38 -25.67 5.47
C SER F 47 -15.87 -25.86 4.04
N ASN F 48 -16.58 -26.96 3.78
CA ASN F 48 -17.07 -27.22 2.43
C ASN F 48 -18.13 -26.21 2.01
N SER F 49 -19.02 -25.86 2.94
CA SER F 49 -20.13 -24.97 2.59
C SER F 49 -19.65 -23.55 2.32
N ILE F 50 -18.81 -23.01 3.22
CA ILE F 50 -18.39 -21.63 3.09
C ILE F 50 -17.53 -21.44 1.84
N VAL F 51 -16.60 -22.36 1.59
CA VAL F 51 -15.78 -22.24 0.39
C VAL F 51 -16.64 -22.37 -0.85
N ARG F 52 -17.75 -23.10 -0.77
CA ARG F 52 -18.68 -23.17 -1.89
C ARG F 52 -19.41 -21.85 -2.07
N ASP F 53 -19.87 -21.27 -0.96
CA ASP F 53 -20.61 -20.00 -1.03
C ASP F 53 -19.68 -18.81 -1.20
N TYR F 54 -18.45 -18.89 -0.67
CA TYR F 54 -17.45 -17.89 -0.99
C TYR F 54 -17.14 -17.90 -2.48
N ALA F 55 -17.09 -19.08 -3.09
CA ALA F 55 -16.87 -19.17 -4.52
C ALA F 55 -18.01 -18.56 -5.31
N MET F 56 -19.26 -18.82 -4.87
CA MET F 56 -20.41 -18.24 -5.55
C MET F 56 -20.40 -16.72 -5.44
N ASN F 57 -19.99 -16.18 -4.28
CA ASN F 57 -19.90 -14.74 -4.13
C ASN F 57 -18.85 -14.14 -5.05
N LEU F 58 -17.71 -14.84 -5.20
CA LEU F 58 -16.62 -14.29 -6.00
C LEU F 58 -17.01 -14.15 -7.47
N TYR F 59 -17.70 -15.14 -8.02
CA TYR F 59 -18.13 -15.03 -9.42
C TYR F 59 -19.14 -13.90 -9.61
N GLN F 60 -20.09 -13.78 -8.69
CA GLN F 60 -21.06 -12.69 -8.80
C GLN F 60 -20.40 -11.34 -8.56
N LEU F 61 -19.37 -11.29 -7.71
CA LEU F 61 -18.55 -10.09 -7.63
C LEU F 61 -17.75 -9.90 -8.90
N THR F 62 -17.26 -11.00 -9.49
CA THR F 62 -16.56 -10.93 -10.76
C THR F 62 -17.48 -10.43 -11.87
N ARG F 63 -18.71 -10.95 -11.92
CA ARG F 63 -19.70 -10.44 -12.87
C ARG F 63 -20.06 -8.99 -12.57
N LEU F 64 -20.00 -8.59 -11.30
CA LEU F 64 -20.25 -7.19 -10.95
C LEU F 64 -19.18 -6.28 -11.55
N ALA F 65 -17.95 -6.76 -11.66
CA ALA F 65 -16.90 -5.96 -12.27
C ALA F 65 -17.14 -5.79 -13.76
N THR F 66 -17.83 -6.73 -14.41
CA THR F 66 -18.18 -6.56 -15.81
C THR F 66 -19.07 -5.35 -16.02
N ASP F 67 -19.95 -5.06 -15.06
CA ASP F 67 -20.81 -3.89 -15.16
C ASP F 67 -20.00 -2.63 -14.96
N GLU F 68 -20.02 -1.74 -15.95
CA GLU F 68 -19.33 -0.46 -15.85
C GLU F 68 -20.14 0.58 -15.08
N SER F 69 -21.37 0.25 -14.68
CA SER F 69 -22.16 1.18 -13.87
C SER F 69 -21.62 1.29 -12.45
N VAL F 70 -21.07 0.20 -11.92
CA VAL F 70 -20.48 0.18 -10.59
C VAL F 70 -18.98 0.41 -10.73
N SER F 71 -18.47 1.42 -10.03
CA SER F 71 -17.07 1.81 -10.17
C SER F 71 -16.16 0.82 -9.44
N VAL F 72 -14.86 0.94 -9.73
CA VAL F 72 -13.87 0.07 -9.08
C VAL F 72 -13.82 0.36 -7.58
N GLU F 73 -13.85 1.64 -7.21
CA GLU F 73 -13.88 1.99 -5.79
C GLU F 73 -15.15 1.46 -5.13
N ASN F 74 -16.27 1.47 -5.85
CA ASN F 74 -17.52 0.95 -5.30
C ASN F 74 -17.47 -0.57 -5.18
N LEU F 75 -16.88 -1.25 -6.17
CA LEU F 75 -16.80 -2.70 -6.10
C LEU F 75 -15.83 -3.14 -5.02
N LEU F 76 -14.73 -2.41 -4.84
CA LEU F 76 -13.85 -2.68 -3.72
C LEU F 76 -14.58 -2.47 -2.39
N THR F 77 -15.45 -1.46 -2.35
CA THR F 77 -16.24 -1.21 -1.14
C THR F 77 -17.11 -2.42 -0.79
N VAL F 78 -17.76 -3.01 -1.80
CA VAL F 78 -18.60 -4.16 -1.52
C VAL F 78 -17.78 -5.43 -1.33
N PHE F 79 -16.61 -5.52 -1.98
CA PHE F 79 -15.73 -6.67 -1.75
C PHE F 79 -15.15 -6.62 -0.34
N ARG F 80 -14.62 -5.47 0.07
CA ARG F 80 -14.05 -5.34 1.40
C ARG F 80 -15.09 -5.51 2.50
N THR F 81 -16.38 -5.42 2.17
CA THR F 81 -17.43 -5.59 3.15
C THR F 81 -17.83 -7.05 3.31
N LEU F 82 -18.03 -7.76 2.19
CA LEU F 82 -18.51 -9.14 2.23
C LEU F 82 -17.39 -10.16 2.45
N ASP F 83 -16.19 -9.91 1.92
CA ASP F 83 -15.13 -10.91 1.96
C ASP F 83 -14.66 -11.28 3.36
N PRO F 84 -14.39 -10.34 4.28
CA PRO F 84 -13.66 -10.71 5.52
C PRO F 84 -14.24 -11.88 6.30
N ILE F 85 -15.55 -11.85 6.60
CA ILE F 85 -16.14 -12.92 7.40
C ILE F 85 -15.96 -14.28 6.73
N TYR F 86 -15.98 -14.30 5.38
CA TYR F 86 -15.72 -15.55 4.66
C TYR F 86 -14.23 -15.85 4.58
N SER F 87 -13.43 -14.83 4.26
CA SER F 87 -12.00 -15.04 4.07
C SER F 87 -11.31 -15.41 5.38
N THR F 88 -11.62 -14.69 6.46
CA THR F 88 -10.94 -14.92 7.72
C THR F 88 -11.33 -16.28 8.32
N PHE F 89 -12.59 -16.69 8.16
CA PHE F 89 -13.01 -17.97 8.72
C PHE F 89 -12.37 -19.14 8.00
N LEU F 90 -12.31 -19.09 6.66
CA LEU F 90 -11.72 -20.17 5.90
C LEU F 90 -10.25 -20.35 6.26
N GLY F 91 -9.53 -19.25 6.50
CA GLY F 91 -8.15 -19.35 6.96
C GLY F 91 -8.04 -20.08 8.28
N TYR F 92 -8.91 -19.74 9.23
CA TYR F 92 -8.94 -20.46 10.49
C TYR F 92 -9.39 -21.90 10.31
N ASN F 93 -10.28 -22.15 9.35
CA ASN F 93 -10.86 -23.48 9.14
C ASN F 93 -10.29 -24.16 7.90
N GLY F 94 -8.98 -24.05 7.69
CA GLY F 94 -8.29 -24.89 6.73
C GLY F 94 -8.02 -24.30 5.36
N PHE F 95 -8.23 -23.00 5.16
CA PHE F 95 -7.94 -22.34 3.88
C PHE F 95 -7.15 -21.07 4.14
N PRO F 96 -5.89 -21.20 4.59
CA PRO F 96 -5.13 -20.02 5.01
C PRO F 96 -4.62 -19.16 3.86
N VAL F 97 -4.06 -19.80 2.83
CA VAL F 97 -3.50 -19.06 1.69
C VAL F 97 -4.58 -18.25 1.01
N LEU F 98 -5.83 -18.72 1.05
CA LEU F 98 -6.95 -17.97 0.48
C LEU F 98 -7.10 -16.61 1.16
N ALA F 99 -6.99 -16.58 2.49
CA ALA F 99 -7.12 -15.31 3.20
C ALA F 99 -6.01 -14.34 2.81
N GLU F 100 -4.78 -14.83 2.66
CA GLU F 100 -3.69 -13.97 2.22
C GLU F 100 -3.98 -13.35 0.86
N TYR F 101 -4.40 -14.17 -0.10
CA TYR F 101 -4.68 -13.67 -1.44
C TYR F 101 -5.98 -12.86 -1.48
N ALA F 102 -6.92 -13.15 -0.58
CA ALA F 102 -8.15 -12.37 -0.52
C ALA F 102 -7.86 -10.93 -0.14
N GLN F 103 -6.94 -10.71 0.81
CA GLN F 103 -6.55 -9.36 1.17
C GLN F 103 -5.85 -8.66 0.02
N ARG F 104 -5.15 -9.41 -0.84
CA ARG F 104 -4.49 -8.80 -1.99
C ARG F 104 -5.51 -8.26 -2.98
N VAL F 105 -6.61 -8.99 -3.17
CA VAL F 105 -7.66 -8.54 -4.08
C VAL F 105 -8.30 -7.26 -3.56
N GLY F 106 -8.40 -7.10 -2.24
CA GLY F 106 -9.06 -5.92 -1.69
C GLY F 106 -8.24 -4.66 -1.84
N GLN F 107 -6.92 -4.80 -1.98
CA GLN F 107 -6.06 -3.63 -2.11
C GLN F 107 -6.43 -2.86 -3.39
N PRO F 108 -6.30 -1.54 -3.36
CA PRO F 108 -6.77 -0.72 -4.49
C PRO F 108 -6.03 -1.05 -5.78
N ALA F 109 -6.77 -1.02 -6.89
CA ALA F 109 -6.23 -1.30 -8.21
C ALA F 109 -6.62 -0.17 -9.15
N GLU F 110 -5.71 0.20 -10.05
CA GLU F 110 -5.97 1.30 -10.97
C GLU F 110 -6.99 0.92 -12.02
N SER F 111 -6.87 -0.27 -12.60
CA SER F 111 -7.67 -0.68 -13.75
C SER F 111 -8.74 -1.68 -13.33
N ARG F 112 -9.91 -1.56 -13.96
CA ARG F 112 -10.95 -2.57 -13.77
C ARG F 112 -10.49 -3.93 -14.27
N ALA F 113 -9.62 -3.95 -15.29
CA ALA F 113 -9.08 -5.23 -15.76
C ALA F 113 -8.22 -5.89 -14.69
N GLU F 114 -7.51 -5.09 -13.89
CA GLU F 114 -6.74 -5.66 -12.78
C GLU F 114 -7.67 -6.31 -11.76
N LEU F 115 -8.74 -5.62 -11.37
CA LEU F 115 -9.72 -6.21 -10.48
C LEU F 115 -10.38 -7.42 -11.12
N LEU F 116 -10.59 -7.38 -12.44
CA LEU F 116 -11.18 -8.51 -13.14
C LEU F 116 -10.24 -9.72 -13.13
N ASP F 117 -8.96 -9.49 -13.41
CA ASP F 117 -7.99 -10.59 -13.39
C ASP F 117 -7.81 -11.13 -11.98
N ARG F 118 -7.77 -10.25 -10.98
CA ARG F 118 -7.73 -10.70 -9.59
C ARG F 118 -8.93 -11.58 -9.29
N LEU F 119 -10.13 -11.11 -9.62
CA LEU F 119 -11.34 -11.85 -9.28
C LEU F 119 -11.45 -13.13 -10.11
N THR F 120 -11.11 -13.07 -11.40
CA THR F 120 -11.21 -14.24 -12.25
C THR F 120 -10.27 -15.35 -11.78
N THR F 121 -9.00 -15.01 -11.55
CA THR F 121 -8.03 -16.01 -11.11
C THR F 121 -8.37 -16.54 -9.72
N PHE F 122 -8.79 -15.64 -8.81
CA PHE F 122 -9.15 -16.07 -7.47
C PHE F 122 -10.40 -16.94 -7.49
N THR F 123 -11.39 -16.57 -8.32
CA THR F 123 -12.61 -17.37 -8.41
C THR F 123 -12.30 -18.78 -8.89
N GLU F 124 -11.51 -18.91 -9.96
CA GLU F 124 -11.12 -20.23 -10.45
C GLU F 124 -10.34 -21.00 -9.40
N TYR F 125 -9.47 -20.30 -8.66
CA TYR F 125 -8.73 -20.93 -7.58
C TYR F 125 -9.66 -21.48 -6.51
N VAL F 126 -10.66 -20.69 -6.12
CA VAL F 126 -11.61 -21.14 -5.10
C VAL F 126 -12.55 -22.19 -5.68
N ASN F 127 -12.93 -22.04 -6.95
CA ASN F 127 -13.83 -23.01 -7.57
C ASN F 127 -13.20 -24.39 -7.63
N ARG F 128 -11.90 -24.46 -7.98
CA ARG F 128 -11.21 -25.74 -7.97
C ARG F 128 -11.05 -26.26 -6.55
N LEU F 129 -10.78 -25.37 -5.60
CA LEU F 129 -10.77 -25.77 -4.20
C LEU F 129 -12.14 -26.27 -3.76
N THR F 130 -13.20 -25.59 -4.17
CA THR F 130 -14.55 -26.04 -3.87
C THR F 130 -14.82 -27.39 -4.53
N ALA F 131 -14.32 -27.59 -5.75
CA ALA F 131 -14.52 -28.85 -6.45
C ALA F 131 -13.97 -30.02 -5.66
N TRP F 132 -12.73 -29.91 -5.21
CA TRP F 132 -12.12 -30.99 -4.44
C TRP F 132 -12.83 -31.21 -3.11
N SER F 133 -13.38 -30.15 -2.52
CA SER F 133 -14.09 -30.30 -1.26
C SER F 133 -15.39 -31.08 -1.45
N HIS F 134 -16.07 -30.88 -2.59
CA HIS F 134 -17.29 -31.63 -2.86
C HIS F 134 -17.01 -33.11 -3.02
N HIS F 135 -15.85 -33.47 -3.57
CA HIS F 135 -15.55 -34.88 -3.85
C HIS F 135 -15.38 -35.67 -2.57
N TYR F 136 -14.61 -35.14 -1.61
CA TYR F 136 -14.21 -35.92 -0.44
C TYR F 136 -15.14 -35.75 0.76
N PHE F 137 -16.14 -34.89 0.68
CA PHE F 137 -17.05 -34.73 1.81
C PHE F 137 -17.87 -36.01 2.00
N PRO F 138 -18.06 -36.45 3.25
CA PRO F 138 -18.87 -37.65 3.51
C PRO F 138 -20.37 -37.39 3.39
N TRP F 139 -20.87 -37.45 2.15
CA TRP F 139 -22.29 -37.22 1.92
C TRP F 139 -23.14 -38.40 2.39
N ASP F 140 -22.57 -39.60 2.42
CA ASP F 140 -23.33 -40.80 2.71
C ASP F 140 -23.81 -40.87 4.15
N LEU F 141 -23.23 -40.06 5.05
CA LEU F 141 -23.56 -40.11 6.48
C LEU F 141 -25.05 -40.07 6.75
N TYR F 146 -31.81 -40.92 6.74
CA TYR F 146 -32.52 -39.91 5.95
C TYR F 146 -32.72 -40.39 4.52
N ARG F 147 -33.72 -41.24 4.32
CA ARG F 147 -34.01 -41.78 3.00
C ARG F 147 -35.40 -41.38 2.53
N VAL F 170 -35.74 -26.52 -27.10
CA VAL F 170 -34.47 -25.82 -27.04
C VAL F 170 -33.54 -26.35 -28.13
N ASP F 171 -33.60 -27.66 -28.38
CA ASP F 171 -32.83 -28.23 -29.48
C ASP F 171 -33.33 -27.73 -30.83
N SER F 172 -34.59 -27.31 -30.89
CA SER F 172 -35.14 -26.83 -32.17
C SER F 172 -34.51 -25.52 -32.59
N LEU F 173 -34.28 -24.61 -31.64
CA LEU F 173 -33.71 -23.31 -31.96
C LEU F 173 -32.30 -23.47 -32.50
N GLY F 174 -31.96 -22.65 -33.49
CA GLY F 174 -30.62 -22.64 -34.03
C GLY F 174 -30.49 -23.38 -35.35
N ASP F 175 -29.26 -23.47 -35.81
CA ASP F 175 -28.92 -24.07 -37.09
C ASP F 175 -28.05 -25.31 -36.85
N PRO F 176 -28.44 -26.49 -37.33
CA PRO F 176 -27.59 -27.67 -37.15
C PRO F 176 -26.20 -27.52 -37.76
N SER F 177 -26.05 -26.67 -38.77
CA SER F 177 -24.74 -26.49 -39.40
C SER F 177 -23.76 -25.81 -38.46
N GLN F 178 -24.24 -24.98 -37.53
CA GLN F 178 -23.36 -24.24 -36.64
C GLN F 178 -22.83 -25.10 -35.50
N ARG F 179 -23.55 -26.16 -35.12
CA ARG F 179 -23.16 -26.97 -33.98
C ARG F 179 -21.77 -27.55 -34.18
N ILE F 180 -20.99 -27.61 -33.10
CA ILE F 180 -19.59 -28.03 -33.14
C ILE F 180 -19.47 -29.35 -32.39
N PRO F 181 -18.82 -30.36 -32.95
CA PRO F 181 -18.70 -31.64 -32.26
C PRO F 181 -17.54 -31.68 -31.27
N VAL F 182 -17.75 -32.41 -30.18
CA VAL F 182 -16.73 -32.62 -29.16
C VAL F 182 -16.84 -34.06 -28.67
N ARG F 183 -15.79 -34.52 -27.99
CA ARG F 183 -15.76 -35.85 -27.41
C ARG F 183 -15.49 -35.78 -25.91
N LEU F 184 -16.24 -36.55 -25.15
CA LEU F 184 -16.03 -36.72 -23.72
C LEU F 184 -15.54 -38.14 -23.45
N THR F 185 -14.41 -38.25 -22.76
CA THR F 185 -13.80 -39.54 -22.46
C THR F 185 -13.63 -39.67 -20.96
N TRP F 186 -14.29 -40.67 -20.37
CA TRP F 186 -14.24 -40.89 -18.93
C TRP F 186 -13.29 -42.03 -18.60
N GLN F 187 -12.42 -41.80 -17.62
CA GLN F 187 -11.48 -42.78 -17.10
C GLN F 187 -11.53 -42.76 -15.59
N PRO F 188 -11.21 -43.88 -14.91
CA PRO F 188 -10.74 -45.18 -15.43
C PRO F 188 -11.86 -46.07 -15.97
N LEU F 189 -13.08 -45.52 -16.04
CA LEU F 189 -14.21 -46.29 -16.54
C LEU F 189 -14.02 -46.70 -17.99
N GLY F 190 -13.38 -45.85 -18.79
CA GLY F 190 -13.11 -46.17 -20.18
C GLY F 190 -14.33 -46.12 -21.07
N VAL F 191 -15.16 -45.11 -20.92
CA VAL F 191 -16.38 -44.94 -21.72
C VAL F 191 -16.28 -43.61 -22.47
N GLN F 192 -16.38 -43.67 -23.79
CA GLN F 192 -16.40 -42.48 -24.63
C GLN F 192 -17.79 -42.24 -25.17
N VAL F 193 -18.23 -40.98 -25.13
CA VAL F 193 -19.43 -40.55 -25.83
C VAL F 193 -19.08 -39.28 -26.60
N ASP F 194 -19.74 -39.10 -27.74
CA ASP F 194 -19.54 -37.93 -28.58
C ASP F 194 -20.69 -36.95 -28.34
N ALA F 195 -20.35 -35.67 -28.29
CA ALA F 195 -21.31 -34.64 -27.93
C ALA F 195 -21.24 -33.48 -28.91
N GLU F 196 -22.34 -32.74 -28.99
CA GLU F 196 -22.44 -31.54 -29.80
C GLU F 196 -22.58 -30.32 -28.91
N ILE F 197 -21.86 -29.25 -29.26
CA ILE F 197 -21.92 -27.99 -28.53
C ILE F 197 -22.67 -26.99 -29.40
N TYR F 198 -23.74 -26.43 -28.85
CA TYR F 198 -24.63 -25.53 -29.60
C TYR F 198 -24.05 -24.12 -29.54
N ALA F 199 -23.28 -23.75 -30.57
CA ALA F 199 -22.70 -22.42 -30.64
C ALA F 199 -23.71 -21.35 -31.06
N ASP F 200 -24.77 -21.74 -31.76
CA ASP F 200 -25.74 -20.75 -32.24
C ASP F 200 -26.59 -20.20 -31.10
N LEU F 201 -26.94 -21.04 -30.12
CA LEU F 201 -27.83 -20.61 -29.05
C LEU F 201 -27.13 -19.68 -28.08
N ASN F 202 -25.98 -20.12 -27.54
CA ASN F 202 -25.19 -19.33 -26.59
C ASN F 202 -23.78 -19.23 -27.14
N PRO F 203 -23.51 -18.26 -28.02
CA PRO F 203 -22.22 -18.21 -28.73
C PRO F 203 -21.02 -17.92 -27.83
N GLN F 204 -21.10 -16.84 -27.04
CA GLN F 204 -19.94 -16.44 -26.25
C GLN F 204 -19.61 -17.47 -25.18
N LEU F 205 -20.64 -18.07 -24.57
CA LEU F 205 -20.42 -19.06 -23.54
C LEU F 205 -19.73 -20.30 -24.09
N ALA F 206 -20.23 -20.81 -25.23
CA ALA F 206 -19.63 -22.00 -25.82
C ALA F 206 -18.20 -21.75 -26.26
N THR F 207 -17.93 -20.53 -26.74
CA THR F 207 -16.58 -20.20 -27.20
C THR F 207 -15.58 -20.32 -26.06
N ASP F 208 -15.90 -19.76 -24.90
CA ASP F 208 -14.97 -19.81 -23.76
C ASP F 208 -14.71 -21.24 -23.32
N VAL F 209 -15.73 -22.11 -23.39
CA VAL F 209 -15.53 -23.52 -23.06
C VAL F 209 -14.72 -24.21 -24.16
N LEU F 210 -15.03 -23.89 -25.42
CA LEU F 210 -14.30 -24.51 -26.53
C LEU F 210 -12.83 -24.10 -26.55
N LYS F 211 -12.56 -22.85 -26.15
CA LYS F 211 -11.17 -22.42 -26.03
C LYS F 211 -10.41 -23.26 -25.01
N ALA F 212 -11.05 -23.56 -23.88
CA ALA F 212 -10.39 -24.32 -22.83
C ALA F 212 -10.09 -25.74 -23.27
N LEU F 213 -10.87 -26.28 -24.19
CA LEU F 213 -10.61 -27.62 -24.68
C LEU F 213 -9.24 -27.67 -25.35
N PRO F 214 -8.47 -28.76 -25.17
CA PRO F 214 -8.85 -29.94 -24.40
C PRO F 214 -8.43 -29.90 -22.93
N PHE F 215 -9.35 -30.16 -22.00
CA PHE F 215 -9.01 -30.23 -20.60
C PHE F 215 -9.39 -31.59 -20.02
N THR F 216 -8.67 -31.97 -18.96
CA THR F 216 -8.94 -33.19 -18.21
C THR F 216 -9.21 -32.79 -16.76
N VAL F 217 -10.42 -33.05 -16.27
CA VAL F 217 -10.83 -32.63 -14.94
C VAL F 217 -11.54 -33.78 -14.24
N LEU F 218 -11.63 -33.66 -12.92
CA LEU F 218 -12.33 -34.66 -12.12
C LEU F 218 -13.84 -34.58 -12.34
N GLN F 219 -14.49 -35.73 -12.27
CA GLN F 219 -15.93 -35.83 -12.49
C GLN F 219 -16.63 -36.20 -11.19
N ASP F 220 -17.65 -35.43 -10.83
CA ASP F 220 -18.38 -35.64 -9.58
C ASP F 220 -19.88 -35.51 -9.84
N HIS F 221 -20.66 -36.05 -8.91
CA HIS F 221 -22.10 -36.21 -9.08
C HIS F 221 -22.86 -35.21 -8.22
N ALA F 222 -23.99 -34.73 -8.75
CA ALA F 222 -24.85 -33.84 -7.99
C ALA F 222 -25.48 -34.59 -6.81
N VAL F 223 -25.53 -33.91 -5.66
CA VAL F 223 -26.05 -34.52 -4.44
C VAL F 223 -27.46 -34.05 -4.11
N VAL F 224 -27.96 -33.00 -4.77
CA VAL F 224 -29.28 -32.45 -4.47
C VAL F 224 -30.10 -32.37 -5.75
N SER F 225 -29.44 -32.08 -6.88
CA SER F 225 -30.14 -31.84 -8.12
C SER F 225 -30.85 -33.10 -8.63
N GLY F 226 -30.22 -34.26 -8.47
CA GLY F 226 -30.78 -35.50 -8.97
C GLY F 226 -29.74 -36.31 -9.73
N GLU F 227 -30.16 -36.94 -10.83
CA GLU F 227 -29.24 -37.73 -11.65
C GLU F 227 -28.52 -36.78 -12.62
N SER F 228 -27.50 -36.11 -12.09
CA SER F 228 -26.72 -35.16 -12.87
C SER F 228 -25.27 -35.20 -12.38
N MET F 229 -24.34 -35.12 -13.34
CA MET F 229 -22.91 -35.12 -13.04
C MET F 229 -22.32 -33.80 -13.51
N TYR F 230 -21.57 -33.15 -12.62
CA TYR F 230 -20.88 -31.91 -12.98
C TYR F 230 -19.38 -32.06 -12.76
N ALA F 231 -18.61 -31.45 -13.66
CA ALA F 231 -17.15 -31.46 -13.59
C ALA F 231 -16.65 -30.03 -13.72
N TRP F 232 -15.93 -29.56 -12.71
CA TRP F 232 -15.43 -28.19 -12.70
C TRP F 232 -14.39 -28.01 -13.81
N ALA F 233 -14.73 -27.21 -14.80
CA ALA F 233 -13.83 -26.91 -15.91
C ALA F 233 -12.91 -25.75 -15.54
N PRO F 234 -11.69 -25.69 -16.10
CA PRO F 234 -10.74 -24.62 -15.72
C PRO F 234 -10.95 -23.32 -16.50
N LEU F 235 -12.06 -22.66 -16.23
CA LEU F 235 -12.32 -21.35 -16.81
C LEU F 235 -13.35 -20.62 -15.96
N VAL F 236 -13.45 -19.32 -16.16
CA VAL F 236 -14.49 -18.49 -15.57
C VAL F 236 -15.20 -17.77 -16.71
N SER F 237 -16.51 -17.96 -16.82
CA SER F 237 -17.29 -17.46 -17.96
C SER F 237 -18.22 -16.34 -17.51
N VAL F 238 -17.96 -15.12 -17.98
CA VAL F 238 -18.86 -13.98 -17.76
C VAL F 238 -19.67 -13.79 -19.02
N ALA F 239 -19.63 -14.79 -19.89
CA ALA F 239 -20.22 -14.68 -21.21
C ALA F 239 -21.75 -14.64 -21.13
N PRO F 240 -22.40 -13.95 -22.06
CA PRO F 240 -23.86 -13.90 -22.06
C PRO F 240 -24.49 -15.28 -22.23
N THR F 241 -25.66 -15.44 -21.60
CA THR F 241 -26.40 -16.70 -21.63
C THR F 241 -27.82 -16.45 -22.13
N PRO F 242 -27.99 -16.22 -23.43
CA PRO F 242 -29.34 -15.93 -23.94
C PRO F 242 -30.30 -17.10 -23.88
N VAL F 243 -29.80 -18.33 -23.95
CA VAL F 243 -30.65 -19.53 -23.95
C VAL F 243 -30.35 -20.34 -22.69
N ARG F 244 -31.36 -20.51 -21.85
CA ARG F 244 -31.29 -21.35 -20.67
C ARG F 244 -32.47 -22.31 -20.67
N GLU F 245 -32.29 -23.44 -19.96
CA GLU F 245 -33.33 -24.44 -19.85
C GLU F 245 -33.42 -24.90 -18.39
N ARG F 246 -34.64 -25.16 -17.94
CA ARG F 246 -34.84 -25.65 -16.58
C ARG F 246 -34.31 -27.07 -16.45
N ILE F 247 -33.62 -27.34 -15.33
CA ILE F 247 -32.99 -28.64 -15.13
C ILE F 247 -34.03 -29.75 -15.05
N CYS F 248 -35.24 -29.42 -14.56
CA CYS F 248 -36.27 -30.44 -14.39
C CYS F 248 -36.80 -30.93 -15.73
N ASP F 249 -36.79 -30.09 -16.76
CA ASP F 249 -37.28 -30.45 -18.08
C ASP F 249 -36.17 -30.83 -19.05
N ALA F 250 -34.92 -30.79 -18.60
CA ALA F 250 -33.80 -31.02 -19.51
C ALA F 250 -33.79 -32.47 -19.98
N PRO F 251 -33.48 -32.72 -21.25
CA PRO F 251 -33.43 -34.09 -21.75
C PRO F 251 -32.18 -34.82 -21.29
N VAL F 252 -32.19 -36.14 -21.47
CA VAL F 252 -31.03 -36.96 -21.15
C VAL F 252 -29.93 -36.67 -22.18
N GLY F 253 -28.70 -36.53 -21.69
CA GLY F 253 -27.60 -36.14 -22.53
C GLY F 253 -27.40 -34.64 -22.64
N ARG F 254 -28.23 -33.84 -21.97
CA ARG F 254 -28.09 -32.39 -22.01
C ARG F 254 -26.76 -31.97 -21.39
N LEU F 255 -26.07 -31.07 -22.09
CA LEU F 255 -24.82 -30.50 -21.59
C LEU F 255 -25.07 -29.05 -21.20
N ARG F 256 -24.88 -28.74 -19.92
CA ARG F 256 -25.06 -27.41 -19.40
C ARG F 256 -23.79 -26.92 -18.72
N PHE F 257 -23.53 -25.63 -18.84
CA PHE F 257 -22.39 -24.98 -18.20
C PHE F 257 -22.94 -23.92 -17.26
N SER F 258 -22.80 -24.16 -15.95
CA SER F 258 -23.30 -23.26 -14.92
C SER F 258 -22.14 -22.42 -14.41
N GLN F 259 -21.99 -21.21 -14.93
CA GLN F 259 -20.92 -20.33 -14.49
C GLN F 259 -21.09 -19.90 -13.05
N ALA F 260 -22.34 -19.84 -12.57
CA ALA F 260 -22.61 -19.34 -11.22
C ALA F 260 -22.30 -20.38 -10.16
N THR F 261 -22.51 -21.66 -10.44
CA THR F 261 -22.31 -22.72 -9.46
C THR F 261 -20.93 -23.37 -9.56
N GLY F 262 -19.99 -22.75 -10.28
CA GLY F 262 -18.63 -23.24 -10.29
C GLY F 262 -18.00 -23.38 -11.66
N ASN F 263 -18.67 -22.88 -12.70
CA ASN F 263 -18.20 -22.99 -14.08
C ASN F 263 -17.92 -24.44 -14.44
N LYS F 264 -18.91 -25.30 -14.21
CA LYS F 264 -18.76 -26.74 -14.34
C LYS F 264 -19.49 -27.24 -15.58
N VAL F 265 -18.86 -28.16 -16.30
CA VAL F 265 -19.55 -28.90 -17.35
C VAL F 265 -20.48 -29.92 -16.71
N ILE F 266 -21.75 -29.91 -17.11
CA ILE F 266 -22.78 -30.71 -16.48
C ILE F 266 -23.38 -31.65 -17.53
N VAL F 267 -23.47 -32.93 -17.19
CA VAL F 267 -24.08 -33.94 -18.04
C VAL F 267 -25.26 -34.54 -17.28
N GLN F 268 -26.41 -34.64 -17.94
CA GLN F 268 -27.62 -35.19 -17.33
C GLN F 268 -27.94 -36.52 -18.00
N TYR F 269 -27.77 -37.60 -17.25
CA TYR F 269 -28.09 -38.95 -17.72
C TYR F 269 -29.44 -39.44 -17.22
N GLY F 270 -30.12 -38.67 -16.38
CA GLY F 270 -31.40 -39.07 -15.84
C GLY F 270 -32.24 -37.89 -15.39
N PRO F 271 -33.36 -38.18 -14.73
CA PRO F 271 -34.25 -37.09 -14.28
C PRO F 271 -33.61 -36.25 -13.19
N THR F 272 -33.98 -34.98 -13.16
CA THR F 272 -33.49 -34.03 -12.18
C THR F 272 -34.66 -33.33 -11.51
N THR F 273 -34.60 -33.21 -10.19
CA THR F 273 -35.67 -32.57 -9.42
C THR F 273 -35.57 -31.05 -9.44
N GLU F 274 -34.40 -30.50 -9.72
CA GLU F 274 -34.17 -29.07 -9.55
C GLU F 274 -35.02 -28.25 -10.51
N THR F 275 -35.64 -27.20 -9.98
CA THR F 275 -36.51 -26.33 -10.75
C THR F 275 -35.77 -25.16 -11.40
N LEU F 276 -34.50 -24.98 -11.10
CA LEU F 276 -33.77 -23.81 -11.58
C LEU F 276 -33.47 -23.92 -13.08
N SER F 277 -33.13 -22.78 -13.67
CA SER F 277 -32.80 -22.67 -15.08
C SER F 277 -31.32 -22.42 -15.24
N SER F 278 -30.68 -23.15 -16.14
CA SER F 278 -29.24 -23.11 -16.34
C SER F 278 -28.91 -22.94 -17.82
N PRO F 279 -27.79 -22.28 -18.13
CA PRO F 279 -27.39 -22.13 -19.52
C PRO F 279 -27.08 -23.49 -20.16
N VAL F 280 -27.50 -23.65 -21.41
CA VAL F 280 -27.37 -24.92 -22.13
C VAL F 280 -26.18 -24.82 -23.07
N LEU F 281 -25.22 -25.74 -22.90
CA LEU F 281 -24.06 -25.80 -23.77
C LEU F 281 -24.30 -26.69 -24.99
N GLY F 282 -24.91 -27.84 -24.80
CA GLY F 282 -25.18 -28.72 -25.92
C GLY F 282 -25.88 -29.99 -25.46
N LYS F 283 -25.79 -31.02 -26.28
CA LYS F 283 -26.41 -32.30 -25.98
C LYS F 283 -25.55 -33.43 -26.50
N VAL F 284 -25.42 -34.49 -25.70
CA VAL F 284 -24.75 -35.70 -26.14
C VAL F 284 -25.59 -36.36 -27.25
N VAL F 285 -24.91 -36.89 -28.26
CA VAL F 285 -25.63 -37.49 -29.39
C VAL F 285 -26.47 -38.67 -28.88
N ASP F 286 -27.55 -38.95 -29.61
CA ASP F 286 -28.53 -39.93 -29.14
C ASP F 286 -27.95 -41.34 -29.12
N SER F 287 -27.09 -41.65 -30.10
CA SER F 287 -26.54 -43.00 -30.19
C SER F 287 -25.65 -43.33 -29.00
N HIS F 288 -24.96 -42.35 -28.44
CA HIS F 288 -24.06 -42.55 -27.32
C HIS F 288 -24.72 -42.27 -25.98
N ALA F 289 -26.04 -42.07 -25.95
CA ALA F 289 -26.71 -41.72 -24.70
C ALA F 289 -26.87 -42.91 -23.78
N ASP F 290 -27.00 -44.11 -24.35
CA ASP F 290 -27.18 -45.31 -23.53
C ASP F 290 -25.96 -45.57 -22.64
N ARG F 291 -24.77 -45.16 -23.09
CA ARG F 291 -23.57 -45.36 -22.30
C ARG F 291 -23.50 -44.46 -21.07
N LEU F 292 -24.27 -43.38 -21.05
CA LEU F 292 -24.16 -42.40 -19.98
C LEU F 292 -24.65 -42.94 -18.64
N ALA F 293 -25.61 -43.87 -18.66
CA ALA F 293 -26.19 -44.37 -17.42
C ALA F 293 -25.16 -45.08 -16.57
N GLU F 294 -24.30 -45.90 -17.20
CA GLU F 294 -23.25 -46.59 -16.46
C GLU F 294 -22.27 -45.59 -15.85
N VAL F 295 -21.89 -44.57 -16.61
CA VAL F 295 -20.96 -43.56 -16.11
C VAL F 295 -21.57 -42.84 -14.92
N GLY F 296 -22.86 -42.51 -15.00
CA GLY F 296 -23.50 -41.75 -13.93
C GLY F 296 -23.47 -42.48 -12.60
N LYS F 297 -23.75 -43.78 -12.62
CA LYS F 297 -23.71 -44.56 -11.38
C LYS F 297 -22.31 -44.63 -10.80
N ALA F 298 -21.30 -44.76 -11.66
CA ALA F 298 -19.93 -44.80 -11.19
C ALA F 298 -19.51 -43.44 -10.62
N VAL F 299 -19.96 -42.35 -11.23
CA VAL F 299 -19.67 -41.02 -10.71
C VAL F 299 -20.35 -40.82 -9.37
N TRP F 300 -21.58 -41.32 -9.22
CA TRP F 300 -22.27 -41.23 -7.93
C TRP F 300 -21.49 -41.98 -6.86
N GLU F 301 -21.02 -43.19 -7.18
CA GLU F 301 -20.27 -43.98 -6.20
C GLU F 301 -18.98 -43.27 -5.79
N SER F 302 -18.34 -42.59 -6.74
CA SER F 302 -17.12 -41.85 -6.42
C SER F 302 -17.44 -40.68 -5.49
N THR F 303 -18.47 -39.90 -5.83
CA THR F 303 -18.84 -38.77 -4.99
C THR F 303 -19.44 -39.24 -3.66
N PHE F 304 -20.27 -40.28 -3.69
CA PHE F 304 -21.02 -40.67 -2.49
C PHE F 304 -20.19 -41.57 -1.57
N SER F 305 -19.48 -42.55 -2.12
CA SER F 305 -18.88 -43.58 -1.28
C SER F 305 -17.41 -43.84 -1.57
N SER F 306 -17.10 -44.37 -2.75
CA SER F 306 -15.77 -44.92 -3.01
C SER F 306 -14.68 -43.86 -2.92
N LYS F 307 -14.98 -42.63 -3.34
CA LYS F 307 -13.98 -41.55 -3.39
C LYS F 307 -12.78 -41.93 -4.25
N GLU F 308 -13.00 -42.81 -5.23
CA GLU F 308 -11.95 -43.20 -6.17
C GLU F 308 -12.04 -42.31 -7.42
N PRO F 309 -10.92 -41.71 -7.83
CA PRO F 309 -10.99 -40.64 -8.84
C PRO F 309 -11.55 -41.12 -10.17
N VAL F 310 -12.45 -40.31 -10.73
CA VAL F 310 -12.95 -40.49 -12.09
C VAL F 310 -12.72 -39.17 -12.81
N TRP F 311 -11.95 -39.22 -13.90
CA TRP F 311 -11.53 -38.01 -14.60
C TRP F 311 -12.29 -37.88 -15.92
N LEU F 312 -12.83 -36.69 -16.17
CA LEU F 312 -13.50 -36.37 -17.42
C LEU F 312 -12.55 -35.59 -18.32
N THR F 313 -12.37 -36.07 -19.54
CA THR F 313 -11.52 -35.42 -20.54
C THR F 313 -12.38 -35.03 -21.72
N VAL F 314 -12.43 -33.73 -22.03
CA VAL F 314 -13.23 -33.20 -23.13
C VAL F 314 -12.29 -32.67 -24.19
N GLU F 315 -12.53 -33.06 -25.44
CA GLU F 315 -11.65 -32.71 -26.55
C GLU F 315 -12.50 -32.42 -27.79
N ARG F 316 -11.91 -31.66 -28.71
CA ARG F 316 -12.57 -31.35 -29.97
C ARG F 316 -12.40 -32.50 -30.96
N LEU F 317 -13.43 -32.71 -31.77
CA LEU F 317 -13.40 -33.76 -32.79
C LEU F 317 -13.43 -33.17 -34.20
C01 A1L46 G . 28.57 -4.19 -9.29
C02 A1L46 G . 29.24 -2.98 -9.51
C03 A1L46 G . 29.57 -2.59 -10.80
C04 A1L46 G . 29.24 -3.42 -11.87
C05 A1L46 G . 28.58 -4.60 -11.67
C06 A1L46 G . 28.25 -5.00 -10.37
C07 A1L46 G . 28.94 -4.33 -13.86
C08 A1L46 G . 28.40 -5.19 -12.96
C09 A1L46 G . 28.92 -4.67 -15.35
C10 A1L46 G . 27.62 -6.78 -14.81
C11 A1L46 G . 27.75 -6.48 -13.34
C12 A1L46 G . 26.20 -7.34 -15.06
C13 A1L46 G . 30.27 -5.27 -15.62
C14 A1L46 G . 28.76 -3.41 -16.21
C15 A1L46 G . 28.54 -3.82 -17.68
C16 A1L46 G . 28.85 -2.72 -18.67
N01 A1L46 G . 29.44 -3.27 -13.19
N02 A1L46 G . 27.81 -5.64 -15.74
O01 A1L46 G . 26.02 -8.22 -15.93
O02 A1L46 G . 25.24 -6.89 -14.39
O03 A1L46 G . 31.14 -4.62 -16.24
O04 A1L46 G . 30.53 -6.43 -15.19
O05 A1L46 G . 27.99 -2.39 -19.53
O06 A1L46 G . 29.98 -2.15 -18.67
C01 A1L46 H . 29.39 -14.33 3.95
C02 A1L46 H . 30.46 -14.43 4.84
C03 A1L46 H . 30.29 -14.94 6.11
C04 A1L46 H . 29.01 -15.35 6.52
C05 A1L46 H . 27.94 -15.25 5.66
C06 A1L46 H . 28.14 -14.73 4.36
C07 A1L46 H . 27.25 -16.10 7.60
C08 A1L46 H . 26.82 -15.73 6.36
C09 A1L46 H . 26.24 -16.67 8.62
C10 A1L46 H . 24.50 -16.75 6.71
C11 A1L46 H . 25.40 -15.86 5.90
C12 A1L46 H . 24.01 -17.88 5.80
C13 A1L46 H . 25.74 -15.53 9.43
C14 A1L46 H . 26.92 -17.62 9.61
C15 A1L46 H . 25.89 -18.52 10.28
C16 A1L46 H . 25.77 -18.30 11.78
N01 A1L46 H . 28.56 -15.86 7.67
N02 A1L46 H . 25.09 -17.39 7.93
O01 A1L46 H . 22.78 -18.07 5.60
O02 A1L46 H . 24.84 -18.65 5.26
O03 A1L46 H . 26.50 -14.96 10.27
O04 A1L46 H . 24.56 -15.12 9.29
O05 A1L46 H . 26.48 -17.42 12.32
O06 A1L46 H . 24.98 -19.00 12.46
C01 A1L46 I . -5.02 26.24 8.69
C02 A1L46 I . -4.04 26.94 9.38
C03 A1L46 I . -4.15 27.10 10.75
C04 A1L46 I . -5.24 26.54 11.44
C05 A1L46 I . -6.20 25.85 10.75
C06 A1L46 I . -6.10 25.69 9.37
C07 A1L46 I . -6.71 25.86 12.93
C08 A1L46 I . -7.15 25.41 11.71
C09 A1L46 I . -7.54 25.58 14.21
C10 A1L46 I . -9.30 24.51 12.74
C11 A1L46 I . -8.40 24.61 11.53
C12 A1L46 I . -10.12 23.21 12.63
C13 A1L46 I . -8.20 26.88 14.52
C14 A1L46 I . -6.65 25.20 15.40
C15 A1L46 I . -7.47 25.14 16.70
C16 A1L46 I . -7.62 23.72 17.26
N01 A1L46 I . -5.57 26.54 12.74
N02 A1L46 I . -8.58 24.48 14.04
O01 A1L46 I . -9.59 22.10 12.88
O02 A1L46 I . -11.33 23.26 12.26
O03 A1L46 I . -7.52 27.81 15.05
O04 A1L46 I . -9.40 27.08 14.23
O05 A1L46 I . -8.74 23.16 17.29
O06 A1L46 I . -6.60 23.11 17.68
C01 A1L46 J . -10.46 33.16 -6.82
C02 A1L46 J . -10.18 34.35 -7.49
C03 A1L46 J . -10.25 34.41 -8.87
C04 A1L46 J . -10.61 33.26 -9.60
C05 A1L46 J . -10.87 32.08 -8.94
C06 A1L46 J . -10.81 32.03 -7.54
C07 A1L46 J . -11.10 31.78 -11.15
C08 A1L46 J . -11.19 31.13 -9.95
C09 A1L46 J . -11.37 30.97 -12.44
C10 A1L46 J . -12.37 29.11 -10.97
C11 A1L46 J . -11.56 29.70 -9.84
C12 A1L46 J . -13.83 28.96 -10.48
C13 A1L46 J . -10.05 30.39 -12.81
C14 A1L46 J . -11.84 31.87 -13.59
C15 A1L46 J . -11.56 31.18 -14.93
C16 A1L46 J . -12.64 31.39 -15.99
N01 A1L46 J . -10.74 33.05 -10.92
N02 A1L46 J . -12.39 29.85 -12.26
O01 A1L46 J . -14.57 28.07 -10.98
O02 A1L46 J . -14.28 29.73 -9.59
O03 A1L46 J . -9.07 31.16 -12.96
O04 A1L46 J . -9.91 29.15 -12.97
O05 A1L46 J . -12.56 32.38 -16.76
O06 A1L46 J . -13.60 30.59 -16.09
#